data_5DNA
#
_entry.id   5DNA
#
_cell.length_a   53.711
_cell.length_b   68.514
_cell.length_c   109.458
_cell.angle_alpha   78.11
_cell.angle_beta   89.66
_cell.angle_gamma   81.24
#
_symmetry.space_group_name_H-M   'P 1'
#
loop_
_entity.id
_entity.type
_entity.pdbx_description
1 polymer 'FORMATE DEHYDROGENASE'
2 non-polymer 'SULFATE ION'
3 water water
#
_entity_poly.entity_id   1
_entity_poly.type   'polypeptide(L)'
_entity_poly.pdbx_seq_one_letter_code
;MKIVLVLYDAGKHAADEEKLYGCTENKLGIANWLKDQGHELITTSDKEGGNSVLDQHIPDADIIITTPFHPAYITKERID
KAKKLKLVVVAGVGSDHIDLDYINQTGKKISVLEVTGSNVVSVAEHVLMTMLVLVRNFVPAHEQIINHDWEVAAIAKDAY
DIEGKTIATIGAGRIGYRVLERLVPFNPKELLYYDYQALPKDAEEKVGARRVENIEELVAQADIVTINAPLHAGTKGLIN
KELLSKFKKGAWLVNTARGAICVAEDVAAALESGQLRGYGGDVWFPQPAPKDHPWRDMRNKYGAGNAMTPHYSGTTLDAQ
TRYAEGTKNILESFFTGKFDYRPQDIILLNGEYITKAYGKHDKK
;
_entity_poly.pdbx_strand_id   A,B,C,D
#
loop_
_chem_comp.id
_chem_comp.type
_chem_comp.name
_chem_comp.formula
SO4 non-polymer 'SULFATE ION' 'O4 S -2'
#
# COMPACT_ATOMS: atom_id res chain seq x y z
N MET A 1 -3.75 21.66 13.83
CA MET A 1 -2.32 21.49 14.19
C MET A 1 -1.58 20.59 13.21
N LYS A 2 -0.26 20.62 13.30
CA LYS A 2 0.61 19.80 12.47
C LYS A 2 1.14 18.64 13.29
N ILE A 3 0.94 17.44 12.75
CA ILE A 3 1.41 16.19 13.35
C ILE A 3 2.45 15.56 12.43
N VAL A 4 3.63 15.24 12.98
CA VAL A 4 4.66 14.53 12.23
C VAL A 4 4.72 13.10 12.77
N LEU A 5 4.44 12.15 11.88
CA LEU A 5 4.36 10.74 12.21
C LEU A 5 5.53 10.00 11.55
N VAL A 6 6.45 9.45 12.36
CA VAL A 6 7.62 8.77 11.80
C VAL A 6 7.50 7.27 12.02
N LEU A 7 7.37 6.54 10.92
CA LEU A 7 7.21 5.09 10.92
C LEU A 7 8.10 4.50 9.82
N TYR A 8 8.30 3.19 9.80
CA TYR A 8 9.05 2.58 8.70
C TYR A 8 8.14 2.45 7.48
N ASP A 9 8.72 2.37 6.29
CA ASP A 9 7.97 2.05 5.06
C ASP A 9 7.85 0.53 4.92
N ALA A 10 6.63 0.02 4.86
CA ALA A 10 6.41 -1.42 4.67
C ALA A 10 6.39 -1.86 3.19
N GLY A 11 6.34 -0.91 2.27
CA GLY A 11 6.34 -1.27 0.87
C GLY A 11 5.18 -2.18 0.51
N LYS A 12 5.46 -3.23 -0.26
CA LYS A 12 4.41 -4.14 -0.73
C LYS A 12 3.68 -4.77 0.41
N HIS A 13 4.36 -4.88 1.56
CA HIS A 13 3.82 -5.62 2.68
C HIS A 13 2.61 -4.93 3.27
N ALA A 14 2.55 -3.61 3.12
CA ALA A 14 1.46 -2.82 3.65
C ALA A 14 0.17 -3.12 2.91
N ALA A 15 0.30 -3.40 1.61
CA ALA A 15 -0.83 -3.70 0.74
C ALA A 15 -1.36 -5.10 1.01
N ASP A 16 -0.43 -6.01 1.34
CA ASP A 16 -0.77 -7.37 1.71
C ASP A 16 -1.63 -7.43 2.96
N GLU A 17 -1.43 -6.50 3.88
CA GLU A 17 -2.09 -6.59 5.17
C GLU A 17 -2.56 -5.26 5.70
N GLU A 18 -3.87 -5.03 5.62
CA GLU A 18 -4.39 -3.75 6.02
C GLU A 18 -4.28 -3.55 7.53
N LYS A 19 -4.07 -4.61 8.29
CA LYS A 19 -3.94 -4.49 9.76
C LYS A 19 -2.50 -4.13 10.21
N LEU A 20 -1.60 -3.98 9.24
CA LEU A 20 -0.25 -3.55 9.53
C LEU A 20 -0.25 -2.03 9.71
N TYR A 21 -0.75 -1.56 10.85
CA TYR A 21 -1.05 -0.13 10.99
C TYR A 21 0.21 0.69 11.18
N GLY A 22 1.26 0.07 11.71
CA GLY A 22 2.44 0.82 12.12
C GLY A 22 3.47 1.12 11.04
N CYS A 23 3.01 1.49 9.85
CA CYS A 23 3.89 1.80 8.75
C CYS A 23 3.40 3.07 8.06
N THR A 24 4.26 3.70 7.24
CA THR A 24 3.92 4.99 6.66
C THR A 24 2.73 4.85 5.69
N GLU A 25 2.56 3.67 5.10
CA GLU A 25 1.49 3.48 4.14
C GLU A 25 0.13 3.48 4.83
N ASN A 26 0.07 2.95 6.05
CA ASN A 26 -1.21 2.76 6.70
C ASN A 26 -1.48 3.75 7.85
N LYS A 27 -0.45 4.43 8.31
CA LYS A 27 -0.60 5.64 9.16
C LYS A 27 -1.39 5.43 10.45
N LEU A 28 -1.22 4.28 11.09
CA LEU A 28 -1.89 3.99 12.37
C LEU A 28 -3.42 4.05 12.31
N GLY A 29 -3.96 4.07 11.09
CA GLY A 29 -5.41 4.13 10.89
C GLY A 29 -6.02 5.47 11.26
N ILE A 30 -5.21 6.49 11.44
CA ILE A 30 -5.71 7.78 11.95
C ILE A 30 -5.69 8.89 10.90
N ALA A 31 -5.25 8.60 9.68
CA ALA A 31 -5.06 9.68 8.70
C ALA A 31 -6.39 10.43 8.41
N ASN A 32 -7.46 9.70 8.13
CA ASN A 32 -8.72 10.36 7.84
C ASN A 32 -9.32 11.00 9.08
N TRP A 33 -9.14 10.38 10.24
CA TRP A 33 -9.63 10.95 11.49
C TRP A 33 -9.01 12.31 11.76
N LEU A 34 -7.71 12.44 11.45
CA LEU A 34 -7.00 13.69 11.65
C LEU A 34 -7.47 14.73 10.61
N LYS A 35 -7.57 14.30 9.37
CA LYS A 35 -8.07 15.15 8.28
C LYS A 35 -9.48 15.69 8.60
N ASP A 36 -10.36 14.85 9.13
CA ASP A 36 -11.73 15.27 9.39
C ASP A 36 -11.79 16.33 10.48
N GLN A 37 -10.74 16.40 11.29
CA GLN A 37 -10.64 17.36 12.38
C GLN A 37 -9.85 18.60 11.99
N GLY A 38 -9.38 18.63 10.76
CA GLY A 38 -8.72 19.81 10.23
C GLY A 38 -7.24 19.87 10.55
N HIS A 39 -6.66 18.75 10.93
CA HIS A 39 -5.25 18.68 11.23
C HIS A 39 -4.45 18.25 10.01
N GLU A 40 -3.19 18.68 9.99
CA GLU A 40 -2.22 18.35 8.95
C GLU A 40 -1.26 17.23 9.40
N LEU A 41 -1.31 16.09 8.73
CA LEU A 41 -0.45 14.95 9.03
C LEU A 41 0.67 14.80 8.00
N ILE A 42 1.90 14.88 8.47
CA ILE A 42 3.10 14.57 7.70
C ILE A 42 3.54 13.16 8.12
N THR A 43 3.64 12.25 7.16
CA THR A 43 4.03 10.87 7.47
C THR A 43 5.29 10.54 6.70
N THR A 44 6.31 10.08 7.41
CA THR A 44 7.58 9.81 6.77
C THR A 44 8.44 8.80 7.51
N SER A 45 9.30 8.14 6.73
CA SER A 45 10.33 7.27 7.28
C SER A 45 11.69 7.97 7.27
N ASP A 46 11.72 9.14 6.65
CA ASP A 46 12.97 9.87 6.43
C ASP A 46 13.33 10.68 7.67
N LYS A 47 14.19 10.11 8.50
CA LYS A 47 14.36 10.61 9.86
C LYS A 47 15.82 10.90 10.19
N GLU A 48 16.74 10.61 9.25
CA GLU A 48 18.18 10.82 9.50
C GLU A 48 18.78 11.86 8.58
N GLY A 49 19.57 12.75 9.16
CA GLY A 49 20.29 13.74 8.36
C GLY A 49 19.56 15.06 8.31
N GLY A 50 20.32 16.13 8.20
CA GLY A 50 19.78 17.48 8.34
C GLY A 50 18.72 17.89 7.34
N ASN A 51 18.75 17.36 6.13
CA ASN A 51 17.72 17.72 5.17
C ASN A 51 16.57 16.70 5.18
N SER A 52 16.50 15.85 6.22
CA SER A 52 15.43 14.86 6.27
C SER A 52 14.06 15.53 6.34
N VAL A 53 13.03 14.81 5.89
CA VAL A 53 11.68 15.26 6.01
C VAL A 53 11.33 15.56 7.47
N LEU A 54 11.80 14.71 8.38
CA LEU A 54 11.55 14.98 9.80
C LEU A 54 12.04 16.38 10.18
N ASP A 55 13.29 16.68 9.85
CA ASP A 55 13.88 17.97 10.27
C ASP A 55 13.25 19.14 9.52
N GLN A 56 12.67 18.87 8.34
CA GLN A 56 11.99 19.94 7.62
C GLN A 56 10.78 20.44 8.37
N HIS A 57 10.10 19.53 9.06
CA HIS A 57 8.83 19.83 9.68
C HIS A 57 8.92 20.02 11.19
N ILE A 58 10.09 19.73 11.77
CA ILE A 58 10.24 19.87 13.22
C ILE A 58 9.92 21.29 13.72
N PRO A 59 10.33 22.34 12.97
CA PRO A 59 10.19 23.68 13.55
C PRO A 59 8.74 24.12 13.81
N ASP A 60 7.75 23.59 13.09
CA ASP A 60 6.35 23.92 13.45
C ASP A 60 5.46 22.71 13.70
N ALA A 61 6.06 21.57 14.05
CA ALA A 61 5.29 20.41 14.49
C ALA A 61 4.69 20.66 15.87
N ASP A 62 3.37 20.52 16.02
CA ASP A 62 2.76 20.56 17.34
C ASP A 62 2.94 19.23 18.10
N ILE A 63 2.91 18.15 17.34
CA ILE A 63 2.87 16.80 17.86
C ILE A 63 3.83 15.97 17.01
N ILE A 64 4.66 15.17 17.67
CA ILE A 64 5.47 14.19 16.95
C ILE A 64 5.12 12.80 17.49
N ILE A 65 4.82 11.87 16.58
CA ILE A 65 4.54 10.48 16.91
C ILE A 65 5.66 9.58 16.40
N THR A 66 6.11 8.68 17.26
CA THR A 66 7.27 7.86 16.99
C THR A 66 6.98 6.39 17.27
N THR A 67 7.86 5.51 16.81
CA THR A 67 7.76 4.09 17.12
C THR A 67 9.14 3.50 17.44
N PRO A 68 9.20 2.58 18.43
CA PRO A 68 10.48 1.93 18.70
C PRO A 68 11.02 1.10 17.53
N PHE A 69 10.16 0.72 16.60
CA PHE A 69 10.58 -0.12 15.49
C PHE A 69 11.16 0.67 14.33
N HIS A 70 11.15 2.00 14.45
CA HIS A 70 11.90 2.87 13.52
C HIS A 70 12.04 4.25 14.15
N PRO A 71 12.91 4.37 15.18
CA PRO A 71 12.81 5.47 16.15
C PRO A 71 13.34 6.79 15.67
N ALA A 72 12.49 7.80 15.69
CA ALA A 72 12.93 9.16 15.42
C ALA A 72 13.64 9.67 16.67
N TYR A 73 14.90 10.06 16.55
CA TYR A 73 15.64 10.52 17.73
C TYR A 73 15.29 11.96 18.06
N ILE A 74 14.52 12.10 19.13
CA ILE A 74 14.05 13.39 19.57
C ILE A 74 15.12 13.87 20.54
N THR A 75 16.20 14.33 19.94
CA THR A 75 17.38 14.87 20.63
C THR A 75 17.20 16.27 21.18
N LYS A 76 18.11 16.67 22.06
CA LYS A 76 18.16 18.03 22.55
C LYS A 76 18.14 19.05 21.42
N GLU A 77 18.95 18.82 20.40
CA GLU A 77 19.07 19.73 19.29
C GLU A 77 17.75 19.91 18.54
N ARG A 78 17.03 18.81 18.37
CA ARG A 78 15.77 18.81 17.67
C ARG A 78 14.70 19.47 18.53
N ILE A 79 14.75 19.17 19.82
CA ILE A 79 13.81 19.76 20.75
C ILE A 79 13.95 21.28 20.77
N ASP A 80 15.18 21.78 20.77
CA ASP A 80 15.42 23.22 20.73
C ASP A 80 14.86 23.87 19.46
N LYS A 81 14.91 23.15 18.33
CA LYS A 81 14.39 23.70 17.08
C LYS A 81 12.87 23.56 16.95
N ALA A 82 12.28 22.67 17.73
CA ALA A 82 10.85 22.39 17.70
C ALA A 82 10.05 23.42 18.49
N LYS A 83 9.83 24.58 17.87
CA LYS A 83 9.34 25.72 18.61
C LYS A 83 7.88 25.60 19.02
N LYS A 84 7.11 24.72 18.36
CA LYS A 84 5.68 24.56 18.65
C LYS A 84 5.36 23.20 19.29
N LEU A 85 6.40 22.41 19.55
CA LEU A 85 6.18 21.06 20.06
C LEU A 85 5.52 21.06 21.45
N LYS A 86 4.42 20.32 21.57
CA LYS A 86 3.68 20.21 22.82
C LYS A 86 3.57 18.78 23.32
N LEU A 87 3.67 17.85 22.39
CA LEU A 87 3.37 16.44 22.67
C LEU A 87 4.21 15.52 21.81
N VAL A 88 4.85 14.55 22.47
CA VAL A 88 5.59 13.47 21.82
C VAL A 88 4.92 12.16 22.25
N VAL A 89 4.52 11.37 21.28
CA VAL A 89 3.86 10.08 21.53
C VAL A 89 4.75 8.95 21.03
N VAL A 90 4.76 7.85 21.78
CA VAL A 90 5.34 6.60 21.29
C VAL A 90 4.15 5.65 20.99
N ALA A 91 4.00 5.29 19.72
CA ALA A 91 2.98 4.38 19.26
C ALA A 91 3.49 3.00 19.48
N GLY A 92 3.52 2.66 20.77
CA GLY A 92 4.22 1.51 21.29
C GLY A 92 4.71 1.83 22.67
N VAL A 93 5.77 1.14 23.08
CA VAL A 93 6.39 1.28 24.39
C VAL A 93 7.89 1.24 24.24
N GLY A 94 8.56 2.23 24.83
CA GLY A 94 10.01 2.35 24.76
C GLY A 94 10.32 3.78 24.39
N SER A 95 11.08 4.47 25.24
CA SER A 95 11.26 5.91 25.03
C SER A 95 12.72 6.34 24.99
N ASP A 96 13.62 5.40 24.76
CA ASP A 96 15.05 5.73 24.84
C ASP A 96 15.47 6.69 23.75
N HIS A 97 14.71 6.72 22.66
CA HIS A 97 15.02 7.60 21.55
C HIS A 97 14.61 9.06 21.82
N ILE A 98 13.97 9.32 22.96
CA ILE A 98 13.54 10.66 23.36
C ILE A 98 14.39 11.17 24.52
N ASP A 99 14.88 12.41 24.43
CA ASP A 99 15.72 12.92 25.51
C ASP A 99 14.85 13.46 26.64
N LEU A 100 14.36 12.54 27.45
CA LEU A 100 13.51 12.86 28.59
C LEU A 100 14.24 13.71 29.61
N ASP A 101 15.52 13.39 29.83
CA ASP A 101 16.33 14.14 30.80
C ASP A 101 16.32 15.60 30.41
N TYR A 102 16.55 15.88 29.14
CA TYR A 102 16.65 17.30 28.74
C TYR A 102 15.31 18.03 28.90
N ILE A 103 14.21 17.38 28.51
CA ILE A 103 12.90 17.98 28.70
C ILE A 103 12.64 18.28 30.18
N ASN A 104 12.85 17.29 31.03
CA ASN A 104 12.52 17.44 32.43
C ASN A 104 13.42 18.44 33.12
N GLN A 105 14.70 18.46 32.74
CA GLN A 105 15.68 19.30 33.47
C GLN A 105 15.55 20.76 33.04
N THR A 106 15.20 21.00 31.79
CA THR A 106 14.94 22.37 31.34
C THR A 106 13.62 22.89 31.88
N GLY A 107 12.63 22.00 31.97
CA GLY A 107 11.28 22.35 32.33
C GLY A 107 10.43 22.76 31.13
N LYS A 108 10.87 22.44 29.93
CA LYS A 108 10.03 22.63 28.75
C LYS A 108 8.66 21.96 28.94
N LYS A 109 7.59 22.67 28.59
CA LYS A 109 6.24 22.15 28.72
C LYS A 109 5.89 21.23 27.56
N ILE A 110 6.49 20.05 27.59
CA ILE A 110 6.27 19.03 26.55
C ILE A 110 5.84 17.77 27.25
N SER A 111 4.67 17.25 26.85
CA SER A 111 4.22 15.96 27.35
C SER A 111 4.78 14.83 26.46
N VAL A 112 5.09 13.72 27.09
CA VAL A 112 5.56 12.53 26.43
C VAL A 112 4.75 11.36 26.95
N LEU A 113 4.08 10.68 26.03
CA LEU A 113 3.22 9.56 26.37
C LEU A 113 3.53 8.36 25.51
N GLU A 114 3.27 7.19 26.08
CA GLU A 114 3.34 5.94 25.35
C GLU A 114 2.13 5.06 25.69
N VAL A 115 1.96 3.99 24.94
CA VAL A 115 0.78 3.14 25.15
C VAL A 115 1.14 1.99 26.07
N THR A 116 1.15 2.29 27.37
CA THR A 116 1.70 1.38 28.35
C THR A 116 0.87 0.11 28.38
N GLY A 117 1.56 -1.01 28.51
CA GLY A 117 0.94 -2.31 28.60
C GLY A 117 0.73 -2.99 27.26
N SER A 118 0.81 -2.24 26.16
CA SER A 118 0.39 -2.80 24.86
C SER A 118 1.39 -3.78 24.26
N ASN A 119 2.61 -3.78 24.78
CA ASN A 119 3.70 -4.62 24.26
C ASN A 119 3.94 -5.90 25.06
N VAL A 120 3.47 -5.88 26.29
CA VAL A 120 3.96 -6.82 27.30
C VAL A 120 3.64 -8.26 26.96
N VAL A 121 2.38 -8.53 26.63
CA VAL A 121 2.00 -9.91 26.33
C VAL A 121 2.77 -10.42 25.13
N SER A 122 2.86 -9.60 24.09
CA SER A 122 3.58 -9.98 22.88
C SER A 122 5.03 -10.40 23.11
N VAL A 123 5.76 -9.61 23.89
CA VAL A 123 7.15 -9.93 24.18
C VAL A 123 7.22 -11.16 25.07
N ALA A 124 6.35 -11.27 26.07
CA ALA A 124 6.39 -12.45 26.95
C ALA A 124 6.12 -13.74 26.18
N GLU A 125 5.26 -13.68 25.16
CA GLU A 125 5.02 -14.84 24.33
C GLU A 125 6.26 -15.20 23.57
N HIS A 126 6.92 -14.17 23.05
CA HIS A 126 8.11 -14.38 22.28
C HIS A 126 9.19 -15.05 23.14
N VAL A 127 9.29 -14.65 24.40
CA VAL A 127 10.19 -15.33 25.33
C VAL A 127 9.85 -16.82 25.47
N LEU A 128 8.60 -17.13 25.79
CA LEU A 128 8.18 -18.53 25.90
C LEU A 128 8.51 -19.31 24.63
N MET A 129 8.16 -18.73 23.51
CA MET A 129 8.46 -19.32 22.22
C MET A 129 9.92 -19.64 22.05
N THR A 130 10.76 -18.64 22.37
CA THR A 130 12.18 -18.78 22.14
C THR A 130 12.76 -19.83 23.08
N MET A 131 12.32 -19.83 24.33
CA MET A 131 12.73 -20.87 25.29
C MET A 131 12.45 -22.28 24.73
N LEU A 132 11.23 -22.48 24.26
CA LEU A 132 10.84 -23.78 23.74
C LEU A 132 11.65 -24.14 22.50
N VAL A 133 11.80 -23.21 21.58
CA VAL A 133 12.54 -23.45 20.36
C VAL A 133 13.99 -23.87 20.68
N LEU A 134 14.60 -23.20 21.65
CA LEU A 134 15.99 -23.52 21.96
C LEU A 134 16.09 -24.86 22.72
N VAL A 135 15.31 -25.01 23.78
CA VAL A 135 15.41 -26.17 24.66
C VAL A 135 15.04 -27.44 23.90
N ARG A 136 14.07 -27.34 22.97
CA ARG A 136 13.56 -28.54 22.26
C ARG A 136 14.29 -28.74 20.90
N ASN A 137 15.24 -27.85 20.62
CA ASN A 137 16.10 -27.93 19.43
C ASN A 137 15.34 -27.89 18.11
N PHE A 138 14.32 -27.02 18.05
CA PHE A 138 13.46 -26.92 16.87
C PHE A 138 14.15 -26.50 15.56
N VAL A 139 15.07 -25.54 15.61
CA VAL A 139 15.59 -24.96 14.36
C VAL A 139 16.30 -26.01 13.48
N PRO A 140 17.26 -26.77 14.02
CA PRO A 140 17.84 -27.77 13.13
C PRO A 140 16.85 -28.87 12.72
N ALA A 141 15.85 -29.15 13.56
CA ALA A 141 14.81 -30.12 13.20
C ALA A 141 14.01 -29.63 11.99
N HIS A 142 13.52 -28.39 12.03
CA HIS A 142 12.78 -27.90 10.87
C HIS A 142 13.70 -27.84 9.65
N GLU A 143 14.98 -27.53 9.86
CA GLU A 143 15.91 -27.42 8.76
C GLU A 143 16.09 -28.78 8.04
N GLN A 144 16.13 -29.87 8.81
CA GLN A 144 16.16 -31.20 8.21
C GLN A 144 15.03 -31.40 7.21
N ILE A 145 13.83 -31.08 7.66
CA ILE A 145 12.65 -31.27 6.86
C ILE A 145 12.76 -30.50 5.55
N ILE A 146 13.06 -29.21 5.59
CA ILE A 146 12.98 -28.46 4.36
C ILE A 146 14.20 -28.74 3.48
N ASN A 147 15.23 -29.34 4.05
CA ASN A 147 16.41 -29.78 3.28
C ASN A 147 16.27 -31.22 2.77
N HIS A 148 15.11 -31.82 3.02
CA HIS A 148 14.81 -33.17 2.59
C HIS A 148 15.66 -34.23 3.26
N ASP A 149 16.02 -34.00 4.52
CA ASP A 149 16.71 -34.97 5.36
C ASP A 149 15.76 -35.58 6.38
N TRP A 150 16.27 -36.56 7.14
CA TRP A 150 15.55 -37.19 8.23
C TRP A 150 16.53 -38.01 9.04
N GLU A 151 16.93 -37.47 10.18
CA GLU A 151 17.93 -38.10 11.02
C GLU A 151 17.66 -37.68 12.44
N VAL A 152 16.80 -38.43 13.10
CA VAL A 152 16.26 -38.03 14.40
C VAL A 152 17.32 -37.96 15.51
N ALA A 153 18.27 -38.88 15.52
CA ALA A 153 19.29 -38.89 16.57
C ALA A 153 20.12 -37.56 16.59
N ALA A 154 20.29 -36.92 15.43
CA ALA A 154 21.04 -35.67 15.34
C ALA A 154 20.32 -34.48 16.00
N ILE A 155 19.00 -34.56 16.12
CA ILE A 155 18.20 -33.58 16.86
C ILE A 155 18.02 -33.96 18.32
N ALA A 156 17.66 -35.21 18.54
CA ALA A 156 17.38 -35.70 19.88
C ALA A 156 18.56 -35.52 20.83
N LYS A 157 19.78 -35.63 20.32
CA LYS A 157 20.93 -35.60 21.21
C LYS A 157 21.07 -34.26 21.94
N ASP A 158 20.38 -33.23 21.45
CA ASP A 158 20.45 -31.92 22.11
C ASP A 158 19.04 -31.33 22.33
N ALA A 159 18.07 -32.21 22.50
CA ALA A 159 16.71 -31.78 22.75
C ALA A 159 16.23 -32.18 24.14
N TYR A 160 15.65 -31.21 24.84
CA TYR A 160 15.16 -31.37 26.20
C TYR A 160 13.73 -30.92 26.30
N ASP A 161 13.07 -31.24 27.42
CA ASP A 161 11.82 -30.65 27.81
C ASP A 161 12.09 -29.41 28.67
N ILE A 162 11.19 -28.44 28.64
CA ILE A 162 11.32 -27.33 29.57
CA ILE A 162 11.18 -27.31 29.57
C ILE A 162 10.90 -27.78 30.99
N GLU A 163 10.06 -28.81 31.09
CA GLU A 163 9.69 -29.38 32.37
C GLU A 163 10.94 -29.75 33.15
N GLY A 164 10.93 -29.49 34.46
CA GLY A 164 12.02 -29.93 35.30
C GLY A 164 13.25 -29.04 35.25
N LYS A 165 13.21 -27.95 34.47
CA LYS A 165 14.36 -27.04 34.40
C LYS A 165 14.23 -25.90 35.40
N THR A 166 15.36 -25.34 35.82
CA THR A 166 15.36 -24.17 36.69
C THR A 166 15.45 -22.95 35.79
N ILE A 167 14.49 -22.03 35.94
CA ILE A 167 14.39 -20.92 35.02
C ILE A 167 14.49 -19.61 35.81
N ALA A 168 15.38 -18.73 35.37
CA ALA A 168 15.63 -17.47 36.09
C ALA A 168 15.37 -16.27 35.15
N THR A 169 14.69 -15.25 35.67
CA THR A 169 14.56 -13.97 34.98
C THR A 169 15.39 -12.90 35.69
N ILE A 170 16.13 -12.15 34.88
CA ILE A 170 16.81 -10.92 35.30
C ILE A 170 15.84 -9.79 35.01
N GLY A 171 15.18 -9.34 36.08
CA GLY A 171 14.10 -8.35 36.02
C GLY A 171 12.73 -8.98 36.17
N ALA A 172 11.88 -8.44 37.05
CA ALA A 172 10.54 -9.02 37.25
C ALA A 172 9.45 -7.96 37.15
N GLY A 173 9.65 -7.00 36.26
CA GLY A 173 8.63 -6.02 35.89
C GLY A 173 7.53 -6.65 35.03
N ARG A 174 6.81 -5.83 34.26
CA ARG A 174 5.62 -6.30 33.54
C ARG A 174 5.88 -7.52 32.65
N ILE A 175 6.93 -7.46 31.84
CA ILE A 175 7.20 -8.57 30.91
C ILE A 175 7.71 -9.78 31.69
N GLY A 176 8.71 -9.57 32.56
CA GLY A 176 9.29 -10.67 33.31
C GLY A 176 8.25 -11.44 34.11
N TYR A 177 7.34 -10.74 34.74
CA TYR A 177 6.35 -11.43 35.55
C TYR A 177 5.36 -12.22 34.66
N ARG A 178 5.01 -11.65 33.50
CA ARG A 178 4.12 -12.36 32.59
C ARG A 178 4.79 -13.59 31.99
N VAL A 179 6.11 -13.54 31.81
CA VAL A 179 6.88 -14.74 31.43
C VAL A 179 6.74 -15.82 32.53
N LEU A 180 7.01 -15.45 33.78
CA LEU A 180 6.84 -16.39 34.88
C LEU A 180 5.42 -16.97 34.97
N GLU A 181 4.39 -16.16 34.76
CA GLU A 181 3.03 -16.65 34.79
C GLU A 181 2.78 -17.75 33.74
N ARG A 182 3.31 -17.55 32.54
CA ARG A 182 3.14 -18.50 31.45
C ARG A 182 3.95 -19.79 31.67
N LEU A 183 5.07 -19.70 32.40
CA LEU A 183 5.88 -20.88 32.66
C LEU A 183 5.29 -21.81 33.73
N VAL A 184 4.42 -21.30 34.61
CA VAL A 184 3.94 -22.10 35.75
C VAL A 184 3.39 -23.49 35.32
N PRO A 185 2.44 -23.55 34.38
CA PRO A 185 1.91 -24.88 34.00
C PRO A 185 2.89 -25.76 33.24
N PHE A 186 4.07 -25.25 32.90
CA PHE A 186 5.08 -26.10 32.27
C PHE A 186 5.89 -26.93 33.30
N ASN A 187 5.57 -26.75 34.57
CA ASN A 187 6.19 -27.51 35.67
C ASN A 187 7.69 -27.41 35.67
N PRO A 188 8.22 -26.17 35.69
CA PRO A 188 9.66 -26.03 35.90
C PRO A 188 10.03 -26.62 37.25
N LYS A 189 11.30 -26.99 37.42
CA LYS A 189 11.80 -27.35 38.74
C LYS A 189 11.58 -26.18 39.70
N GLU A 190 11.91 -24.98 39.23
CA GLU A 190 11.73 -23.79 40.06
C GLU A 190 11.84 -22.55 39.19
N LEU A 191 11.09 -21.55 39.58
CA LEU A 191 11.17 -20.22 38.99
C LEU A 191 11.92 -19.28 39.96
N LEU A 192 12.89 -18.54 39.42
CA LEU A 192 13.73 -17.63 40.21
C LEU A 192 13.69 -16.25 39.60
N TYR A 193 13.97 -15.23 40.39
CA TYR A 193 14.16 -13.91 39.81
C TYR A 193 15.18 -13.11 40.58
N TYR A 194 15.90 -12.28 39.84
CA TYR A 194 16.72 -11.20 40.43
C TYR A 194 16.08 -9.87 40.05
N ASP A 195 16.01 -8.94 41.00
CA ASP A 195 15.61 -7.58 40.64
C ASP A 195 16.15 -6.65 41.70
N TYR A 196 16.08 -5.35 41.41
CA TYR A 196 16.60 -4.33 42.34
C TYR A 196 15.65 -4.06 43.50
N GLN A 197 14.42 -4.51 43.35
CA GLN A 197 13.42 -4.51 44.40
C GLN A 197 12.66 -5.83 44.35
N ALA A 198 12.08 -6.24 45.48
CA ALA A 198 11.35 -7.51 45.55
C ALA A 198 10.00 -7.43 44.87
N LEU A 199 9.54 -8.55 44.32
CA LEU A 199 8.11 -8.71 44.12
C LEU A 199 7.45 -8.81 45.49
N PRO A 200 6.21 -8.34 45.60
CA PRO A 200 5.43 -8.62 46.81
C PRO A 200 5.24 -10.12 47.02
N LYS A 201 5.16 -10.53 48.28
CA LYS A 201 5.05 -11.94 48.64
C LYS A 201 3.92 -12.65 47.89
N ASP A 202 2.78 -11.99 47.79
CA ASP A 202 1.63 -12.51 47.04
C ASP A 202 1.99 -12.84 45.60
N ALA A 203 2.67 -11.93 44.94
CA ALA A 203 3.03 -12.09 43.53
C ALA A 203 4.09 -13.20 43.38
N GLU A 204 5.08 -13.20 44.27
CA GLU A 204 6.04 -14.30 44.35
C GLU A 204 5.32 -15.64 44.42
N GLU A 205 4.42 -15.75 45.38
CA GLU A 205 3.75 -17.03 45.65
C GLU A 205 2.90 -17.46 44.49
N LYS A 206 2.29 -16.51 43.79
CA LYS A 206 1.38 -16.89 42.70
C LYS A 206 2.09 -17.66 41.61
N VAL A 207 3.36 -17.37 41.40
CA VAL A 207 4.14 -18.09 40.39
C VAL A 207 5.20 -19.00 41.00
N GLY A 208 5.19 -19.14 42.32
CA GLY A 208 6.19 -19.96 42.99
C GLY A 208 7.62 -19.47 42.85
N ALA A 209 7.81 -18.15 42.76
CA ALA A 209 9.12 -17.61 42.46
C ALA A 209 9.91 -17.38 43.72
N ARG A 210 11.20 -17.64 43.64
CA ARG A 210 12.14 -17.31 44.72
C ARG A 210 13.10 -16.24 44.27
N ARG A 211 13.28 -15.21 45.10
CA ARG A 211 14.25 -14.17 44.81
C ARG A 211 15.68 -14.57 45.15
N VAL A 212 16.61 -14.31 44.24
CA VAL A 212 18.02 -14.57 44.47
C VAL A 212 18.69 -13.19 44.57
N GLU A 213 19.55 -12.99 45.56
CA GLU A 213 20.04 -11.65 45.89
C GLU A 213 21.04 -11.06 44.91
N ASN A 214 21.85 -11.89 44.25
CA ASN A 214 22.77 -11.38 43.26
C ASN A 214 22.79 -12.20 41.99
N ILE A 215 23.22 -11.55 40.92
CA ILE A 215 23.05 -12.12 39.58
C ILE A 215 23.96 -13.33 39.40
N GLU A 216 25.13 -13.32 40.01
CA GLU A 216 26.07 -14.42 39.82
C GLU A 216 25.45 -15.72 40.36
N GLU A 217 24.87 -15.65 41.55
CA GLU A 217 24.25 -16.81 42.14
C GLU A 217 22.96 -17.20 41.41
N LEU A 218 22.27 -16.20 40.85
CA LEU A 218 21.07 -16.51 40.06
C LEU A 218 21.42 -17.35 38.86
N VAL A 219 22.35 -16.87 38.05
CA VAL A 219 22.66 -17.56 36.81
C VAL A 219 23.39 -18.88 37.04
N ALA A 220 24.12 -18.98 38.17
CA ALA A 220 24.89 -20.19 38.44
C ALA A 220 24.01 -21.43 38.54
N GLN A 221 22.76 -21.27 38.95
CA GLN A 221 21.90 -22.42 39.22
C GLN A 221 20.78 -22.60 38.18
N ALA A 222 20.78 -21.75 37.16
CA ALA A 222 19.69 -21.72 36.18
C ALA A 222 19.99 -22.49 34.92
N ASP A 223 19.10 -23.40 34.51
CA ASP A 223 19.23 -24.02 33.21
C ASP A 223 18.89 -23.02 32.08
N ILE A 224 17.92 -22.16 32.40
CA ILE A 224 17.38 -21.16 31.45
C ILE A 224 17.38 -19.81 32.10
N VAL A 225 17.96 -18.83 31.41
CA VAL A 225 17.97 -17.44 31.86
C VAL A 225 17.31 -16.55 30.82
N THR A 226 16.45 -15.67 31.28
CA THR A 226 15.77 -14.72 30.39
C THR A 226 15.97 -13.30 30.94
N ILE A 227 16.25 -12.37 30.04
CA ILE A 227 16.51 -10.99 30.44
C ILE A 227 15.27 -10.15 30.19
N ASN A 228 14.74 -9.56 31.24
CA ASN A 228 13.55 -8.73 31.16
C ASN A 228 13.72 -7.50 32.03
N ALA A 229 14.81 -6.78 31.76
CA ALA A 229 15.15 -5.58 32.52
C ALA A 229 15.42 -4.45 31.56
N PRO A 230 15.26 -3.21 32.05
CA PRO A 230 15.63 -2.05 31.23
C PRO A 230 17.14 -1.94 31.06
N LEU A 231 17.53 -1.17 30.06
CA LEU A 231 18.93 -0.84 29.86
C LEU A 231 19.29 0.37 30.70
N HIS A 232 20.25 0.22 31.60
CA HIS A 232 20.74 1.37 32.39
C HIS A 232 22.15 1.01 32.87
N ALA A 233 22.71 1.80 33.78
CA ALA A 233 24.11 1.58 34.13
C ALA A 233 24.37 0.22 34.80
N GLY A 234 23.34 -0.31 35.44
CA GLY A 234 23.45 -1.61 36.09
C GLY A 234 23.47 -2.78 35.11
N THR A 235 22.80 -2.61 33.97
CA THR A 235 22.60 -3.71 33.02
C THR A 235 23.39 -3.57 31.72
N LYS A 236 23.99 -2.40 31.46
CA LYS A 236 24.79 -2.28 30.27
C LYS A 236 26.01 -3.15 30.32
N GLY A 237 26.16 -3.97 29.28
CA GLY A 237 27.30 -4.87 29.20
C GLY A 237 27.26 -5.93 30.30
N LEU A 238 26.10 -6.11 30.93
CA LEU A 238 25.97 -7.08 32.03
C LEU A 238 26.38 -8.51 31.64
N ILE A 239 25.88 -8.98 30.49
CA ILE A 239 26.21 -10.34 30.04
C ILE A 239 27.53 -10.31 29.27
N ASN A 240 28.62 -10.41 30.03
CA ASN A 240 29.96 -10.38 29.45
C ASN A 240 30.70 -11.70 29.73
N LYS A 241 31.92 -11.83 29.22
CA LYS A 241 32.71 -13.06 29.38
C LYS A 241 32.79 -13.50 30.85
N GLU A 242 33.05 -12.54 31.74
CA GLU A 242 33.17 -12.83 33.17
C GLU A 242 31.87 -13.44 33.73
N LEU A 243 30.74 -12.78 33.49
CA LEU A 243 29.49 -13.28 34.05
C LEU A 243 29.09 -14.58 33.37
N LEU A 244 29.36 -14.70 32.06
CA LEU A 244 28.99 -15.91 31.32
C LEU A 244 29.74 -17.13 31.85
N SER A 245 30.95 -16.90 32.34
CA SER A 245 31.74 -17.96 32.93
C SER A 245 31.12 -18.50 34.24
N LYS A 246 30.15 -17.77 34.79
CA LYS A 246 29.46 -18.20 36.00
C LYS A 246 28.11 -18.85 35.71
N PHE A 247 27.68 -18.82 34.46
CA PHE A 247 26.43 -19.48 34.08
C PHE A 247 26.59 -20.97 34.33
N LYS A 248 25.48 -21.63 34.59
CA LYS A 248 25.48 -23.09 34.57
C LYS A 248 25.99 -23.55 33.20
N LYS A 249 26.78 -24.59 33.20
CA LYS A 249 27.41 -25.07 31.97
C LYS A 249 26.33 -25.60 31.00
N GLY A 250 26.31 -25.08 29.79
CA GLY A 250 25.32 -25.45 28.79
C GLY A 250 23.93 -24.84 29.02
N ALA A 251 23.86 -23.65 29.60
CA ALA A 251 22.59 -22.98 29.82
C ALA A 251 22.00 -22.47 28.51
N TRP A 252 20.74 -22.11 28.57
CA TRP A 252 20.06 -21.46 27.45
C TRP A 252 19.76 -20.03 27.89
N LEU A 253 20.03 -19.07 27.02
CA LEU A 253 19.83 -17.65 27.36
C LEU A 253 18.91 -16.97 26.33
N VAL A 254 17.91 -16.27 26.85
CA VAL A 254 16.96 -15.52 26.02
C VAL A 254 16.99 -14.03 26.37
N ASN A 255 17.00 -13.17 25.36
CA ASN A 255 17.01 -11.72 25.59
C ASN A 255 16.13 -11.01 24.56
N THR A 256 14.97 -10.57 25.05
CA THR A 256 14.02 -9.76 24.30
C THR A 256 13.92 -8.35 24.89
N ALA A 257 14.91 -7.98 25.73
CA ALA A 257 14.92 -6.71 26.46
C ALA A 257 15.67 -5.65 25.63
N ARG A 258 16.99 -5.57 25.79
CA ARG A 258 17.82 -4.66 24.98
CA ARG A 258 17.78 -4.68 24.94
C ARG A 258 19.10 -5.36 24.62
N GLY A 259 19.55 -5.18 23.39
CA GLY A 259 20.76 -5.80 22.88
C GLY A 259 22.00 -5.45 23.70
N ALA A 260 22.15 -4.19 24.06
CA ALA A 260 23.35 -3.74 24.76
C ALA A 260 23.51 -4.26 26.19
N ILE A 261 22.50 -4.96 26.70
CA ILE A 261 22.65 -5.65 27.99
C ILE A 261 23.68 -6.79 27.85
N CYS A 262 23.85 -7.29 26.63
CA CYS A 262 24.90 -8.26 26.32
C CYS A 262 26.09 -7.62 25.66
N VAL A 263 27.26 -8.21 25.89
CA VAL A 263 28.42 -7.96 25.05
C VAL A 263 28.39 -9.00 23.96
N ALA A 264 28.17 -8.53 22.73
CA ALA A 264 27.83 -9.42 21.64
C ALA A 264 28.85 -10.51 21.39
N GLU A 265 30.11 -10.13 21.22
CA GLU A 265 31.15 -11.11 20.98
C GLU A 265 31.27 -12.08 22.15
N ASP A 266 31.06 -11.63 23.39
CA ASP A 266 31.19 -12.53 24.54
C ASP A 266 30.10 -13.61 24.49
N VAL A 267 28.87 -13.23 24.16
CA VAL A 267 27.77 -14.22 23.98
C VAL A 267 28.11 -15.19 22.83
N ALA A 268 28.56 -14.67 21.68
CA ALA A 268 28.92 -15.57 20.58
C ALA A 268 30.00 -16.56 21.04
N ALA A 269 31.03 -16.06 21.72
CA ALA A 269 32.12 -16.93 22.17
C ALA A 269 31.62 -18.02 23.11
N ALA A 270 30.71 -17.67 24.02
CA ALA A 270 30.19 -18.62 24.98
C ALA A 270 29.34 -19.69 24.28
N LEU A 271 28.56 -19.31 23.28
CA LEU A 271 27.79 -20.30 22.49
C LEU A 271 28.72 -21.27 21.74
N GLU A 272 29.74 -20.72 21.10
CA GLU A 272 30.68 -21.53 20.32
C GLU A 272 31.44 -22.53 21.21
N SER A 273 31.65 -22.15 22.47
CA SER A 273 32.47 -22.91 23.39
C SER A 273 31.72 -23.93 24.21
N GLY A 274 30.39 -23.81 24.26
CA GLY A 274 29.59 -24.75 25.04
C GLY A 274 29.15 -24.22 26.39
N GLN A 275 29.65 -23.03 26.78
CA GLN A 275 29.15 -22.38 27.99
C GLN A 275 27.64 -22.16 27.88
N LEU A 276 27.19 -21.78 26.68
CA LEU A 276 25.76 -21.74 26.37
C LEU A 276 25.43 -22.84 25.38
N ARG A 277 24.33 -23.54 25.60
CA ARG A 277 23.79 -24.45 24.60
C ARG A 277 22.99 -23.71 23.53
N GLY A 278 22.41 -22.58 23.89
CA GLY A 278 21.69 -21.78 22.92
C GLY A 278 21.44 -20.35 23.38
N TYR A 279 21.24 -19.49 22.41
CA TYR A 279 20.92 -18.09 22.64
C TYR A 279 19.87 -17.67 21.62
N GLY A 280 18.91 -16.86 22.05
CA GLY A 280 17.94 -16.30 21.15
C GLY A 280 17.20 -15.11 21.71
N GLY A 281 16.38 -14.52 20.87
CA GLY A 281 15.70 -13.28 21.18
C GLY A 281 15.63 -12.43 19.92
N ASP A 282 15.11 -11.23 20.08
CA ASP A 282 14.86 -10.37 18.92
C ASP A 282 15.52 -8.99 19.05
N VAL A 283 16.35 -8.78 20.05
CA VAL A 283 16.98 -7.47 20.23
C VAL A 283 18.49 -7.52 19.99
N TRP A 284 18.97 -6.42 19.41
CA TRP A 284 20.33 -6.33 18.90
C TRP A 284 20.98 -5.00 19.26
N PHE A 285 22.31 -4.99 19.24
CA PHE A 285 23.07 -3.75 19.33
C PHE A 285 24.29 -3.87 18.42
N PRO A 286 24.43 -2.96 17.44
CA PRO A 286 23.47 -1.95 16.97
C PRO A 286 22.21 -2.58 16.39
N GLN A 287 21.18 -1.75 16.21
CA GLN A 287 19.87 -2.16 15.74
C GLN A 287 19.36 -1.10 14.79
N PRO A 288 19.02 -1.48 13.55
CA PRO A 288 19.02 -2.81 12.94
C PRO A 288 20.40 -3.44 12.93
N ALA A 289 20.46 -4.75 13.01
CA ALA A 289 21.71 -5.44 13.04
C ALA A 289 22.41 -5.35 11.69
N PRO A 290 23.68 -4.96 11.69
CA PRO A 290 24.49 -5.02 10.47
C PRO A 290 24.56 -6.44 9.89
N LYS A 291 24.83 -6.52 8.60
CA LYS A 291 24.89 -7.80 7.89
C LYS A 291 25.85 -8.82 8.51
N ASP A 292 26.89 -8.33 9.20
CA ASP A 292 27.91 -9.19 9.80
C ASP A 292 27.92 -9.12 11.33
N HIS A 293 26.82 -8.68 11.92
CA HIS A 293 26.70 -8.73 13.37
C HIS A 293 26.94 -10.20 13.77
N PRO A 294 27.76 -10.45 14.80
CA PRO A 294 28.16 -11.84 15.11
C PRO A 294 26.99 -12.76 15.51
N TRP A 295 25.89 -12.19 15.97
CA TRP A 295 24.78 -13.04 16.41
C TRP A 295 24.02 -13.66 15.25
N ARG A 296 24.26 -13.20 14.03
CA ARG A 296 23.62 -13.85 12.87
C ARG A 296 24.22 -15.24 12.56
N ASP A 297 25.55 -15.36 12.65
CA ASP A 297 26.20 -16.59 12.17
C ASP A 297 26.62 -17.49 13.31
N MET A 298 26.54 -17.01 14.55
CA MET A 298 27.00 -17.82 15.68
C MET A 298 26.16 -19.12 15.81
N ARG A 299 26.81 -20.19 16.26
CA ARG A 299 26.15 -21.50 16.43
C ARG A 299 26.88 -22.23 17.51
N ASN A 300 26.21 -23.21 18.09
CA ASN A 300 26.86 -24.08 19.05
C ASN A 300 27.60 -25.16 18.27
N LYS A 301 28.19 -26.11 18.99
CA LYS A 301 29.07 -27.12 18.40
C LYS A 301 28.34 -28.00 17.40
N TYR A 302 27.02 -28.10 17.55
CA TYR A 302 26.22 -28.94 16.64
C TYR A 302 25.67 -28.15 15.46
N GLY A 303 26.00 -26.88 15.38
CA GLY A 303 25.53 -26.04 14.30
C GLY A 303 24.14 -25.49 14.55
N ALA A 304 23.73 -25.46 15.81
CA ALA A 304 22.39 -25.00 16.15
C ALA A 304 22.50 -24.03 17.31
N GLY A 305 21.49 -23.95 18.16
CA GLY A 305 21.60 -23.10 19.35
C GLY A 305 21.41 -21.63 19.06
N ASN A 306 20.88 -21.33 17.89
CA ASN A 306 20.61 -19.95 17.49
C ASN A 306 19.14 -19.76 17.14
N ALA A 307 18.44 -18.96 17.95
CA ALA A 307 17.03 -18.64 17.70
C ALA A 307 16.80 -17.14 17.58
N MET A 308 17.74 -16.46 16.94
CA MET A 308 17.61 -15.00 16.73
C MET A 308 16.54 -14.68 15.70
N THR A 309 15.85 -13.57 15.91
CA THR A 309 14.99 -12.98 14.87
C THR A 309 15.28 -11.50 14.82
N PRO A 310 14.75 -10.81 13.77
CA PRO A 310 14.83 -9.36 13.79
C PRO A 310 13.95 -8.85 14.90
N HIS A 311 14.09 -7.57 15.21
CA HIS A 311 13.33 -6.99 16.29
C HIS A 311 11.88 -6.81 15.85
N TYR A 312 11.00 -7.74 16.26
CA TYR A 312 9.61 -7.66 15.85
C TYR A 312 8.61 -8.15 16.86
N SER A 313 9.04 -8.61 18.02
CA SER A 313 8.10 -9.29 18.90
C SER A 313 6.97 -8.39 19.33
N GLY A 314 7.28 -7.10 19.55
CA GLY A 314 6.26 -6.15 19.98
C GLY A 314 5.52 -5.47 18.85
N THR A 315 5.69 -5.93 17.63
CA THR A 315 4.94 -5.34 16.53
C THR A 315 4.17 -6.41 15.74
N THR A 316 3.71 -7.44 16.45
CA THR A 316 2.65 -8.32 15.93
C THR A 316 1.40 -7.54 15.65
N LEU A 317 0.51 -8.09 14.84
CA LEU A 317 -0.66 -7.33 14.38
C LEU A 317 -1.60 -7.04 15.55
N ASP A 318 -1.60 -7.90 16.56
CA ASP A 318 -2.40 -7.65 17.74
C ASP A 318 -1.84 -6.49 18.55
N ALA A 319 -0.52 -6.46 18.73
CA ALA A 319 0.12 -5.31 19.36
C ALA A 319 -0.12 -4.04 18.55
N GLN A 320 -0.01 -4.13 17.22
CA GLN A 320 -0.17 -2.93 16.41
C GLN A 320 -1.55 -2.31 16.52
N THR A 321 -2.58 -3.15 16.63
CA THR A 321 -3.93 -2.64 16.84
C THR A 321 -4.03 -1.89 18.18
N ARG A 322 -3.40 -2.44 19.23
CA ARG A 322 -3.36 -1.76 20.53
C ARG A 322 -2.62 -0.42 20.43
N TYR A 323 -1.47 -0.39 19.73
CA TYR A 323 -0.71 0.87 19.54
C TYR A 323 -1.53 1.94 18.82
N ALA A 324 -2.23 1.52 17.77
CA ALA A 324 -2.96 2.43 16.93
C ALA A 324 -4.15 3.00 17.70
N GLU A 325 -4.92 2.11 18.33
CA GLU A 325 -6.03 2.54 19.19
C GLU A 325 -5.57 3.45 20.32
N GLY A 326 -4.47 3.06 20.99
CA GLY A 326 -3.94 3.81 22.10
C GLY A 326 -3.40 5.18 21.69
N THR A 327 -2.79 5.27 20.51
CA THR A 327 -2.34 6.56 19.99
C THR A 327 -3.51 7.49 19.69
N LYS A 328 -4.56 6.94 19.09
CA LYS A 328 -5.74 7.75 18.83
C LYS A 328 -6.34 8.25 20.16
N ASN A 329 -6.38 7.40 21.17
CA ASN A 329 -6.93 7.77 22.48
C ASN A 329 -6.13 8.91 23.10
N ILE A 330 -4.79 8.84 23.01
CA ILE A 330 -3.92 9.93 23.51
C ILE A 330 -4.16 11.22 22.74
N LEU A 331 -4.23 11.14 21.41
CA LEU A 331 -4.52 12.33 20.60
C LEU A 331 -5.88 12.97 20.91
N GLU A 332 -6.89 12.12 21.12
CA GLU A 332 -8.24 12.59 21.49
C GLU A 332 -8.18 13.36 22.81
N SER A 333 -7.47 12.78 23.78
CA SER A 333 -7.28 13.42 25.08
C SER A 333 -6.65 14.80 24.93
N PHE A 334 -5.67 14.91 24.04
CA PHE A 334 -4.98 16.15 23.77
C PHE A 334 -5.84 17.16 22.99
N PHE A 335 -6.42 16.72 21.89
CA PHE A 335 -7.15 17.62 21.00
C PHE A 335 -8.36 18.24 21.70
N THR A 336 -9.02 17.47 22.54
CA THR A 336 -10.24 17.92 23.23
C THR A 336 -9.90 18.90 24.34
N GLY A 337 -8.64 18.92 24.75
CA GLY A 337 -8.22 19.68 25.91
C GLY A 337 -8.60 19.04 27.24
N LYS A 338 -9.10 17.80 27.22
CA LYS A 338 -9.38 17.07 28.44
C LYS A 338 -8.08 16.69 29.14
N PHE A 339 -7.10 16.32 28.34
CA PHE A 339 -5.88 15.72 28.88
C PHE A 339 -6.18 14.62 29.89
N ASP A 340 -7.24 13.86 29.62
CA ASP A 340 -7.65 12.74 30.45
C ASP A 340 -6.89 11.49 30.06
N TYR A 341 -5.56 11.61 30.03
CA TYR A 341 -4.70 10.48 29.71
C TYR A 341 -4.85 9.34 30.70
N ARG A 342 -4.64 8.13 30.23
CA ARG A 342 -4.48 7.00 31.15
C ARG A 342 -3.21 7.29 31.97
N PRO A 343 -3.31 7.25 33.32
CA PRO A 343 -2.18 7.61 34.17
C PRO A 343 -0.91 6.85 33.82
N GLN A 344 -1.08 5.59 33.46
CA GLN A 344 0.04 4.71 33.15
C GLN A 344 0.76 5.05 31.85
N ASP A 345 0.10 5.80 30.98
CA ASP A 345 0.67 6.23 29.69
C ASP A 345 1.60 7.43 29.81
N ILE A 346 1.48 8.18 30.90
CA ILE A 346 2.25 9.41 31.03
C ILE A 346 3.69 9.08 31.41
N ILE A 347 4.61 9.56 30.58
CA ILE A 347 6.04 9.56 30.91
C ILE A 347 6.41 10.91 31.50
N LEU A 348 6.12 11.99 30.75
CA LEU A 348 6.20 13.37 31.27
C LEU A 348 4.90 14.07 30.92
N LEU A 349 4.43 14.88 31.87
CA LEU A 349 3.26 15.72 31.68
C LEU A 349 3.74 17.15 31.70
N ASN A 350 3.71 17.81 30.54
CA ASN A 350 4.29 19.15 30.41
C ASN A 350 5.64 19.25 31.11
N GLY A 351 6.49 18.30 30.79
CA GLY A 351 7.86 18.30 31.26
C GLY A 351 8.11 17.72 32.64
N GLU A 352 7.06 17.37 33.38
CA GLU A 352 7.21 16.87 34.73
C GLU A 352 6.94 15.36 34.87
N TYR A 353 7.67 14.73 35.77
CA TYR A 353 7.36 13.36 36.16
C TYR A 353 6.12 13.41 37.06
N ILE A 354 5.30 12.38 36.98
CA ILE A 354 4.09 12.29 37.81
C ILE A 354 4.11 10.96 38.57
N THR A 355 3.47 10.94 39.72
CA THR A 355 3.41 9.75 40.56
C THR A 355 2.86 8.56 39.78
N LYS A 356 3.40 7.36 40.02
CA LYS A 356 3.03 6.18 39.26
C LYS A 356 1.69 5.59 39.71
N MET B 1 17.43 -65.26 30.78
CA MET B 1 16.52 -65.12 29.62
C MET B 1 17.20 -64.33 28.54
N LYS B 2 16.64 -64.42 27.34
CA LYS B 2 17.13 -63.68 26.20
C LYS B 2 16.20 -62.52 25.88
N ILE B 3 16.78 -61.33 25.83
CA ILE B 3 16.06 -60.11 25.57
C ILE B 3 16.57 -59.56 24.25
N VAL B 4 15.66 -59.29 23.32
CA VAL B 4 16.04 -58.69 22.05
C VAL B 4 15.54 -57.26 22.09
N LEU B 5 16.48 -56.33 21.95
CA LEU B 5 16.23 -54.91 22.04
C LEU B 5 16.47 -54.23 20.69
N VAL B 6 15.42 -53.65 20.10
CA VAL B 6 15.51 -53.05 18.77
C VAL B 6 15.37 -51.53 18.86
N LEU B 7 16.43 -50.82 18.49
CA LEU B 7 16.50 -49.35 18.54
C LEU B 7 17.21 -48.84 17.28
N TYR B 8 17.20 -47.52 17.01
CA TYR B 8 18.00 -47.03 15.87
C TYR B 8 19.49 -46.96 16.23
N ASP B 9 20.35 -46.98 15.21
CA ASP B 9 21.78 -46.68 15.38
C ASP B 9 21.92 -45.16 15.35
N ALA B 10 22.44 -44.58 16.42
CA ALA B 10 22.65 -43.12 16.46
C ALA B 10 24.00 -42.71 15.86
N GLY B 11 24.85 -43.70 15.58
CA GLY B 11 26.16 -43.45 15.02
C GLY B 11 26.98 -42.52 15.90
N LYS B 12 27.57 -41.51 15.26
CA LYS B 12 28.40 -40.54 15.96
C LYS B 12 27.64 -39.91 17.13
N HIS B 13 26.34 -39.71 16.93
CA HIS B 13 25.55 -38.97 17.90
C HIS B 13 25.47 -39.62 19.27
N ALA B 14 25.64 -40.94 19.32
CA ALA B 14 25.58 -41.64 20.59
C ALA B 14 26.76 -41.27 21.47
N ALA B 15 27.92 -41.06 20.86
CA ALA B 15 29.14 -40.76 21.61
C ALA B 15 29.07 -39.32 22.11
N ASP B 16 28.40 -38.47 21.33
CA ASP B 16 28.19 -37.07 21.72
C ASP B 16 27.37 -36.96 23.01
N GLU B 17 26.48 -37.92 23.25
CA GLU B 17 25.53 -37.77 24.35
C GLU B 17 25.20 -39.09 25.04
N GLU B 18 25.71 -39.25 26.26
CA GLU B 18 25.49 -40.47 27.04
C GLU B 18 24.03 -40.65 27.45
N LYS B 19 23.29 -39.55 27.57
CA LYS B 19 21.88 -39.60 27.97
C LYS B 19 20.97 -39.91 26.77
N LEU B 20 21.56 -40.09 25.60
CA LEU B 20 20.79 -40.55 24.43
C LEU B 20 20.59 -42.07 24.58
N TYR B 21 19.71 -42.48 25.48
CA TYR B 21 19.62 -43.89 25.87
C TYR B 21 18.99 -44.72 24.76
N GLY B 22 18.06 -44.13 24.04
CA GLY B 22 17.24 -44.89 23.11
C GLY B 22 17.88 -45.23 21.78
N CYS B 23 19.12 -45.69 21.80
CA CYS B 23 19.82 -46.11 20.58
C CYS B 23 20.62 -47.39 20.85
N THR B 24 21.06 -48.06 19.79
CA THR B 24 21.74 -49.35 19.94
C THR B 24 23.05 -49.24 20.70
N GLU B 25 23.70 -48.08 20.57
CA GLU B 25 24.99 -47.84 21.19
C GLU B 25 24.88 -47.78 22.71
N ASN B 26 23.81 -47.16 23.21
CA ASN B 26 23.64 -46.92 24.63
C ASN B 26 22.63 -47.83 25.31
N LYS B 27 21.87 -48.59 24.52
CA LYS B 27 21.11 -49.75 25.05
C LYS B 27 20.18 -49.44 26.22
N LEU B 28 19.46 -48.33 26.15
CA LEU B 28 18.53 -47.90 27.21
C LEU B 28 19.18 -47.77 28.58
N GLY B 29 20.51 -47.78 28.61
CA GLY B 29 21.22 -47.76 29.89
C GLY B 29 21.01 -48.99 30.74
N ILE B 30 20.39 -50.04 30.18
CA ILE B 30 20.09 -51.25 30.96
C ILE B 30 20.98 -52.46 30.65
N ALA B 31 22.03 -52.28 29.84
CA ALA B 31 22.90 -53.39 29.46
C ALA B 31 23.57 -54.06 30.67
N ASN B 32 24.15 -53.25 31.55
CA ASN B 32 24.81 -53.78 32.74
C ASN B 32 23.84 -54.35 33.76
N TRP B 33 22.72 -53.66 33.96
CA TRP B 33 21.72 -54.14 34.88
C TRP B 33 21.23 -55.52 34.43
N LEU B 34 21.00 -55.67 33.13
CA LEU B 34 20.50 -56.96 32.63
C LEU B 34 21.54 -58.06 32.79
N LYS B 35 22.80 -57.76 32.48
CA LYS B 35 23.84 -58.76 32.61
C LYS B 35 24.02 -59.16 34.07
N ASP B 36 24.01 -58.18 34.96
CA ASP B 36 24.11 -58.42 36.41
C ASP B 36 23.01 -59.31 36.92
N GLN B 37 21.83 -59.17 36.33
CA GLN B 37 20.68 -59.94 36.76
C GLN B 37 20.74 -61.31 36.11
N GLY B 38 21.77 -61.53 35.31
CA GLY B 38 22.00 -62.82 34.70
C GLY B 38 21.21 -63.11 33.44
N HIS B 39 20.98 -62.09 32.60
CA HIS B 39 20.31 -62.26 31.30
C HIS B 39 21.19 -61.92 30.10
N GLU B 40 20.72 -62.33 28.93
CA GLU B 40 21.41 -62.11 27.67
C GLU B 40 20.72 -61.04 26.83
N LEU B 41 21.43 -59.96 26.53
CA LEU B 41 20.88 -58.86 25.72
C LEU B 41 21.42 -58.84 24.30
N ILE B 42 20.50 -59.00 23.34
CA ILE B 42 20.80 -58.79 21.93
C ILE B 42 20.25 -57.42 21.58
N THR B 43 21.12 -56.54 21.11
CA THR B 43 20.71 -55.22 20.66
C THR B 43 20.99 -55.03 19.17
N THR B 44 19.98 -54.54 18.47
CA THR B 44 20.09 -54.40 17.04
C THR B 44 19.19 -53.33 16.49
N SER B 45 19.61 -52.76 15.36
CA SER B 45 18.74 -51.90 14.57
C SER B 45 18.23 -52.64 13.33
N ASP B 46 18.70 -53.86 13.12
CA ASP B 46 18.46 -54.58 11.87
C ASP B 46 17.18 -55.42 11.98
N LYS B 47 16.09 -54.88 11.43
CA LYS B 47 14.75 -55.33 11.75
C LYS B 47 13.91 -55.62 10.52
N GLU B 48 14.48 -55.40 9.34
CA GLU B 48 13.79 -55.67 8.06
C GLU B 48 14.49 -56.79 7.29
N GLY B 49 13.72 -57.75 6.81
CA GLY B 49 14.24 -58.84 6.00
C GLY B 49 14.26 -60.16 6.74
N GLY B 50 13.96 -61.23 6.03
CA GLY B 50 13.89 -62.55 6.62
C GLY B 50 15.18 -62.99 7.29
N ASN B 51 16.30 -62.44 6.86
CA ASN B 51 17.59 -62.77 7.47
C ASN B 51 18.07 -61.69 8.43
N SER B 52 17.19 -60.75 8.76
CA SER B 52 17.56 -59.70 9.69
C SER B 52 18.03 -60.30 11.03
N VAL B 53 18.85 -59.56 11.76
CA VAL B 53 19.30 -60.02 13.06
C VAL B 53 18.12 -60.26 13.99
N LEU B 54 17.12 -59.40 13.91
CA LEU B 54 15.89 -59.57 14.69
C LEU B 54 15.29 -60.97 14.49
N ASP B 55 15.09 -61.36 13.23
CA ASP B 55 14.49 -62.64 12.94
C ASP B 55 15.37 -63.84 13.32
N GLN B 56 16.68 -63.65 13.35
CA GLN B 56 17.60 -64.70 13.79
C GLN B 56 17.34 -65.06 15.24
N HIS B 57 16.92 -64.07 16.02
CA HIS B 57 16.78 -64.25 17.46
C HIS B 57 15.33 -64.43 17.91
N ILE B 58 14.38 -64.21 17.02
CA ILE B 58 12.98 -64.27 17.42
C ILE B 58 12.59 -65.66 17.95
N PRO B 59 13.09 -66.73 17.33
CA PRO B 59 12.63 -68.06 17.78
C PRO B 59 12.90 -68.41 19.24
N ASP B 60 13.93 -67.86 19.89
CA ASP B 60 14.12 -68.18 21.31
C ASP B 60 14.24 -66.93 22.19
N ALA B 61 13.68 -65.82 21.70
CA ALA B 61 13.55 -64.60 22.47
C ALA B 61 12.47 -64.69 23.56
N ASP B 62 12.84 -64.47 24.82
CA ASP B 62 11.84 -64.43 25.90
C ASP B 62 11.11 -63.09 25.93
N ILE B 63 11.83 -62.04 25.56
CA ILE B 63 11.38 -60.67 25.71
C ILE B 63 11.87 -59.88 24.52
N ILE B 64 10.99 -59.07 23.95
CA ILE B 64 11.37 -58.19 22.86
C ILE B 64 11.05 -56.78 23.30
N ILE B 65 12.02 -55.87 23.14
CA ILE B 65 11.85 -54.45 23.51
C ILE B 65 11.95 -53.59 22.27
N THR B 66 10.95 -52.75 22.09
CA THR B 66 10.79 -51.98 20.85
C THR B 66 10.66 -50.49 21.18
N THR B 67 10.71 -49.67 20.14
CA THR B 67 10.47 -48.25 20.25
C THR B 67 9.75 -47.69 19.02
N PRO B 68 8.82 -46.76 19.22
CA PRO B 68 8.12 -46.19 18.06
C PRO B 68 9.02 -45.33 17.16
N PHE B 69 10.20 -44.97 17.65
CA PHE B 69 11.13 -44.18 16.87
C PHE B 69 12.03 -45.03 15.94
N HIS B 70 11.93 -46.35 16.04
CA HIS B 70 12.56 -47.27 15.07
C HIS B 70 11.86 -48.63 15.23
N PRO B 71 10.59 -48.71 14.79
CA PRO B 71 9.68 -49.76 15.26
C PRO B 71 9.88 -51.14 14.64
N ALA B 72 10.23 -52.10 15.48
CA ALA B 72 10.22 -53.50 15.07
C ALA B 72 8.79 -53.97 14.91
N TYR B 73 8.42 -54.35 13.69
CA TYR B 73 7.05 -54.79 13.48
C TYR B 73 6.86 -56.20 14.04
N ILE B 74 6.02 -56.33 15.06
CA ILE B 74 5.75 -57.61 15.67
C ILE B 74 4.54 -58.22 14.95
N THR B 75 4.85 -58.86 13.83
CA THR B 75 3.85 -59.34 12.87
C THR B 75 3.26 -60.70 13.20
N LYS B 76 2.19 -61.04 12.49
CA LYS B 76 1.59 -62.38 12.61
C LYS B 76 2.67 -63.48 12.50
N GLU B 77 3.48 -63.42 11.45
CA GLU B 77 4.51 -64.46 11.25
C GLU B 77 5.55 -64.50 12.36
N ARG B 78 5.95 -63.33 12.84
CA ARG B 78 6.95 -63.28 13.89
C ARG B 78 6.41 -63.86 15.19
N ILE B 79 5.14 -63.56 15.47
CA ILE B 79 4.50 -64.09 16.65
C ILE B 79 4.44 -65.62 16.56
N ASP B 80 4.12 -66.14 15.37
CA ASP B 80 4.15 -67.59 15.14
C ASP B 80 5.51 -68.21 15.46
N LYS B 81 6.57 -67.57 14.98
CA LYS B 81 7.92 -68.10 15.12
C LYS B 81 8.52 -67.88 16.51
N ALA B 82 7.95 -66.99 17.31
CA ALA B 82 8.54 -66.68 18.62
C ALA B 82 8.08 -67.64 19.71
N LYS B 83 8.77 -68.77 19.76
CA LYS B 83 8.34 -69.90 20.56
C LYS B 83 8.51 -69.73 22.04
N LYS B 84 9.30 -68.74 22.47
CA LYS B 84 9.52 -68.54 23.89
C LYS B 84 9.05 -67.17 24.34
N LEU B 85 8.40 -66.43 23.45
CA LEU B 85 8.00 -65.05 23.75
C LEU B 85 7.00 -64.98 24.91
N LYS B 86 7.32 -64.15 25.90
CA LYS B 86 6.48 -64.00 27.09
C LYS B 86 6.08 -62.53 27.28
N LEU B 87 6.86 -61.64 26.70
CA LEU B 87 6.71 -60.21 26.96
C LEU B 87 7.23 -59.34 25.83
N VAL B 88 6.39 -58.40 25.42
CA VAL B 88 6.80 -57.37 24.46
C VAL B 88 6.69 -56.03 25.17
N VAL B 89 7.75 -55.23 25.10
CA VAL B 89 7.74 -53.92 25.75
C VAL B 89 7.94 -52.81 24.72
N VAL B 90 7.18 -51.73 24.88
CA VAL B 90 7.47 -50.50 24.17
C VAL B 90 8.18 -49.55 25.13
N ALA B 91 9.44 -49.25 24.81
CA ALA B 91 10.26 -48.30 25.56
C ALA B 91 9.87 -46.92 25.09
N GLY B 92 8.70 -46.50 25.53
CA GLY B 92 8.01 -45.37 24.95
C GLY B 92 6.54 -45.59 24.98
N VAL B 93 5.82 -44.90 24.08
CA VAL B 93 4.38 -45.01 24.01
C VAL B 93 3.98 -45.08 22.57
N GLY B 94 3.21 -46.11 22.22
CA GLY B 94 2.80 -46.33 20.85
C GLY B 94 2.98 -47.78 20.48
N SER B 95 1.90 -48.47 20.15
CA SER B 95 1.98 -49.90 19.83
C SER B 95 1.46 -50.22 18.43
N ASP B 96 1.37 -49.22 17.57
CA ASP B 96 0.89 -49.40 16.19
C ASP B 96 1.58 -50.57 15.48
N HIS B 97 2.85 -50.77 15.84
CA HIS B 97 3.75 -51.69 15.16
C HIS B 97 3.60 -53.14 15.64
N ILE B 98 2.72 -53.34 16.61
CA ILE B 98 2.52 -54.66 17.22
C ILE B 98 1.14 -55.20 16.83
N ASP B 99 1.07 -56.43 16.34
CA ASP B 99 -0.22 -57.02 16.00
C ASP B 99 -0.93 -57.55 17.26
N LEU B 100 -1.53 -56.63 18.03
CA LEU B 100 -2.12 -56.95 19.31
C LEU B 100 -3.31 -57.87 19.14
N ASP B 101 -4.09 -57.58 18.09
CA ASP B 101 -5.23 -58.41 17.75
C ASP B 101 -4.83 -59.88 17.59
N TYR B 102 -3.73 -60.13 16.88
CA TYR B 102 -3.32 -61.49 16.64
C TYR B 102 -2.83 -62.13 17.94
N ILE B 103 -2.01 -61.41 18.70
CA ILE B 103 -1.50 -61.94 19.95
C ILE B 103 -2.71 -62.41 20.78
N ASN B 104 -3.71 -61.55 20.90
CA ASN B 104 -4.90 -61.88 21.68
C ASN B 104 -5.63 -63.12 21.14
N GLN B 105 -5.78 -63.16 19.84
CA GLN B 105 -6.49 -64.27 19.21
C GLN B 105 -5.81 -65.64 19.42
N THR B 106 -4.47 -65.63 19.43
CA THR B 106 -3.69 -66.86 19.55
C THR B 106 -3.91 -67.58 20.87
N GLY B 107 -4.23 -66.83 21.92
CA GLY B 107 -4.37 -67.39 23.26
C GLY B 107 -3.06 -67.54 24.02
N LYS B 108 -1.93 -67.18 23.39
CA LYS B 108 -0.64 -67.23 24.03
C LYS B 108 -0.55 -66.23 25.18
N LYS B 109 0.21 -66.61 26.19
CA LYS B 109 0.32 -65.82 27.41
C LYS B 109 1.45 -64.80 27.23
N ILE B 110 1.19 -63.84 26.35
CA ILE B 110 2.15 -62.80 26.05
C ILE B 110 1.64 -61.51 26.62
N SER B 111 2.38 -60.92 27.55
CA SER B 111 2.03 -59.59 28.01
C SER B 111 2.67 -58.54 27.14
N VAL B 112 1.95 -57.42 26.92
CA VAL B 112 2.47 -56.29 26.15
C VAL B 112 2.27 -55.04 26.99
N LEU B 113 3.33 -54.29 27.16
CA LEU B 113 3.31 -53.10 27.99
C LEU B 113 4.04 -51.95 27.34
N GLU B 114 3.64 -50.74 27.73
CA GLU B 114 4.33 -49.52 27.34
C GLU B 114 4.47 -48.63 28.56
N VAL B 115 5.32 -47.61 28.46
CA VAL B 115 5.60 -46.73 29.59
C VAL B 115 4.63 -45.56 29.51
N THR B 116 3.37 -45.81 29.86
CA THR B 116 2.32 -44.82 29.78
C THR B 116 2.67 -43.56 30.55
N GLY B 117 2.46 -42.42 29.91
CA GLY B 117 2.73 -41.15 30.55
C GLY B 117 4.11 -40.58 30.31
N SER B 118 5.04 -41.36 29.75
CA SER B 118 6.41 -40.89 29.59
C SER B 118 6.64 -39.92 28.42
N ASN B 119 5.73 -39.93 27.46
CA ASN B 119 5.78 -39.07 26.27
C ASN B 119 5.01 -37.73 26.39
N VAL B 120 4.09 -37.68 27.34
CA VAL B 120 2.96 -36.78 27.24
C VAL B 120 3.36 -35.31 27.40
N VAL B 121 4.22 -35.03 28.38
CA VAL B 121 4.61 -33.64 28.60
C VAL B 121 5.44 -33.18 27.41
N SER B 122 6.33 -34.05 26.93
CA SER B 122 7.18 -33.72 25.79
C SER B 122 6.38 -33.36 24.51
N VAL B 123 5.34 -34.15 24.23
CA VAL B 123 4.51 -33.86 23.05
C VAL B 123 3.70 -32.59 23.30
N ALA B 124 3.12 -32.45 24.48
CA ALA B 124 2.32 -31.27 24.77
C ALA B 124 3.17 -29.98 24.64
N GLU B 125 4.42 -30.02 25.09
CA GLU B 125 5.35 -28.90 24.89
C GLU B 125 5.59 -28.64 23.44
N HIS B 126 5.73 -29.70 22.65
CA HIS B 126 5.95 -29.55 21.21
C HIS B 126 4.75 -28.85 20.56
N VAL B 127 3.54 -29.15 21.04
CA VAL B 127 2.34 -28.50 20.51
C VAL B 127 2.38 -27.01 20.84
N LEU B 128 2.64 -26.67 22.10
CA LEU B 128 2.70 -25.26 22.50
C LEU B 128 3.74 -24.52 21.67
N MET B 129 4.89 -25.16 21.50
CA MET B 129 5.98 -24.57 20.72
C MET B 129 5.53 -24.33 19.30
N THR B 130 4.93 -25.35 18.70
CA THR B 130 4.49 -25.23 17.30
C THR B 130 3.40 -24.16 17.12
N MET B 131 2.45 -24.08 18.05
CA MET B 131 1.45 -23.02 17.98
C MET B 131 2.10 -21.64 17.98
N LEU B 132 3.00 -21.42 18.95
CA LEU B 132 3.67 -20.14 19.07
C LEU B 132 4.49 -19.82 17.83
N VAL B 133 5.26 -20.80 17.38
CA VAL B 133 6.08 -20.62 16.18
C VAL B 133 5.24 -20.25 14.91
N LEU B 134 4.13 -20.95 14.69
CA LEU B 134 3.24 -20.63 13.56
C LEU B 134 2.59 -19.27 13.73
N VAL B 135 1.95 -19.06 14.88
CA VAL B 135 1.16 -17.86 15.12
C VAL B 135 2.03 -16.60 15.09
N ARG B 136 3.24 -16.68 15.64
CA ARG B 136 4.14 -15.52 15.77
C ARG B 136 5.09 -15.43 14.55
N ASN B 137 4.90 -16.33 13.59
CA ASN B 137 5.64 -16.31 12.32
C ASN B 137 7.14 -16.40 12.50
N PHE B 138 7.58 -17.23 13.45
CA PHE B 138 9.01 -17.32 13.77
C PHE B 138 9.88 -17.83 12.61
N VAL B 139 9.41 -18.79 11.80
CA VAL B 139 10.33 -19.46 10.88
C VAL B 139 10.91 -18.47 9.86
N PRO B 140 10.06 -17.69 9.17
CA PRO B 140 10.63 -16.73 8.21
C PRO B 140 11.47 -15.63 8.90
N ALA B 141 11.13 -15.33 10.15
CA ALA B 141 11.89 -14.35 10.95
C ALA B 141 13.33 -14.81 11.20
N HIS B 142 13.48 -16.05 11.65
CA HIS B 142 14.83 -16.58 11.86
C HIS B 142 15.56 -16.73 10.52
N GLU B 143 14.84 -17.07 9.46
CA GLU B 143 15.46 -17.21 8.14
C GLU B 143 16.07 -15.87 7.66
N GLN B 144 15.37 -14.77 7.90
CA GLN B 144 15.94 -13.47 7.59
C GLN B 144 17.32 -13.27 8.24
N ILE B 145 17.39 -13.56 9.52
CA ILE B 145 18.60 -13.30 10.27
C ILE B 145 19.78 -14.11 9.70
N ILE B 146 19.57 -15.38 9.42
CA ILE B 146 20.70 -16.21 9.01
C ILE B 146 21.02 -15.99 7.55
N ASN B 147 20.09 -15.38 6.83
CA ASN B 147 20.35 -14.98 5.45
C ASN B 147 20.86 -13.54 5.34
N HIS B 148 21.17 -12.95 6.48
CA HIS B 148 21.75 -11.62 6.57
C HIS B 148 20.81 -10.52 6.06
N ASP B 149 19.51 -10.74 6.22
CA ASP B 149 18.48 -9.78 5.83
C ASP B 149 17.94 -9.11 7.08
N TRP B 150 17.08 -8.12 6.86
CA TRP B 150 16.39 -7.42 7.93
C TRP B 150 15.24 -6.61 7.33
N GLU B 151 14.03 -7.15 7.44
CA GLU B 151 12.85 -6.46 6.91
C GLU B 151 11.65 -6.82 7.77
N VAL B 152 11.43 -6.03 8.80
CA VAL B 152 10.46 -6.36 9.82
C VAL B 152 9.05 -6.44 9.27
N ALA B 153 8.67 -5.58 8.31
CA ALA B 153 7.31 -5.64 7.76
C ALA B 153 7.01 -6.96 7.08
N ALA B 154 8.00 -7.61 6.49
CA ALA B 154 7.77 -8.91 5.85
C ALA B 154 7.39 -10.00 6.84
N ILE B 155 7.82 -9.83 8.10
CA ILE B 155 7.46 -10.78 9.15
C ILE B 155 6.17 -10.36 9.86
N ALA B 156 6.10 -9.09 10.25
CA ALA B 156 4.99 -8.59 11.05
C ALA B 156 3.64 -8.72 10.35
N LYS B 157 3.63 -8.67 9.02
CA LYS B 157 2.39 -8.74 8.27
C LYS B 157 1.62 -10.04 8.46
N ASP B 158 2.23 -11.08 9.05
CA ASP B 158 1.50 -12.31 9.32
C ASP B 158 1.87 -12.90 10.68
N ALA B 159 2.12 -12.02 11.62
CA ALA B 159 2.48 -12.40 12.99
C ALA B 159 1.41 -11.90 13.93
N TYR B 160 0.97 -12.80 14.79
CA TYR B 160 -0.05 -12.55 15.79
C TYR B 160 0.38 -12.98 17.19
N ASP B 161 -0.40 -12.62 18.20
CA ASP B 161 -0.25 -13.19 19.54
C ASP B 161 -1.22 -14.37 19.66
N ILE B 162 -0.87 -15.32 20.52
CA ILE B 162 -1.76 -16.42 20.82
C ILE B 162 -2.87 -15.92 21.77
N GLU B 163 -2.58 -14.91 22.59
CA GLU B 163 -3.60 -14.28 23.40
C GLU B 163 -4.79 -13.90 22.53
N GLY B 164 -6.01 -14.13 23.02
CA GLY B 164 -7.21 -13.72 22.32
C GLY B 164 -7.67 -14.61 21.17
N LYS B 165 -6.96 -15.71 20.96
CA LYS B 165 -7.36 -16.67 19.95
C LYS B 165 -8.26 -17.75 20.57
N THR B 166 -9.15 -18.30 19.75
CA THR B 166 -9.94 -19.45 20.14
C THR B 166 -9.21 -20.71 19.69
N ILE B 167 -8.91 -21.57 20.67
CA ILE B 167 -8.06 -22.73 20.49
C ILE B 167 -8.86 -24.01 20.80
N ALA B 168 -8.90 -24.91 19.84
CA ALA B 168 -9.65 -26.16 19.95
C ALA B 168 -8.74 -27.36 19.84
N THR B 169 -8.94 -28.34 20.74
CA THR B 169 -8.25 -29.61 20.62
C THR B 169 -9.24 -30.71 20.24
N ILE B 170 -8.82 -31.53 19.30
CA ILE B 170 -9.52 -32.74 18.94
C ILE B 170 -8.87 -33.85 19.76
N GLY B 171 -9.55 -34.20 20.84
CA GLY B 171 -9.04 -35.17 21.78
C GLY B 171 -8.55 -34.42 23.01
N ALA B 172 -9.01 -34.86 24.18
CA ALA B 172 -8.61 -34.23 25.43
C ALA B 172 -8.12 -35.26 26.44
N GLY B 173 -7.43 -36.27 25.94
CA GLY B 173 -6.75 -37.25 26.78
C GLY B 173 -5.48 -36.67 27.40
N ARG B 174 -4.51 -37.54 27.68
CA ARG B 174 -3.36 -37.13 28.48
C ARG B 174 -2.63 -35.96 27.80
N ILE B 175 -2.38 -36.08 26.51
CA ILE B 175 -1.67 -34.99 25.83
C ILE B 175 -2.55 -33.75 25.64
N GLY B 176 -3.73 -33.94 25.08
CA GLY B 176 -4.59 -32.80 24.81
C GLY B 176 -4.91 -31.99 26.06
N TYR B 177 -5.13 -32.67 27.17
CA TYR B 177 -5.45 -31.93 28.40
C TYR B 177 -4.24 -31.16 28.89
N ARG B 178 -3.05 -31.74 28.78
CA ARG B 178 -1.86 -31.02 29.20
C ARG B 178 -1.54 -29.83 28.27
N VAL B 179 -1.95 -29.93 27.01
CA VAL B 179 -1.89 -28.78 26.10
C VAL B 179 -2.81 -27.66 26.59
N LEU B 180 -4.03 -28.01 26.97
CA LEU B 180 -4.95 -27.02 27.51
C LEU B 180 -4.43 -26.40 28.80
N GLU B 181 -3.89 -27.21 29.71
CA GLU B 181 -3.31 -26.66 30.94
C GLU B 181 -2.23 -25.60 30.66
N ARG B 182 -1.38 -25.87 29.68
CA ARG B 182 -0.28 -24.96 29.37
C ARG B 182 -0.79 -23.69 28.67
N LEU B 183 -1.92 -23.80 27.96
CA LEU B 183 -2.48 -22.63 27.30
C LEU B 183 -3.17 -21.63 28.25
N VAL B 184 -3.63 -22.07 29.42
CA VAL B 184 -4.43 -21.21 30.29
C VAL B 184 -3.81 -19.83 30.53
N PRO B 185 -2.54 -19.75 30.97
CA PRO B 185 -1.98 -18.41 31.27
C PRO B 185 -1.64 -17.58 30.04
N PHE B 186 -1.82 -18.10 28.83
CA PHE B 186 -1.63 -17.29 27.64
C PHE B 186 -2.86 -16.45 27.31
N ASN B 187 -3.93 -16.60 28.11
CA ASN B 187 -5.15 -15.81 27.96
C ASN B 187 -5.81 -15.95 26.58
N PRO B 188 -6.03 -17.19 26.17
CA PRO B 188 -6.83 -17.43 24.95
C PRO B 188 -8.22 -16.86 25.11
N LYS B 189 -8.88 -16.57 24.00
CA LYS B 189 -10.25 -16.10 24.10
C LYS B 189 -11.08 -17.19 24.72
N GLU B 190 -10.85 -18.41 24.24
CA GLU B 190 -11.52 -19.59 24.79
C GLU B 190 -10.77 -20.86 24.44
N LEU B 191 -10.86 -21.86 25.30
CA LEU B 191 -10.39 -23.21 24.99
C LEU B 191 -11.56 -24.14 24.79
N LEU B 192 -11.49 -24.90 23.71
CA LEU B 192 -12.54 -25.82 23.29
C LEU B 192 -11.97 -27.19 23.09
N TYR B 193 -12.82 -28.20 23.27
CA TYR B 193 -12.40 -29.56 22.95
C TYR B 193 -13.54 -30.38 22.41
N TYR B 194 -13.16 -31.31 21.55
CA TYR B 194 -14.04 -32.37 21.09
C TYR B 194 -13.46 -33.70 21.53
N ASP B 195 -14.30 -34.57 22.10
CA ASP B 195 -13.82 -35.90 22.48
C ASP B 195 -15.01 -36.84 22.64
N TYR B 196 -14.69 -38.13 22.72
CA TYR B 196 -15.69 -39.19 22.77
C TYR B 196 -16.21 -39.34 24.20
N GLN B 197 -15.55 -38.70 25.14
CA GLN B 197 -16.03 -38.65 26.50
C GLN B 197 -15.77 -37.28 27.06
N ALA B 198 -16.56 -36.90 28.06
CA ALA B 198 -16.34 -35.61 28.73
C ALA B 198 -15.09 -35.65 29.59
N LEU B 199 -14.44 -34.50 29.69
CA LEU B 199 -13.50 -34.25 30.74
C LEU B 199 -14.31 -34.27 32.03
N PRO B 200 -13.76 -34.88 33.10
CA PRO B 200 -14.41 -34.74 34.39
C PRO B 200 -14.64 -33.26 34.68
N LYS B 201 -15.68 -32.95 35.45
CA LYS B 201 -16.11 -31.56 35.57
C LYS B 201 -15.05 -30.65 36.18
N ASP B 202 -14.27 -31.18 37.11
CA ASP B 202 -13.31 -30.33 37.80
C ASP B 202 -12.12 -30.11 36.89
N ALA B 203 -11.76 -31.10 36.08
CA ALA B 203 -10.71 -30.93 35.06
C ALA B 203 -11.11 -29.87 34.04
N GLU B 204 -12.37 -29.94 33.60
CA GLU B 204 -12.90 -29.00 32.65
C GLU B 204 -12.79 -27.57 33.16
N GLU B 205 -13.22 -27.40 34.41
CA GLU B 205 -13.27 -26.07 35.02
C GLU B 205 -11.87 -25.54 35.25
N LYS B 206 -10.93 -26.44 35.52
CA LYS B 206 -9.56 -26.04 35.83
C LYS B 206 -8.92 -25.29 34.66
N VAL B 207 -9.29 -25.66 33.43
CA VAL B 207 -8.73 -25.00 32.25
C VAL B 207 -9.76 -24.14 31.52
N GLY B 208 -10.96 -24.01 32.07
CA GLY B 208 -12.00 -23.20 31.47
C GLY B 208 -12.43 -23.68 30.09
N ALA B 209 -12.33 -24.99 29.86
CA ALA B 209 -12.69 -25.58 28.57
C ALA B 209 -14.18 -25.74 28.38
N ARG B 210 -14.61 -25.53 27.14
CA ARG B 210 -15.99 -25.82 26.71
C ARG B 210 -15.98 -26.99 25.74
N ARG B 211 -16.79 -28.01 26.01
CA ARG B 211 -16.92 -29.11 25.09
C ARG B 211 -17.84 -28.76 23.93
N VAL B 212 -17.40 -29.11 22.74
CA VAL B 212 -18.18 -28.91 21.53
C VAL B 212 -18.54 -30.30 21.02
N GLU B 213 -19.80 -30.52 20.71
CA GLU B 213 -20.27 -31.87 20.47
C GLU B 213 -19.96 -32.45 19.10
N ASN B 214 -19.77 -31.63 18.06
CA ASN B 214 -19.28 -32.18 16.80
C ASN B 214 -18.15 -31.40 16.16
N ILE B 215 -17.37 -32.13 15.36
CA ILE B 215 -16.08 -31.64 14.90
C ILE B 215 -16.22 -30.45 13.96
N GLU B 216 -17.23 -30.44 13.10
CA GLU B 216 -17.42 -29.33 12.17
CA GLU B 216 -17.38 -29.30 12.17
C GLU B 216 -17.66 -28.03 12.96
N GLU B 217 -18.52 -28.12 13.98
CA GLU B 217 -18.84 -26.96 14.79
C GLU B 217 -17.57 -26.49 15.52
N LEU B 218 -16.78 -27.45 15.97
CA LEU B 218 -15.52 -27.17 16.65
C LEU B 218 -14.57 -26.41 15.75
N VAL B 219 -14.26 -26.95 14.58
CA VAL B 219 -13.22 -26.32 13.77
C VAL B 219 -13.70 -24.98 13.18
N ALA B 220 -15.01 -24.85 12.97
CA ALA B 220 -15.55 -23.66 12.35
C ALA B 220 -15.33 -22.39 13.14
N GLN B 221 -15.14 -22.49 14.45
CA GLN B 221 -15.00 -21.33 15.30
C GLN B 221 -13.60 -21.14 15.84
N ALA B 222 -12.69 -22.01 15.41
CA ALA B 222 -11.35 -22.06 16.03
C ALA B 222 -10.32 -21.31 15.20
N ASP B 223 -9.54 -20.44 15.83
CA ASP B 223 -8.38 -19.87 15.15
C ASP B 223 -7.22 -20.85 15.03
N ILE B 224 -7.10 -21.68 16.06
CA ILE B 224 -6.03 -22.67 16.18
C ILE B 224 -6.67 -24.01 16.52
N VAL B 225 -6.27 -25.02 15.77
CA VAL B 225 -6.76 -26.40 15.98
C VAL B 225 -5.56 -27.29 16.22
N THR B 226 -5.63 -28.15 17.24
CA THR B 226 -4.57 -29.10 17.51
C THR B 226 -5.16 -30.51 17.65
N ILE B 227 -4.51 -31.47 17.04
CA ILE B 227 -4.98 -32.86 17.03
C ILE B 227 -4.22 -33.67 18.08
N ASN B 228 -4.98 -34.20 19.04
CA ASN B 228 -4.45 -35.00 20.14
C ASN B 228 -5.37 -36.20 20.40
N ALA B 229 -5.65 -36.94 19.34
CA ALA B 229 -6.54 -38.10 19.40
C ALA B 229 -5.85 -39.33 18.86
N PRO B 230 -6.32 -40.51 19.29
CA PRO B 230 -5.80 -41.74 18.69
C PRO B 230 -6.24 -41.91 17.25
N LEU B 231 -5.45 -42.65 16.50
CA LEU B 231 -5.76 -43.07 15.15
C LEU B 231 -6.65 -44.31 15.20
N HIS B 232 -7.87 -44.18 14.70
CA HIS B 232 -8.77 -45.30 14.51
C HIS B 232 -9.72 -44.97 13.37
N ALA B 233 -10.80 -45.75 13.22
CA ALA B 233 -11.66 -45.61 12.06
C ALA B 233 -12.34 -44.25 12.01
N GLY B 234 -12.60 -43.69 13.18
CA GLY B 234 -13.22 -42.36 13.27
C GLY B 234 -12.29 -41.19 12.96
N THR B 235 -10.99 -41.39 13.07
CA THR B 235 -10.04 -40.30 12.85
C THR B 235 -9.17 -40.48 11.61
N LYS B 236 -9.12 -41.69 11.06
CA LYS B 236 -8.32 -41.92 9.86
C LYS B 236 -8.83 -41.04 8.72
N GLY B 237 -7.95 -40.20 8.18
CA GLY B 237 -8.33 -39.34 7.08
C GLY B 237 -9.36 -38.29 7.47
N LEU B 238 -9.45 -37.99 8.76
CA LEU B 238 -10.43 -37.03 9.27
C LEU B 238 -10.20 -35.63 8.70
N ILE B 239 -8.95 -35.19 8.65
CA ILE B 239 -8.65 -33.86 8.12
C ILE B 239 -8.45 -33.98 6.61
N ASN B 240 -9.55 -33.89 5.88
CA ASN B 240 -9.53 -33.95 4.44
C ASN B 240 -10.03 -32.65 3.85
N LYS B 241 -10.11 -32.57 2.53
CA LYS B 241 -10.46 -31.30 1.91
C LYS B 241 -11.83 -30.79 2.34
N GLU B 242 -12.77 -31.70 2.49
CA GLU B 242 -14.13 -31.33 2.87
C GLU B 242 -14.16 -30.69 4.27
N LEU B 243 -13.53 -31.34 5.24
CA LEU B 243 -13.53 -30.79 6.59
C LEU B 243 -12.70 -29.49 6.63
N LEU B 244 -11.58 -29.44 5.91
CA LEU B 244 -10.72 -28.27 5.91
C LEU B 244 -11.51 -27.07 5.39
N SER B 245 -12.44 -27.32 4.48
CA SER B 245 -13.29 -26.24 3.96
C SER B 245 -14.20 -25.62 5.03
N LYS B 246 -14.40 -26.31 6.17
CA LYS B 246 -15.21 -25.78 7.27
C LYS B 246 -14.39 -25.08 8.36
N PHE B 247 -13.06 -25.20 8.29
CA PHE B 247 -12.17 -24.43 9.18
C PHE B 247 -12.39 -22.93 8.97
N LYS B 248 -12.13 -22.16 10.00
CA LYS B 248 -12.03 -20.72 9.86
C LYS B 248 -11.00 -20.40 8.79
N LYS B 249 -11.29 -19.43 7.94
CA LYS B 249 -10.31 -19.04 6.91
C LYS B 249 -9.05 -18.49 7.59
N GLY B 250 -7.88 -19.03 7.24
CA GLY B 250 -6.61 -18.56 7.79
C GLY B 250 -6.26 -19.18 9.14
N ALA B 251 -6.83 -20.34 9.41
CA ALA B 251 -6.58 -21.00 10.71
C ALA B 251 -5.18 -21.61 10.77
N TRP B 252 -4.70 -21.90 11.98
CA TRP B 252 -3.44 -22.61 12.17
C TRP B 252 -3.77 -24.02 12.67
N LEU B 253 -3.12 -25.03 12.12
CA LEU B 253 -3.40 -26.43 12.45
C LEU B 253 -2.13 -27.14 12.89
N VAL B 254 -2.22 -27.84 14.02
CA VAL B 254 -1.08 -28.55 14.60
C VAL B 254 -1.48 -30.00 14.82
N ASN B 255 -0.60 -30.90 14.41
CA ASN B 255 -0.83 -32.35 14.53
C ASN B 255 0.46 -33.05 14.96
N THR B 256 0.44 -33.51 16.20
CA THR B 256 1.51 -34.28 16.79
C THR B 256 1.00 -35.66 17.17
N ALA B 257 -0.14 -36.04 16.60
CA ALA B 257 -0.81 -37.29 16.97
C ALA B 257 -0.38 -38.42 16.03
N ARG B 258 -1.03 -38.49 14.86
CA ARG B 258 -0.63 -39.41 13.80
C ARG B 258 -0.85 -38.73 12.45
N GLY B 259 0.10 -38.93 11.55
CA GLY B 259 0.01 -38.41 10.18
C GLY B 259 -1.24 -38.80 9.43
N ALA B 260 -1.60 -40.07 9.50
CA ALA B 260 -2.78 -40.58 8.78
C ALA B 260 -4.13 -39.99 9.21
N ILE B 261 -4.16 -39.22 10.30
CA ILE B 261 -5.37 -38.49 10.65
C ILE B 261 -5.65 -37.42 9.62
N CYS B 262 -4.61 -37.01 8.89
CA CYS B 262 -4.74 -36.05 7.78
C CYS B 262 -4.61 -36.72 6.41
N VAL B 263 -5.30 -36.18 5.43
CA VAL B 263 -5.00 -36.50 4.03
C VAL B 263 -3.93 -35.52 3.57
N ALA B 264 -2.75 -36.04 3.25
CA ALA B 264 -1.56 -35.20 3.11
C ALA B 264 -1.73 -34.10 2.06
N GLU B 265 -2.20 -34.47 0.88
CA GLU B 265 -2.29 -33.48 -0.19
C GLU B 265 -3.37 -32.49 0.08
N ASP B 266 -4.41 -32.88 0.82
CA ASP B 266 -5.48 -31.94 1.14
C ASP B 266 -4.98 -30.82 2.11
N VAL B 267 -4.17 -31.19 3.10
CA VAL B 267 -3.59 -30.18 4.01
C VAL B 267 -2.68 -29.23 3.21
N ALA B 268 -1.85 -29.78 2.33
CA ALA B 268 -0.97 -28.94 1.51
C ALA B 268 -1.76 -27.95 0.66
N ALA B 269 -2.80 -28.44 -0.02
CA ALA B 269 -3.64 -27.57 -0.82
C ALA B 269 -4.27 -26.47 0.03
N ALA B 270 -4.67 -26.79 1.27
CA ALA B 270 -5.35 -25.82 2.10
C ALA B 270 -4.37 -24.71 2.55
N LEU B 271 -3.13 -25.08 2.76
CA LEU B 271 -2.11 -24.09 3.14
C LEU B 271 -1.78 -23.20 1.95
N GLU B 272 -1.65 -23.79 0.76
CA GLU B 272 -1.33 -22.97 -0.42
C GLU B 272 -2.49 -22.04 -0.81
N SER B 273 -3.72 -22.48 -0.56
CA SER B 273 -4.89 -21.69 -0.92
C SER B 273 -5.19 -20.60 0.08
N GLY B 274 -4.64 -20.70 1.31
CA GLY B 274 -4.97 -19.75 2.35
C GLY B 274 -6.07 -20.17 3.32
N GLN B 275 -6.71 -21.31 3.04
CA GLN B 275 -7.63 -21.93 3.98
C GLN B 275 -6.92 -22.12 5.33
N LEU B 276 -5.66 -22.53 5.28
CA LEU B 276 -4.80 -22.49 6.47
C LEU B 276 -3.72 -21.44 6.30
N ARG B 277 -3.37 -20.81 7.41
CA ARG B 277 -2.28 -19.88 7.46
C ARG B 277 -0.97 -20.61 7.76
N GLY B 278 -1.08 -21.71 8.49
CA GLY B 278 0.09 -22.48 8.87
C GLY B 278 -0.29 -23.89 9.31
N TYR B 279 0.67 -24.79 9.14
CA TYR B 279 0.53 -26.17 9.58
C TYR B 279 1.87 -26.62 10.16
N GLY B 280 1.84 -27.38 11.24
CA GLY B 280 3.06 -27.93 11.76
C GLY B 280 2.80 -29.09 12.68
N GLY B 281 3.87 -29.68 13.17
CA GLY B 281 3.77 -30.93 13.87
C GLY B 281 4.96 -31.79 13.50
N ASP B 282 5.00 -32.98 14.07
CA ASP B 282 6.17 -33.83 13.90
C ASP B 282 5.76 -35.22 13.42
N VAL B 283 4.51 -35.37 12.97
CA VAL B 283 4.06 -36.73 12.57
C VAL B 283 3.71 -36.74 11.10
N TRP B 284 4.01 -37.86 10.46
CA TRP B 284 3.92 -37.99 9.04
C TRP B 284 3.30 -39.32 8.62
N PHE B 285 2.76 -39.34 7.42
CA PHE B 285 2.27 -40.58 6.81
C PHE B 285 2.51 -40.52 5.30
N PRO B 286 3.33 -41.45 4.75
CA PRO B 286 4.16 -42.44 5.44
C PRO B 286 5.28 -41.83 6.31
N GLN B 287 5.80 -42.63 7.23
CA GLN B 287 6.85 -42.22 8.18
C GLN B 287 7.94 -43.29 8.32
N PRO B 288 9.24 -42.90 8.24
CA PRO B 288 9.82 -41.59 7.92
C PRO B 288 9.29 -41.02 6.61
N ALA B 289 9.26 -39.70 6.51
CA ALA B 289 8.73 -39.03 5.34
C ALA B 289 9.67 -39.17 4.14
N PRO B 290 9.14 -39.60 3.01
CA PRO B 290 10.03 -39.54 1.84
C PRO B 290 10.42 -38.14 1.48
N LYS B 291 11.47 -38.01 0.66
CA LYS B 291 11.99 -36.69 0.27
C LYS B 291 10.93 -35.88 -0.46
N ASP B 292 10.07 -36.56 -1.20
CA ASP B 292 9.09 -35.87 -2.00
C ASP B 292 7.77 -35.59 -1.25
N HIS B 293 7.73 -35.92 0.03
CA HIS B 293 6.48 -35.78 0.79
C HIS B 293 6.01 -34.32 0.74
N PRO B 294 4.74 -34.06 0.39
CA PRO B 294 4.29 -32.68 0.13
C PRO B 294 4.37 -31.73 1.33
N TRP B 295 4.42 -32.28 2.54
CA TRP B 295 4.54 -31.44 3.74
C TRP B 295 5.94 -30.88 3.93
N ARG B 296 6.94 -31.36 3.20
CA ARG B 296 8.26 -30.74 3.31
C ARG B 296 8.29 -29.36 2.66
N ASP B 297 7.73 -29.25 1.46
CA ASP B 297 7.88 -28.05 0.62
C ASP B 297 6.65 -27.15 0.62
N MET B 298 5.54 -27.60 1.20
CA MET B 298 4.33 -26.78 1.22
C MET B 298 4.60 -25.49 2.02
N ARG B 299 4.06 -24.40 1.52
CA ARG B 299 4.16 -23.10 2.16
C ARG B 299 2.84 -22.36 1.93
N ASN B 300 2.58 -21.36 2.77
CA ASN B 300 1.52 -20.39 2.49
C ASN B 300 1.97 -19.38 1.42
N LYS B 301 1.09 -18.45 1.08
CA LYS B 301 1.33 -17.46 0.04
C LYS B 301 2.55 -16.55 0.28
N TYR B 302 2.99 -16.42 1.53
CA TYR B 302 4.15 -15.63 1.88
C TYR B 302 5.40 -16.45 1.97
N GLY B 303 5.32 -17.73 1.65
CA GLY B 303 6.48 -18.61 1.70
C GLY B 303 6.81 -19.14 3.10
N ALA B 304 5.82 -19.10 3.98
CA ALA B 304 5.99 -19.54 5.34
C ALA B 304 4.85 -20.45 5.72
N GLY B 305 4.49 -20.48 7.01
CA GLY B 305 3.36 -21.26 7.45
C GLY B 305 3.67 -22.75 7.56
N ASN B 306 4.95 -23.09 7.57
CA ASN B 306 5.41 -24.48 7.73
C ASN B 306 6.31 -24.60 8.94
N ALA B 307 5.86 -25.38 9.93
CA ALA B 307 6.65 -25.64 11.12
C ALA B 307 6.80 -27.15 11.36
N MET B 308 6.98 -27.90 10.28
CA MET B 308 7.20 -29.33 10.37
C MET B 308 8.59 -29.66 10.93
N THR B 309 8.67 -30.75 11.68
CA THR B 309 9.90 -31.36 12.13
C THR B 309 9.80 -32.86 11.87
N PRO B 310 10.93 -33.56 11.91
CA PRO B 310 10.84 -35.02 11.90
C PRO B 310 10.18 -35.48 13.20
N HIS B 311 9.83 -36.74 13.27
CA HIS B 311 9.16 -37.28 14.44
C HIS B 311 10.13 -37.47 15.59
N TYR B 312 10.16 -36.50 16.49
CA TYR B 312 11.16 -36.53 17.55
C TYR B 312 10.65 -35.97 18.88
N SER B 313 9.43 -35.42 18.92
CA SER B 313 9.01 -34.73 20.15
C SER B 313 9.09 -35.65 21.35
N GLY B 314 8.71 -36.89 21.18
CA GLY B 314 8.71 -37.84 22.29
C GLY B 314 10.06 -38.52 22.54
N THR B 315 11.11 -38.02 21.91
CA THR B 315 12.40 -38.63 22.14
C THR B 315 13.44 -37.59 22.54
N THR B 316 12.99 -36.54 23.23
CA THR B 316 13.91 -35.63 23.95
C THR B 316 14.65 -36.44 24.98
N LEU B 317 15.74 -35.89 25.48
CA LEU B 317 16.57 -36.61 26.44
C LEU B 317 15.83 -36.85 27.75
N ASP B 318 14.92 -35.95 28.11
CA ASP B 318 14.15 -36.17 29.34
C ASP B 318 13.11 -37.28 29.18
N ALA B 319 12.44 -37.33 28.02
CA ALA B 319 11.57 -38.47 27.74
C ALA B 319 12.35 -39.78 27.75
N GLN B 320 13.54 -39.79 27.16
CA GLN B 320 14.29 -41.04 27.04
C GLN B 320 14.69 -41.63 28.41
N THR B 321 15.03 -40.76 29.35
CA THR B 321 15.26 -41.20 30.73
C THR B 321 14.02 -41.86 31.33
N ARG B 322 12.86 -41.25 31.10
CA ARG B 322 11.63 -41.83 31.61
C ARG B 322 11.38 -43.20 30.98
N TYR B 323 11.68 -43.32 29.68
CA TYR B 323 11.48 -44.61 28.96
C TYR B 323 12.38 -45.71 29.50
N ALA B 324 13.64 -45.33 29.70
CA ALA B 324 14.64 -46.26 30.20
C ALA B 324 14.26 -46.75 31.58
N GLU B 325 13.93 -45.83 32.46
CA GLU B 325 13.53 -46.18 33.83
C GLU B 325 12.24 -46.99 33.85
N GLY B 326 11.31 -46.63 32.96
CA GLY B 326 10.02 -47.28 32.94
C GLY B 326 10.16 -48.68 32.37
N THR B 327 11.11 -48.85 31.46
CA THR B 327 11.35 -50.15 30.86
C THR B 327 11.93 -51.05 31.95
N LYS B 328 12.86 -50.50 32.72
CA LYS B 328 13.47 -51.27 33.81
C LYS B 328 12.41 -51.71 34.81
N ASN B 329 11.50 -50.81 35.17
CA ASN B 329 10.43 -51.18 36.10
C ASN B 329 9.53 -52.30 35.59
N ILE B 330 9.13 -52.24 34.33
CA ILE B 330 8.34 -53.30 33.73
C ILE B 330 9.10 -54.65 33.75
N LEU B 331 10.37 -54.61 33.34
CA LEU B 331 11.18 -55.81 33.29
C LEU B 331 11.32 -56.42 34.69
N GLU B 332 11.51 -55.57 35.70
CA GLU B 332 11.60 -56.03 37.06
C GLU B 332 10.31 -56.70 37.52
N SER B 333 9.15 -56.12 37.18
CA SER B 333 7.86 -56.70 37.56
C SER B 333 7.74 -58.07 36.93
N PHE B 334 8.25 -58.20 35.72
CA PHE B 334 8.22 -59.47 35.04
C PHE B 334 9.22 -60.48 35.63
N PHE B 335 10.49 -60.11 35.76
CA PHE B 335 11.55 -61.07 36.20
C PHE B 335 11.27 -61.66 37.58
N THR B 336 10.69 -60.85 38.46
CA THR B 336 10.45 -61.25 39.84
C THR B 336 9.25 -62.16 39.96
N GLY B 337 8.45 -62.22 38.90
CA GLY B 337 7.20 -62.95 38.91
C GLY B 337 6.13 -62.27 39.76
N LYS B 338 6.38 -61.04 40.20
CA LYS B 338 5.34 -60.33 40.93
C LYS B 338 4.25 -59.84 40.00
N PHE B 339 4.65 -59.50 38.78
CA PHE B 339 3.74 -58.92 37.77
C PHE B 339 2.98 -57.75 38.38
N ASP B 340 3.66 -56.99 39.21
CA ASP B 340 3.07 -55.84 39.86
C ASP B 340 3.23 -54.63 38.94
N TYR B 341 2.73 -54.77 37.71
CA TYR B 341 2.82 -53.68 36.73
C TYR B 341 1.94 -52.51 37.11
N ARG B 342 2.31 -51.31 36.68
CA ARG B 342 1.39 -50.19 36.74
C ARG B 342 0.21 -50.50 35.82
N PRO B 343 -1.03 -50.35 36.32
CA PRO B 343 -2.19 -50.72 35.51
C PRO B 343 -2.24 -49.94 34.20
N GLN B 344 -1.77 -48.69 34.23
CA GLN B 344 -1.85 -47.85 33.03
C GLN B 344 -0.84 -48.32 31.98
N ASP B 345 0.18 -49.07 32.40
CA ASP B 345 1.19 -49.55 31.44
C ASP B 345 0.71 -50.75 30.63
N ILE B 346 -0.33 -51.43 31.11
CA ILE B 346 -0.71 -52.69 30.52
C ILE B 346 -1.52 -52.49 29.23
N ILE B 347 -1.03 -53.12 28.15
CA ILE B 347 -1.78 -53.21 26.90
C ILE B 347 -2.48 -54.58 26.82
N LEU B 348 -1.70 -55.65 26.95
CA LEU B 348 -2.24 -57.00 27.12
C LEU B 348 -1.59 -57.60 28.36
N LEU B 349 -2.39 -58.32 29.16
CA LEU B 349 -1.87 -59.08 30.27
C LEU B 349 -2.05 -60.54 29.92
N ASN B 350 -0.94 -61.23 29.71
CA ASN B 350 -0.95 -62.61 29.21
C ASN B 350 -1.98 -62.85 28.13
N GLY B 351 -1.94 -61.94 27.17
CA GLY B 351 -2.71 -62.07 25.97
C GLY B 351 -4.06 -61.39 26.00
N GLU B 352 -4.51 -60.97 27.17
CA GLU B 352 -5.88 -60.47 27.35
C GLU B 352 -5.92 -58.97 27.39
N TYR B 353 -6.97 -58.37 26.81
CA TYR B 353 -7.12 -56.92 26.95
C TYR B 353 -7.56 -56.51 28.37
N MET C 1 -1.80 64.47 -37.23
CA MET C 1 -1.50 64.26 -35.79
C MET C 1 -0.43 63.21 -35.59
N LYS C 2 0.15 63.19 -34.40
CA LYS C 2 1.21 62.24 -34.08
C LYS C 2 0.70 61.15 -33.13
N ILE C 3 0.87 59.91 -33.52
CA ILE C 3 0.38 58.79 -32.70
C ILE C 3 1.57 57.99 -32.27
N VAL C 4 1.66 57.69 -30.97
CA VAL C 4 2.73 56.89 -30.45
C VAL C 4 2.14 55.54 -30.02
N LEU C 5 2.63 54.49 -30.66
CA LEU C 5 2.11 53.13 -30.49
C LEU C 5 3.15 52.28 -29.77
N VAL C 6 2.81 51.78 -28.59
CA VAL C 6 3.73 51.02 -27.77
C VAL C 6 3.23 49.58 -27.67
N LEU C 7 4.01 48.67 -28.24
CA LEU C 7 3.64 47.25 -28.37
C LEU C 7 4.86 46.38 -28.09
N TYR C 8 4.66 45.07 -27.89
CA TYR C 8 5.79 44.14 -27.72
C TYR C 8 6.42 43.93 -29.08
N ASP C 9 7.70 43.61 -29.10
CA ASP C 9 8.34 43.13 -30.32
C ASP C 9 8.06 41.64 -30.51
N ALA C 10 7.81 41.23 -31.75
CA ALA C 10 7.69 39.81 -32.03
C ALA C 10 8.98 39.30 -32.69
N GLY C 11 9.74 40.20 -33.29
CA GLY C 11 10.98 39.84 -33.95
C GLY C 11 10.69 38.88 -35.08
N LYS C 12 11.48 37.82 -35.16
CA LYS C 12 11.23 36.77 -36.14
C LYS C 12 9.81 36.22 -35.98
N HIS C 13 9.31 36.20 -34.73
CA HIS C 13 7.94 35.73 -34.46
C HIS C 13 6.91 36.47 -35.35
N ALA C 14 7.20 37.71 -35.74
CA ALA C 14 6.33 38.44 -36.66
C ALA C 14 6.61 38.04 -38.10
N LYS C 19 -1.21 38.05 -38.95
CA LYS C 19 -2.37 38.18 -38.06
C LYS C 19 -1.93 38.47 -36.59
N LEU C 20 -0.61 38.51 -36.38
CA LEU C 20 -0.04 38.96 -35.13
C LEU C 20 0.00 40.51 -35.12
N TYR C 21 -1.18 41.10 -35.01
CA TYR C 21 -1.32 42.57 -35.11
C TYR C 21 -0.65 43.31 -33.97
N GLY C 22 -0.62 42.70 -32.79
CA GLY C 22 -0.25 43.41 -31.58
C GLY C 22 1.23 43.55 -31.31
N CYS C 23 2.06 43.56 -32.35
CA CYS C 23 3.49 43.77 -32.17
C CYS C 23 3.97 44.99 -32.97
N THR C 24 5.17 45.46 -32.63
CA THR C 24 5.71 46.66 -33.27
C THR C 24 5.90 46.48 -34.78
N GLU C 25 6.22 45.25 -35.19
CA GLU C 25 6.41 44.96 -36.60
C GLU C 25 5.13 45.16 -37.44
N ASN C 26 3.97 44.81 -36.88
CA ASN C 26 2.74 44.79 -37.66
C ASN C 26 1.77 45.93 -37.34
N LYS C 27 2.04 46.65 -36.25
CA LYS C 27 1.41 47.94 -35.98
C LYS C 27 -0.12 47.96 -35.99
N LEU C 28 -0.72 46.93 -35.39
CA LEU C 28 -2.17 46.77 -35.32
C LEU C 28 -2.86 46.84 -36.69
N GLY C 29 -2.07 46.67 -37.76
CA GLY C 29 -2.60 46.74 -39.11
C GLY C 29 -3.09 48.12 -39.52
N ILE C 30 -2.71 49.15 -38.79
CA ILE C 30 -3.20 50.51 -39.09
C ILE C 30 -2.15 51.48 -39.64
N ALA C 31 -0.93 51.01 -39.92
CA ALA C 31 0.12 51.93 -40.35
C ALA C 31 -0.22 52.65 -41.65
N ASN C 32 -0.77 51.94 -42.64
CA ASN C 32 -1.04 52.58 -43.92
C ASN C 32 -2.29 53.44 -43.82
N TRP C 33 -3.26 52.98 -43.05
CA TRP C 33 -4.49 53.71 -42.85
C TRP C 33 -4.18 55.07 -42.24
N LEU C 34 -3.24 55.10 -41.30
CA LEU C 34 -2.82 56.35 -40.67
C LEU C 34 -2.02 57.22 -41.64
N LYS C 35 -1.07 56.59 -42.31
CA LYS C 35 -0.21 57.31 -43.25
C LYS C 35 -1.06 58.05 -44.29
N ASP C 36 -2.06 57.35 -44.81
CA ASP C 36 -2.88 57.91 -45.88
C ASP C 36 -3.77 59.07 -45.42
N GLN C 37 -3.96 59.19 -44.11
CA GLN C 37 -4.65 60.32 -43.52
C GLN C 37 -3.69 61.42 -43.15
N GLY C 38 -2.41 61.24 -43.47
CA GLY C 38 -1.43 62.26 -43.16
C GLY C 38 -1.00 62.30 -41.70
N HIS C 39 -1.25 61.21 -40.99
CA HIS C 39 -0.82 61.13 -39.58
C HIS C 39 0.53 60.49 -39.51
N GLU C 40 1.23 60.80 -38.43
CA GLU C 40 2.57 60.31 -38.17
C GLU C 40 2.50 59.27 -37.05
N LEU C 41 2.86 58.03 -37.39
CA LEU C 41 2.87 56.92 -36.46
C LEU C 41 4.29 56.58 -36.03
N ILE C 42 4.54 56.70 -34.73
CA ILE C 42 5.76 56.23 -34.09
C ILE C 42 5.43 54.94 -33.33
N THR C 43 6.11 53.86 -33.69
CA THR C 43 5.90 52.56 -33.09
C THR C 43 7.16 52.09 -32.40
N THR C 44 7.03 51.71 -31.14
CA THR C 44 8.19 51.28 -30.36
C THR C 44 7.80 50.36 -29.22
N SER C 45 8.75 49.51 -28.82
CA SER C 45 8.65 48.72 -27.60
C SER C 45 9.47 49.35 -26.48
N ASP C 46 10.21 50.40 -26.81
CA ASP C 46 11.14 51.02 -25.87
C ASP C 46 10.46 52.04 -24.97
N LYS C 47 10.09 51.62 -23.76
CA LYS C 47 9.14 52.36 -22.94
C LYS C 47 9.62 52.60 -21.50
N GLU C 48 10.83 52.14 -21.19
CA GLU C 48 11.42 52.28 -19.85
C GLU C 48 12.71 53.11 -19.92
N GLY C 49 12.91 53.96 -18.93
CA GLY C 49 14.12 54.75 -18.84
C GLY C 49 13.89 56.14 -19.40
N GLY C 50 14.54 57.13 -18.78
CA GLY C 50 14.27 58.51 -19.08
C GLY C 50 14.52 58.91 -20.52
N ASN C 51 15.40 58.17 -21.20
CA ASN C 51 15.67 58.49 -22.59
C ASN C 51 15.01 57.48 -23.52
N SER C 52 13.91 56.88 -23.09
CA SER C 52 13.22 55.90 -23.94
C SER C 52 12.66 56.61 -25.17
N VAL C 53 12.47 55.85 -26.25
CA VAL C 53 11.80 56.34 -27.45
C VAL C 53 10.43 56.91 -27.06
N LEU C 54 9.73 56.22 -26.16
CA LEU C 54 8.45 56.75 -25.70
C LEU C 54 8.62 58.18 -25.15
N ASP C 55 9.54 58.38 -24.23
CA ASP C 55 9.69 59.70 -23.61
C ASP C 55 10.18 60.77 -24.61
N GLN C 56 10.91 60.34 -25.64
CA GLN C 56 11.32 61.27 -26.69
C GLN C 56 10.14 61.80 -27.46
N HIS C 57 9.07 61.00 -27.60
CA HIS C 57 7.91 61.41 -28.41
C HIS C 57 6.69 61.85 -27.60
N ILE C 58 6.77 61.72 -26.28
CA ILE C 58 5.70 62.18 -25.39
C ILE C 58 5.30 63.67 -25.56
N PRO C 59 6.28 64.58 -25.64
CA PRO C 59 5.88 66.00 -25.56
C PRO C 59 4.95 66.50 -26.66
N ASP C 60 4.96 65.85 -27.83
CA ASP C 60 4.12 66.28 -28.95
C ASP C 60 3.21 65.16 -29.48
N ALA C 61 3.08 64.08 -28.73
CA ALA C 61 2.12 63.03 -29.09
C ALA C 61 0.69 63.51 -28.87
N ASP C 62 -0.15 63.42 -29.90
CA ASP C 62 -1.56 63.71 -29.74
C ASP C 62 -2.31 62.51 -29.15
N ILE C 63 -1.87 61.34 -29.55
CA ILE C 63 -2.49 60.06 -29.19
C ILE C 63 -1.42 59.07 -28.78
N ILE C 64 -1.69 58.31 -27.72
CA ILE C 64 -0.81 57.21 -27.31
C ILE C 64 -1.64 55.94 -27.26
N ILE C 65 -1.18 54.93 -27.96
CA ILE C 65 -1.85 53.62 -27.99
C ILE C 65 -1.00 52.63 -27.20
N THR C 66 -1.65 51.93 -26.29
CA THR C 66 -0.97 51.06 -25.36
C THR C 66 -1.57 49.66 -25.42
N THR C 67 -0.89 48.70 -24.79
CA THR C 67 -1.43 47.33 -24.69
C THR C 67 -1.09 46.74 -23.33
N PRO C 68 -2.02 45.98 -22.72
CA PRO C 68 -1.68 45.41 -21.40
C PRO C 68 -0.59 44.35 -21.47
N PHE C 69 -0.22 43.90 -22.67
CA PHE C 69 0.76 42.86 -22.78
C PHE C 69 2.19 43.41 -22.90
N HIS C 70 2.34 44.73 -22.88
CA HIS C 70 3.64 45.41 -22.86
C HIS C 70 3.31 46.88 -22.56
N PRO C 71 2.79 47.13 -21.34
CA PRO C 71 2.11 48.39 -21.01
C PRO C 71 3.06 49.59 -20.84
N ALA C 72 2.82 50.62 -21.63
CA ALA C 72 3.46 51.91 -21.42
C ALA C 72 2.86 52.52 -20.17
N TYR C 73 3.66 52.80 -19.15
CA TYR C 73 3.11 53.41 -17.94
C TYR C 73 2.91 54.89 -18.14
N ILE C 74 1.65 55.29 -18.14
CA ILE C 74 1.24 56.67 -18.35
C ILE C 74 1.11 57.32 -16.99
N THR C 75 2.27 57.72 -16.50
CA THR C 75 2.46 58.26 -15.17
C THR C 75 2.17 59.76 -15.07
N LYS C 76 2.05 60.27 -13.85
CA LYS C 76 1.99 61.71 -13.62
C LYS C 76 3.08 62.43 -14.39
N GLU C 77 4.29 61.91 -14.27
CA GLU C 77 5.47 62.54 -14.84
C GLU C 77 5.33 62.69 -16.36
N ARG C 78 4.87 61.62 -17.00
CA ARG C 78 4.62 61.66 -18.44
C ARG C 78 3.41 62.49 -18.87
N ILE C 79 2.32 62.43 -18.12
CA ILE C 79 1.17 63.23 -18.42
C ILE C 79 1.53 64.72 -18.38
N ASP C 80 2.32 65.11 -17.40
CA ASP C 80 2.70 66.52 -17.27
C ASP C 80 3.54 67.00 -18.47
N LYS C 81 4.37 66.11 -19.01
CA LYS C 81 5.19 66.46 -20.17
C LYS C 81 4.48 66.34 -21.50
N ALA C 82 3.36 65.64 -21.51
CA ALA C 82 2.61 65.38 -22.75
C ALA C 82 1.67 66.53 -23.12
N LYS C 83 2.26 67.61 -23.65
CA LYS C 83 1.55 68.88 -23.82
C LYS C 83 0.45 68.83 -24.87
N LYS C 84 0.53 67.89 -25.82
CA LYS C 84 -0.48 67.78 -26.86
C LYS C 84 -1.40 66.56 -26.68
N LEU C 85 -1.27 65.83 -25.58
CA LEU C 85 -2.02 64.56 -25.42
C LEU C 85 -3.53 64.79 -25.30
N LYS C 86 -4.29 64.08 -26.13
CA LYS C 86 -5.75 64.20 -26.15
C LYS C 86 -6.46 62.86 -25.97
N LEU C 87 -5.74 61.78 -26.27
CA LEU C 87 -6.32 60.43 -26.29
C LEU C 87 -5.29 59.36 -25.91
N VAL C 88 -5.68 58.50 -24.96
CA VAL C 88 -4.95 57.27 -24.69
C VAL C 88 -5.87 56.12 -24.99
N VAL C 89 -5.41 55.20 -25.83
CA VAL C 89 -6.17 53.98 -26.15
C VAL C 89 -5.47 52.76 -25.56
N VAL C 90 -6.28 51.82 -25.10
CA VAL C 90 -5.80 50.48 -24.75
C VAL C 90 -6.28 49.54 -25.82
N ALA C 91 -5.34 49.00 -26.57
CA ALA C 91 -5.59 48.02 -27.61
C ALA C 91 -5.69 46.68 -26.90
N GLY C 92 -6.86 46.41 -26.36
CA GLY C 92 -7.03 45.39 -25.36
C GLY C 92 -7.95 45.89 -24.28
N VAL C 93 -7.84 45.29 -23.10
CA VAL C 93 -8.67 45.66 -21.95
C VAL C 93 -7.81 45.71 -20.71
N GLY C 94 -7.99 46.76 -19.91
CA GLY C 94 -7.23 46.95 -18.70
C GLY C 94 -6.48 48.28 -18.76
N SER C 95 -6.64 49.09 -17.74
CA SER C 95 -6.04 50.43 -17.73
C SER C 95 -5.18 50.67 -16.49
N ASP C 96 -4.72 49.58 -15.87
CA ASP C 96 -3.91 49.65 -14.65
C ASP C 96 -2.68 50.57 -14.80
N HIS C 97 -2.12 50.56 -16.01
CA HIS C 97 -0.88 51.23 -16.33
C HIS C 97 -1.04 52.74 -16.55
N ILE C 98 -2.27 53.23 -16.44
CA ILE C 98 -2.59 54.64 -16.73
C ILE C 98 -3.02 55.31 -15.46
N ASP C 99 -2.45 56.47 -15.16
CA ASP C 99 -2.86 57.18 -13.94
C ASP C 99 -4.12 57.99 -14.22
N LEU C 100 -5.26 57.30 -14.18
CA LEU C 100 -6.55 57.90 -14.47
C LEU C 100 -6.90 59.00 -13.47
N ASP C 101 -6.56 58.73 -12.22
CA ASP C 101 -6.85 59.62 -11.11
C ASP C 101 -6.18 60.99 -11.32
N TYR C 102 -4.96 60.99 -11.86
CA TYR C 102 -4.24 62.25 -12.07
C TYR C 102 -4.83 63.03 -13.23
N ILE C 103 -5.21 62.33 -14.30
CA ILE C 103 -5.86 62.98 -15.41
C ILE C 103 -7.10 63.66 -14.91
N ASN C 104 -7.87 62.93 -14.10
CA ASN C 104 -9.13 63.43 -13.60
C ASN C 104 -8.95 64.61 -12.62
N GLN C 105 -7.96 64.51 -11.73
CA GLN C 105 -7.72 65.56 -10.74
C GLN C 105 -7.36 66.89 -11.40
N THR C 106 -6.49 66.81 -12.40
CA THR C 106 -5.93 68.02 -13.00
C THR C 106 -6.90 68.73 -13.96
N GLY C 107 -7.91 68.00 -14.41
CA GLY C 107 -8.90 68.57 -15.32
C GLY C 107 -8.45 68.49 -16.76
N LYS C 108 -7.39 67.74 -17.03
CA LYS C 108 -6.87 67.62 -18.39
C LYS C 108 -7.85 66.89 -19.31
N LYS C 109 -7.99 67.43 -20.52
CA LYS C 109 -9.01 66.96 -21.47
C LYS C 109 -8.41 65.82 -22.29
N ILE C 110 -8.20 64.71 -21.60
CA ILE C 110 -7.72 63.48 -22.21
C ILE C 110 -8.80 62.41 -22.08
N SER C 111 -9.21 61.85 -23.19
CA SER C 111 -10.08 60.68 -23.17
C SER C 111 -9.22 59.43 -23.12
N VAL C 112 -9.75 58.42 -22.48
CA VAL C 112 -9.07 57.13 -22.31
C VAL C 112 -10.12 56.07 -22.62
N LEU C 113 -9.79 55.19 -23.56
CA LEU C 113 -10.71 54.16 -24.04
C LEU C 113 -9.99 52.81 -24.20
N GLU C 114 -10.77 51.75 -24.07
CA GLU C 114 -10.28 50.40 -24.28
C GLU C 114 -11.28 49.65 -25.17
N VAL C 115 -10.87 48.50 -25.70
CA VAL C 115 -11.73 47.70 -26.59
C VAL C 115 -12.49 46.63 -25.76
N THR C 116 -13.51 47.06 -25.06
CA THR C 116 -14.27 46.22 -24.16
C THR C 116 -14.86 45.02 -24.90
N GLY C 117 -14.82 43.85 -24.25
CA GLY C 117 -15.34 42.63 -24.84
C GLY C 117 -14.35 41.86 -25.69
N SER C 118 -13.23 42.48 -26.01
CA SER C 118 -12.30 41.86 -26.94
C SER C 118 -11.53 40.68 -26.32
N ASN C 119 -11.40 40.67 -24.99
CA ASN C 119 -10.66 39.65 -24.26
C ASN C 119 -11.48 38.52 -23.65
N VAL C 120 -12.79 38.70 -23.55
CA VAL C 120 -13.55 37.97 -22.57
C VAL C 120 -13.72 36.47 -22.87
N VAL C 121 -13.94 36.14 -24.13
CA VAL C 121 -13.99 34.74 -24.51
C VAL C 121 -12.62 34.07 -24.34
N SER C 122 -11.57 34.76 -24.78
CA SER C 122 -10.22 34.22 -24.71
C SER C 122 -9.84 33.88 -23.29
N VAL C 123 -10.15 34.78 -22.36
CA VAL C 123 -9.77 34.54 -20.96
C VAL C 123 -10.67 33.41 -20.38
N ALA C 124 -11.95 33.36 -20.73
CA ALA C 124 -12.83 32.31 -20.24
C ALA C 124 -12.34 30.94 -20.72
N GLU C 125 -11.92 30.85 -21.97
CA GLU C 125 -11.33 29.61 -22.49
C GLU C 125 -10.08 29.20 -21.70
N HIS C 126 -9.25 30.19 -21.38
CA HIS C 126 -8.03 29.94 -20.63
C HIS C 126 -8.34 29.39 -19.23
N VAL C 127 -9.43 29.90 -18.63
CA VAL C 127 -9.89 29.32 -17.36
C VAL C 127 -10.30 27.87 -17.51
N LEU C 128 -11.13 27.56 -18.50
CA LEU C 128 -11.58 26.17 -18.69
C LEU C 128 -10.40 25.25 -18.94
N MET C 129 -9.47 25.72 -19.78
CA MET C 129 -8.25 24.97 -20.12
C MET C 129 -7.45 24.67 -18.84
N THR C 130 -7.24 25.70 -18.04
CA THR C 130 -6.42 25.58 -16.84
C THR C 130 -7.09 24.66 -15.81
N MET C 131 -8.41 24.76 -15.67
CA MET C 131 -9.14 23.86 -14.77
C MET C 131 -8.94 22.42 -15.19
N LEU C 132 -9.13 22.13 -16.48
CA LEU C 132 -8.97 20.79 -16.96
C LEU C 132 -7.53 20.30 -16.79
N VAL C 133 -6.57 21.15 -17.14
CA VAL C 133 -5.17 20.79 -17.02
C VAL C 133 -4.80 20.44 -15.57
N LEU C 134 -5.27 21.24 -14.61
CA LEU C 134 -4.98 20.95 -13.19
C LEU C 134 -5.71 19.70 -12.68
N VAL C 135 -7.02 19.67 -12.89
CA VAL C 135 -7.86 18.60 -12.34
C VAL C 135 -7.42 17.25 -12.90
N ARG C 136 -7.10 17.21 -14.19
CA ARG C 136 -6.76 15.95 -14.86
C ARG C 136 -5.25 15.66 -14.81
N ASN C 137 -4.47 16.54 -14.18
CA ASN C 137 -3.05 16.30 -13.93
C ASN C 137 -2.25 16.16 -15.23
N PHE C 138 -2.60 16.98 -16.22
CA PHE C 138 -1.94 16.98 -17.53
C PHE C 138 -0.44 17.28 -17.50
N VAL C 139 0.01 18.23 -16.67
CA VAL C 139 1.37 18.71 -16.88
C VAL C 139 2.42 17.60 -16.61
N PRO C 140 2.35 16.91 -15.47
CA PRO C 140 3.33 15.84 -15.27
C PRO C 140 3.13 14.69 -16.27
N ALA C 141 1.92 14.52 -16.76
CA ALA C 141 1.67 13.47 -17.75
C ALA C 141 2.39 13.79 -19.06
N HIS C 142 2.26 15.02 -19.54
CA HIS C 142 2.94 15.37 -20.77
C HIS C 142 4.44 15.33 -20.54
N GLU C 143 4.90 15.74 -19.35
CA GLU C 143 6.34 15.70 -19.06
C GLU C 143 6.88 14.27 -19.11
N GLN C 144 6.12 13.29 -18.65
CA GLN C 144 6.57 11.88 -18.76
C GLN C 144 6.90 11.56 -20.21
N ILE C 145 6.00 11.94 -21.10
CA ILE C 145 6.18 11.59 -22.48
C ILE C 145 7.46 12.22 -23.05
N ILE C 146 7.70 13.50 -22.83
CA ILE C 146 8.82 14.15 -23.50
C ILE C 146 10.11 13.76 -22.78
N ASN C 147 9.99 13.32 -21.53
CA ASN C 147 11.13 12.81 -20.75
C ASN C 147 11.39 11.31 -20.92
N HIS C 148 10.67 10.68 -21.85
CA HIS C 148 10.86 9.28 -22.20
C HIS C 148 10.54 8.31 -21.04
N ASP C 149 9.53 8.69 -20.27
CA ASP C 149 9.03 7.94 -19.14
C ASP C 149 7.68 7.32 -19.50
N TRP C 150 7.24 6.34 -18.73
CA TRP C 150 5.88 5.83 -18.81
C TRP C 150 5.52 5.15 -17.50
N GLU C 151 4.77 5.87 -16.66
CA GLU C 151 4.27 5.25 -15.44
C GLU C 151 2.91 5.84 -15.06
N VAL C 152 1.88 5.12 -15.48
CA VAL C 152 0.52 5.62 -15.38
C VAL C 152 0.09 5.88 -13.93
N ALA C 153 0.50 5.03 -12.98
CA ALA C 153 0.07 5.26 -11.60
C ALA C 153 0.55 6.60 -11.03
N ALA C 154 1.70 7.07 -11.48
CA ALA C 154 2.24 8.33 -10.95
C ALA C 154 1.40 9.54 -11.36
N ILE C 155 0.64 9.40 -12.44
CA ILE C 155 -0.27 10.46 -12.92
C ILE C 155 -1.65 10.23 -12.33
N ALA C 156 -2.11 8.98 -12.36
CA ALA C 156 -3.49 8.65 -12.00
C ALA C 156 -3.78 8.91 -10.52
N LYS C 157 -2.76 8.81 -9.68
CA LYS C 157 -2.92 9.00 -8.25
C LYS C 157 -3.37 10.42 -7.89
N ASP C 158 -3.27 11.36 -8.82
CA ASP C 158 -3.76 12.71 -8.56
C ASP C 158 -4.56 13.26 -9.72
N ALA C 159 -5.19 12.38 -10.47
CA ALA C 159 -6.00 12.81 -11.62
C ALA C 159 -7.48 12.54 -11.37
N TYR C 160 -8.30 13.55 -11.65
CA TYR C 160 -9.74 13.53 -11.44
C TYR C 160 -10.50 13.97 -12.68
N ASP C 161 -11.83 13.76 -12.68
CA ASP C 161 -12.70 14.36 -13.69
C ASP C 161 -13.25 15.68 -13.14
N ILE C 162 -13.54 16.62 -14.03
CA ILE C 162 -14.19 17.85 -13.61
C ILE C 162 -15.68 17.56 -13.31
N GLU C 163 -16.27 16.57 -13.97
CA GLU C 163 -17.61 16.09 -13.60
C GLU C 163 -17.74 15.85 -12.09
N GLY C 164 -18.85 16.26 -11.50
CA GLY C 164 -19.13 15.92 -10.11
C GLY C 164 -18.48 16.85 -9.09
N LYS C 165 -17.74 17.84 -9.58
CA LYS C 165 -17.04 18.77 -8.69
C LYS C 165 -17.89 20.00 -8.46
N THR C 166 -17.73 20.61 -7.28
CA THR C 166 -18.39 21.87 -6.98
C THR C 166 -17.43 22.99 -7.36
N ILE C 167 -17.90 23.89 -8.22
CA ILE C 167 -17.02 24.90 -8.83
C ILE C 167 -17.55 26.27 -8.50
N ALA C 168 -16.68 27.12 -7.96
CA ALA C 168 -17.09 28.46 -7.52
C ALA C 168 -16.29 29.52 -8.23
N THR C 169 -16.98 30.56 -8.69
CA THR C 169 -16.29 31.73 -9.21
C THR C 169 -16.43 32.94 -8.28
N ILE C 170 -15.30 33.60 -8.04
CA ILE C 170 -15.28 34.87 -7.34
C ILE C 170 -15.37 35.95 -8.43
N GLY C 171 -16.57 36.51 -8.56
CA GLY C 171 -16.90 37.39 -9.65
C GLY C 171 -17.66 36.69 -10.74
N ALA C 172 -18.79 37.27 -11.13
CA ALA C 172 -19.62 36.71 -12.20
C ALA C 172 -19.98 37.76 -13.25
N GLY C 173 -19.02 38.63 -13.55
CA GLY C 173 -19.13 39.56 -14.66
C GLY C 173 -18.91 38.88 -16.02
N ARG C 174 -18.42 39.65 -16.99
CA ARG C 174 -18.32 39.17 -18.37
C ARG C 174 -17.55 37.83 -18.52
N ILE C 175 -16.39 37.74 -17.87
CA ILE C 175 -15.55 36.56 -17.97
C ILE C 175 -16.11 35.43 -17.08
N GLY C 176 -16.38 35.74 -15.82
CA GLY C 176 -16.85 34.73 -14.89
C GLY C 176 -18.10 34.04 -15.41
N TYR C 177 -19.02 34.81 -15.98
CA TYR C 177 -20.27 34.22 -16.43
C TYR C 177 -20.01 33.35 -17.63
N ARG C 178 -19.11 33.78 -18.52
CA ARG C 178 -18.75 32.95 -19.70
C ARG C 178 -18.03 31.65 -19.29
N VAL C 179 -17.26 31.70 -18.18
CA VAL C 179 -16.73 30.49 -17.58
C VAL C 179 -17.86 29.55 -17.13
N LEU C 180 -18.84 30.08 -16.41
CA LEU C 180 -19.92 29.23 -15.94
C LEU C 180 -20.69 28.62 -17.12
N GLU C 181 -20.84 29.39 -18.18
CA GLU C 181 -21.56 28.90 -19.37
C GLU C 181 -20.86 27.69 -19.97
N ARG C 182 -19.54 27.78 -20.06
CA ARG C 182 -18.78 26.70 -20.64
C ARG C 182 -18.74 25.47 -19.73
N LEU C 183 -18.93 25.63 -18.42
CA LEU C 183 -18.88 24.50 -17.51
C LEU C 183 -20.15 23.68 -17.49
N VAL C 184 -21.28 24.28 -17.84
CA VAL C 184 -22.58 23.59 -17.71
C VAL C 184 -22.57 22.13 -18.27
N PRO C 185 -22.18 21.95 -19.55
CA PRO C 185 -22.23 20.58 -20.09
C PRO C 185 -21.20 19.59 -19.53
N PHE C 186 -20.28 20.05 -18.70
CA PHE C 186 -19.32 19.16 -18.04
C PHE C 186 -19.92 18.44 -16.82
N ASN C 187 -21.16 18.79 -16.50
CA ASN C 187 -21.87 18.15 -15.40
C ASN C 187 -21.16 18.32 -14.06
N PRO C 188 -20.81 19.57 -13.72
CA PRO C 188 -20.31 19.77 -12.35
C PRO C 188 -21.39 19.37 -11.33
N LYS C 189 -21.02 19.05 -10.09
CA LYS C 189 -22.03 18.83 -9.07
C LYS C 189 -22.86 20.10 -8.89
N GLU C 190 -22.19 21.24 -8.80
CA GLU C 190 -22.91 22.52 -8.71
C GLU C 190 -22.00 23.66 -9.17
N LEU C 191 -22.58 24.71 -9.73
CA LEU C 191 -21.88 25.97 -9.96
C LEU C 191 -22.30 27.00 -8.93
N LEU C 192 -21.31 27.68 -8.35
CA LEU C 192 -21.53 28.68 -7.30
C LEU C 192 -20.88 29.98 -7.72
N TYR C 193 -21.43 31.11 -7.26
CA TYR C 193 -20.73 32.37 -7.47
C TYR C 193 -20.86 33.27 -6.25
N TYR C 194 -19.86 34.13 -6.12
CA TYR C 194 -19.81 35.14 -5.09
C TYR C 194 -19.62 36.44 -5.82
N ASP C 195 -20.48 37.41 -5.58
CA ASP C 195 -20.33 38.71 -6.23
C ASP C 195 -20.98 39.79 -5.37
N TYR C 196 -20.78 41.05 -5.74
CA TYR C 196 -21.27 42.17 -4.94
C TYR C 196 -22.76 42.38 -5.15
N GLN C 197 -23.23 41.98 -6.32
CA GLN C 197 -24.64 41.99 -6.68
C GLN C 197 -25.04 40.64 -7.25
N ALA C 198 -26.29 40.25 -7.07
CA ALA C 198 -26.77 39.01 -7.69
C ALA C 198 -26.76 39.08 -9.20
N LEU C 199 -26.65 37.91 -9.83
CA LEU C 199 -26.87 37.81 -11.25
C LEU C 199 -28.37 37.95 -11.49
N PRO C 200 -28.74 38.46 -12.66
CA PRO C 200 -30.14 38.44 -13.07
C PRO C 200 -30.69 37.02 -12.94
N LYS C 201 -31.95 36.92 -12.50
CA LYS C 201 -32.64 35.63 -12.40
C LYS C 201 -32.38 34.64 -13.54
N ASP C 202 -32.65 35.11 -14.76
CA ASP C 202 -32.62 34.28 -15.94
C ASP C 202 -31.23 33.74 -16.15
N ALA C 203 -30.25 34.62 -16.01
CA ALA C 203 -28.83 34.30 -16.19
C ALA C 203 -28.36 33.25 -15.20
N GLU C 204 -28.72 33.42 -13.93
CA GLU C 204 -28.49 32.41 -12.91
C GLU C 204 -29.04 31.06 -13.36
N GLU C 205 -30.26 31.08 -13.87
CA GLU C 205 -30.94 29.83 -14.14
C GLU C 205 -30.34 29.11 -15.34
N LYS C 206 -29.91 29.88 -16.32
CA LYS C 206 -29.36 29.31 -17.54
C LYS C 206 -28.15 28.41 -17.26
N VAL C 207 -27.35 28.76 -16.24
CA VAL C 207 -26.15 27.98 -15.86
C VAL C 207 -26.34 27.25 -14.56
N GLY C 208 -27.53 27.35 -13.99
CA GLY C 208 -27.84 26.66 -12.75
C GLY C 208 -26.98 27.04 -11.56
N ALA C 209 -26.62 28.31 -11.47
CA ALA C 209 -25.68 28.79 -10.46
C ALA C 209 -26.42 29.19 -9.20
N ARG C 210 -25.76 28.98 -8.07
CA ARG C 210 -26.27 29.43 -6.79
C ARG C 210 -25.33 30.44 -6.16
N ARG C 211 -25.90 31.55 -5.71
CA ARG C 211 -25.11 32.59 -5.06
C ARG C 211 -24.78 32.25 -3.61
N VAL C 212 -23.53 32.49 -3.23
CA VAL C 212 -23.07 32.35 -1.86
C VAL C 212 -22.58 33.74 -1.43
N GLU C 213 -23.12 34.28 -0.35
CA GLU C 213 -22.74 35.66 0.00
C GLU C 213 -21.51 35.75 0.89
N ASN C 214 -21.22 34.71 1.67
CA ASN C 214 -20.05 34.67 2.53
C ASN C 214 -18.86 33.98 1.82
N ILE C 215 -17.72 34.67 1.68
CA ILE C 215 -16.62 34.13 0.87
C ILE C 215 -16.00 32.91 1.49
N GLU C 216 -15.91 32.86 2.82
CA GLU C 216 -15.44 31.65 3.47
C GLU C 216 -16.37 30.46 3.21
N GLU C 217 -17.67 30.68 3.26
CA GLU C 217 -18.65 29.62 2.97
C GLU C 217 -18.55 29.12 1.52
N LEU C 218 -18.34 30.07 0.61
CA LEU C 218 -18.10 29.76 -0.80
C LEU C 218 -16.92 28.83 -0.97
N VAL C 219 -15.74 29.22 -0.47
CA VAL C 219 -14.57 28.42 -0.77
C VAL C 219 -14.54 27.13 0.01
N ALA C 220 -15.20 27.08 1.17
CA ALA C 220 -15.07 25.90 2.03
C ALA C 220 -15.72 24.70 1.39
N GLN C 221 -16.66 24.94 0.48
CA GLN C 221 -17.40 23.84 -0.16
C GLN C 221 -17.01 23.58 -1.60
N ALA C 222 -16.00 24.32 -2.08
CA ALA C 222 -15.62 24.28 -3.49
C ALA C 222 -14.44 23.36 -3.71
N ASP C 223 -14.59 22.46 -4.65
CA ASP C 223 -13.45 21.71 -5.17
C ASP C 223 -12.54 22.55 -6.03
N ILE C 224 -13.14 23.47 -6.77
CA ILE C 224 -12.45 24.30 -7.74
C ILE C 224 -12.91 25.73 -7.54
N VAL C 225 -11.94 26.63 -7.45
CA VAL C 225 -12.22 28.05 -7.32
C VAL C 225 -11.53 28.81 -8.44
N THR C 226 -12.25 29.73 -9.06
CA THR C 226 -11.69 30.58 -10.12
C THR C 226 -11.96 32.04 -9.81
N ILE C 227 -10.94 32.87 -10.02
CA ILE C 227 -11.02 34.29 -9.71
C ILE C 227 -11.28 35.09 -11.00
N ASN C 228 -12.43 35.74 -11.04
CA ASN C 228 -12.86 36.53 -12.17
C ASN C 228 -13.45 37.87 -11.73
N ALA C 229 -12.65 38.60 -10.94
CA ALA C 229 -13.12 39.81 -10.28
C ALA C 229 -12.14 40.95 -10.49
N PRO C 230 -12.64 42.18 -10.48
CA PRO C 230 -11.70 43.32 -10.55
C PRO C 230 -10.83 43.46 -9.30
N LEU C 231 -9.66 44.04 -9.51
CA LEU C 231 -8.74 44.37 -8.44
C LEU C 231 -9.11 45.74 -7.88
N HIS C 232 -9.31 45.79 -6.57
CA HIS C 232 -9.60 47.05 -5.89
C HIS C 232 -9.29 46.84 -4.43
N ALA C 233 -9.50 47.87 -3.60
CA ALA C 233 -9.02 47.82 -2.21
C ALA C 233 -9.46 46.55 -1.47
N GLY C 234 -10.68 46.09 -1.76
CA GLY C 234 -11.27 44.98 -1.07
C GLY C 234 -10.90 43.61 -1.61
N THR C 235 -10.30 43.57 -2.80
CA THR C 235 -9.85 42.30 -3.38
C THR C 235 -8.33 42.19 -3.44
N LYS C 236 -7.60 43.25 -3.12
CA LYS C 236 -6.15 43.16 -2.88
C LYS C 236 -5.85 42.10 -1.87
N GLY C 237 -5.01 41.14 -2.21
CA GLY C 237 -4.56 40.15 -1.24
C GLY C 237 -5.67 39.30 -0.64
N LEU C 238 -6.79 39.21 -1.34
CA LEU C 238 -7.95 38.41 -0.89
C LEU C 238 -7.56 36.98 -0.63
N ILE C 239 -6.75 36.43 -1.54
CA ILE C 239 -6.31 35.06 -1.40
C ILE C 239 -5.05 35.08 -0.56
N ASN C 240 -5.24 35.06 0.75
CA ASN C 240 -4.17 35.01 1.73
C ASN C 240 -4.24 33.74 2.58
N LYS C 241 -3.27 33.56 3.45
CA LYS C 241 -3.15 32.32 4.20
C LYS C 241 -4.41 32.02 5.02
N GLU C 242 -5.01 33.07 5.57
CA GLU C 242 -6.20 32.89 6.39
C GLU C 242 -7.38 32.36 5.56
N LEU C 243 -7.64 32.98 4.41
CA LEU C 243 -8.74 32.51 3.57
C LEU C 243 -8.41 31.15 2.97
N LEU C 244 -7.14 30.95 2.58
CA LEU C 244 -6.71 29.64 2.10
C LEU C 244 -6.95 28.53 3.12
N SER C 245 -6.83 28.84 4.41
CA SER C 245 -7.07 27.85 5.44
C SER C 245 -8.55 27.44 5.46
N LYS C 246 -9.40 28.23 4.84
CA LYS C 246 -10.83 27.91 4.77
C LYS C 246 -11.17 27.15 3.49
N PHE C 247 -10.24 27.07 2.54
CA PHE C 247 -10.50 26.30 1.30
C PHE C 247 -10.69 24.85 1.70
N LYS C 248 -11.50 24.14 0.93
CA LYS C 248 -11.51 22.70 0.99
C LYS C 248 -10.08 22.20 0.80
N LYS C 249 -9.62 21.32 1.68
CA LYS C 249 -8.29 20.76 1.53
C LYS C 249 -8.17 20.07 0.16
N GLY C 250 -7.10 20.41 -0.57
CA GLY C 250 -6.86 19.81 -1.88
C GLY C 250 -7.62 20.46 -3.02
N ALA C 251 -8.09 21.69 -2.81
CA ALA C 251 -8.78 22.41 -3.85
C ALA C 251 -7.82 22.77 -5.00
N TRP C 252 -8.40 23.06 -6.16
CA TRP C 252 -7.70 23.63 -7.30
C TRP C 252 -8.16 25.07 -7.46
N LEU C 253 -7.20 25.95 -7.64
CA LEU C 253 -7.46 27.39 -7.74
C LEU C 253 -6.90 27.97 -9.05
N VAL C 254 -7.73 28.73 -9.75
CA VAL C 254 -7.35 29.39 -11.02
C VAL C 254 -7.57 30.87 -10.91
N ASN C 255 -6.60 31.60 -11.44
CA ASN C 255 -6.61 33.06 -11.42
C ASN C 255 -6.07 33.62 -12.70
N THR C 256 -6.97 34.17 -13.50
CA THR C 256 -6.68 34.89 -14.75
C THR C 256 -7.12 36.34 -14.66
N ALA C 257 -7.37 36.80 -13.43
CA ALA C 257 -7.86 38.15 -13.19
C ALA C 257 -6.70 39.14 -12.97
N ARG C 258 -6.20 39.20 -11.75
CA ARG C 258 -4.98 39.95 -11.43
C ARG C 258 -4.16 39.19 -10.38
N GLY C 259 -2.86 39.17 -10.57
CA GLY C 259 -1.96 38.54 -9.63
C GLY C 259 -2.07 39.09 -8.23
N ALA C 260 -2.27 40.40 -8.10
CA ALA C 260 -2.25 41.03 -6.77
C ALA C 260 -3.50 40.69 -5.94
N ILE C 261 -4.49 40.03 -6.54
CA ILE C 261 -5.62 39.49 -5.77
C ILE C 261 -5.14 38.38 -4.83
N CYS C 262 -3.95 37.84 -5.10
CA CYS C 262 -3.34 36.88 -4.19
C CYS C 262 -2.19 37.48 -3.39
N VAL C 263 -1.90 36.85 -2.27
CA VAL C 263 -0.59 37.00 -1.62
C VAL C 263 0.26 35.85 -2.14
N ALA C 264 1.27 36.20 -2.94
CA ALA C 264 2.01 35.20 -3.71
C ALA C 264 2.57 34.06 -2.88
N GLU C 265 3.29 34.38 -1.82
CA GLU C 265 3.91 33.32 -1.04
C GLU C 265 2.90 32.47 -0.28
N ASP C 266 1.72 33.03 0.03
CA ASP C 266 0.71 32.28 0.76
C ASP C 266 0.13 31.17 -0.16
N VAL C 267 -0.08 31.52 -1.42
CA VAL C 267 -0.52 30.52 -2.41
C VAL C 267 0.52 29.41 -2.56
N ALA C 268 1.79 29.81 -2.67
CA ALA C 268 2.85 28.81 -2.81
C ALA C 268 2.88 27.90 -1.60
N ALA C 269 2.76 28.46 -0.40
CA ALA C 269 2.78 27.65 0.82
C ALA C 269 1.58 26.68 0.87
N ALA C 270 0.41 27.13 0.44
CA ALA C 270 -0.81 26.30 0.37
C ALA C 270 -0.64 25.13 -0.60
N LEU C 271 0.00 25.39 -1.73
CA LEU C 271 0.27 24.31 -2.68
C LEU C 271 1.25 23.30 -2.09
N GLU C 272 2.32 23.77 -1.47
CA GLU C 272 3.33 22.86 -0.90
C GLU C 272 2.74 22.02 0.24
N SER C 273 1.81 22.59 1.01
CA SER C 273 1.23 21.91 2.17
C SER C 273 0.05 21.01 1.81
N GLY C 274 -0.48 21.16 0.60
CA GLY C 274 -1.60 20.37 0.18
C GLY C 274 -2.95 21.02 0.44
N GLN C 275 -2.95 22.20 1.06
CA GLN C 275 -4.16 23.01 1.15
C GLN C 275 -4.75 23.20 -0.27
N LEU C 276 -3.87 23.44 -1.24
CA LEU C 276 -4.23 23.36 -2.66
C LEU C 276 -3.53 22.16 -3.30
N ARG C 277 -4.25 21.46 -4.15
CA ARG C 277 -3.69 20.46 -5.05
C ARG C 277 -3.06 21.08 -6.29
N GLY C 278 -3.57 22.24 -6.71
CA GLY C 278 -3.07 22.88 -7.90
C GLY C 278 -3.41 24.35 -7.97
N TYR C 279 -2.55 25.11 -8.63
CA TYR C 279 -2.79 26.53 -8.91
C TYR C 279 -2.35 26.83 -10.33
N GLY C 280 -3.07 27.71 -11.00
CA GLY C 280 -2.68 28.10 -12.33
C GLY C 280 -3.40 29.33 -12.82
N GLY C 281 -2.98 29.81 -13.99
CA GLY C 281 -3.43 31.07 -14.51
C GLY C 281 -2.29 31.74 -15.23
N ASP C 282 -2.56 32.95 -15.71
CA ASP C 282 -1.60 33.69 -16.51
C ASP C 282 -1.32 35.08 -15.97
N VAL C 283 -1.78 35.38 -14.75
CA VAL C 283 -1.55 36.72 -14.21
C VAL C 283 -0.63 36.71 -12.99
N TRP C 284 0.20 37.75 -12.91
CA TRP C 284 1.27 37.83 -11.94
C TRP C 284 1.38 39.22 -11.32
N PHE C 285 2.03 39.30 -10.17
CA PHE C 285 2.52 40.59 -9.71
C PHE C 285 3.86 40.40 -9.09
N PRO C 286 4.85 41.20 -9.50
CA PRO C 286 4.83 42.11 -10.65
C PRO C 286 4.82 41.34 -11.97
N GLN C 287 4.59 42.08 -13.04
CA GLN C 287 4.55 41.56 -14.39
C GLN C 287 5.43 42.44 -15.25
N PRO C 288 6.33 41.88 -16.06
CA PRO C 288 6.67 40.46 -16.18
C PRO C 288 7.17 39.90 -14.85
N ALA C 289 6.95 38.61 -14.68
CA ALA C 289 7.30 37.91 -13.46
C ALA C 289 8.81 37.89 -13.36
N PRO C 290 9.35 38.36 -12.24
CA PRO C 290 10.79 38.17 -12.01
C PRO C 290 11.16 36.69 -12.09
N LYS C 291 12.41 36.38 -12.42
CA LYS C 291 12.83 34.99 -12.52
C LYS C 291 12.70 34.24 -11.18
N ASP C 292 12.79 34.93 -10.06
CA ASP C 292 12.62 34.28 -8.76
C ASP C 292 11.22 34.42 -8.15
N HIS C 293 10.22 34.80 -8.96
CA HIS C 293 8.87 34.88 -8.46
C HIS C 293 8.47 33.48 -7.97
N PRO C 294 7.88 33.36 -6.76
CA PRO C 294 7.61 32.02 -6.21
C PRO C 294 6.64 31.16 -7.02
N TRP C 295 5.82 31.75 -7.87
CA TRP C 295 4.89 30.92 -8.65
C TRP C 295 5.57 30.21 -9.81
N ARG C 296 6.81 30.54 -10.15
CA ARG C 296 7.49 29.78 -11.21
C ARG C 296 7.86 28.37 -10.73
N ASP C 297 8.44 28.25 -9.53
CA ASP C 297 8.98 26.97 -9.06
C ASP C 297 8.10 26.20 -8.08
N MET C 298 7.03 26.81 -7.59
CA MET C 298 6.17 26.11 -6.64
C MET C 298 5.55 24.87 -7.28
N ARG C 299 5.46 23.82 -6.48
CA ARG C 299 4.82 22.58 -6.86
C ARG C 299 4.09 22.01 -5.67
N ASN C 300 3.15 21.11 -5.94
CA ASN C 300 2.55 20.30 -4.89
C ASN C 300 3.51 19.17 -4.50
N LYS C 301 3.08 18.33 -3.57
CA LYS C 301 3.91 17.26 -3.00
C LYS C 301 4.40 16.22 -4.02
N TYR C 302 3.70 16.17 -5.14
CA TYR C 302 4.07 15.26 -6.21
C TYR C 302 4.87 15.92 -7.33
N GLY C 303 5.27 17.17 -7.14
CA GLY C 303 6.08 17.87 -8.13
C GLY C 303 5.27 18.40 -9.30
N ALA C 304 3.99 18.59 -9.06
CA ALA C 304 3.06 19.06 -10.09
C ALA C 304 2.12 20.11 -9.51
N GLY C 305 0.90 20.21 -10.04
CA GLY C 305 -0.03 21.20 -9.51
C GLY C 305 0.29 22.64 -9.89
N ASN C 306 1.12 22.82 -10.92
CA ASN C 306 1.45 24.16 -11.38
C ASN C 306 1.10 24.26 -12.86
N ALA C 307 0.14 25.12 -13.17
CA ALA C 307 -0.25 25.36 -14.55
C ALA C 307 -0.12 26.82 -14.90
N MET C 308 0.95 27.43 -14.40
CA MET C 308 1.24 28.83 -14.70
C MET C 308 1.71 29.06 -16.14
N THR C 309 1.30 30.19 -16.71
CA THR C 309 1.80 30.67 -18.00
C THR C 309 2.13 32.16 -17.87
N PRO C 310 2.93 32.69 -18.81
CA PRO C 310 3.01 34.15 -18.91
C PRO C 310 1.64 34.73 -19.23
N HIS C 311 1.51 36.03 -19.03
CA HIS C 311 0.27 36.73 -19.31
C HIS C 311 0.04 36.81 -20.84
N TYR C 312 -0.79 35.92 -21.36
CA TYR C 312 -1.06 35.91 -22.79
C TYR C 312 -2.49 35.52 -23.21
N SER C 313 -3.37 35.15 -22.29
CA SER C 313 -4.66 34.59 -22.70
C SER C 313 -5.44 35.55 -23.61
N GLY C 314 -5.30 36.85 -23.36
CA GLY C 314 -6.06 37.83 -24.09
C GLY C 314 -5.36 38.34 -25.33
N THR C 315 -4.28 37.68 -25.73
CA THR C 315 -3.60 38.11 -26.93
C THR C 315 -3.40 36.90 -27.88
N THR C 316 -4.36 35.98 -27.88
CA THR C 316 -4.48 35.04 -29.01
C THR C 316 -4.69 35.81 -30.32
N LEU C 317 -4.44 35.16 -31.45
CA LEU C 317 -4.60 35.83 -32.75
C LEU C 317 -6.02 36.30 -32.96
N ASP C 318 -6.99 35.56 -32.43
CA ASP C 318 -8.39 35.94 -32.56
C ASP C 318 -8.67 37.20 -31.72
N ALA C 319 -8.18 37.26 -30.49
CA ALA C 319 -8.32 38.47 -29.69
C ALA C 319 -7.62 39.69 -30.36
N GLN C 320 -6.44 39.47 -30.93
CA GLN C 320 -5.66 40.54 -31.54
C GLN C 320 -6.42 41.16 -32.69
N THR C 321 -7.12 40.34 -33.48
CA THR C 321 -7.96 40.85 -34.54
C THR C 321 -9.05 41.78 -34.01
N ARG C 322 -9.67 41.39 -32.90
CA ARG C 322 -10.68 42.23 -32.27
C ARG C 322 -10.10 43.56 -31.75
N TYR C 323 -8.96 43.48 -31.06
N TYR C 323 -8.95 43.57 -31.09
CA TYR C 323 -8.23 44.67 -30.57
CA TYR C 323 -8.53 44.87 -30.57
C TYR C 323 -7.93 45.66 -31.68
C TYR C 323 -7.77 45.72 -31.60
N ALA C 324 -7.33 45.12 -32.72
CA ALA C 324 -6.87 45.93 -33.85
C ALA C 324 -8.05 46.67 -34.49
N GLU C 325 -9.12 45.95 -34.79
CA GLU C 325 -10.32 46.56 -35.38
C GLU C 325 -10.97 47.59 -34.42
N GLY C 326 -11.09 47.22 -33.13
CA GLY C 326 -11.63 48.13 -32.14
C GLY C 326 -10.80 49.39 -31.98
N THR C 327 -9.47 49.27 -32.10
CA THR C 327 -8.60 50.42 -31.93
C THR C 327 -8.86 51.36 -33.11
N LYS C 328 -8.93 50.81 -34.33
CA LYS C 328 -9.19 51.62 -35.52
C LYS C 328 -10.50 52.38 -35.41
N ASN C 329 -11.52 51.72 -34.89
CA ASN C 329 -12.83 52.35 -34.70
C ASN C 329 -12.76 53.52 -33.72
N ILE C 330 -12.14 53.30 -32.57
CA ILE C 330 -11.92 54.39 -31.60
C ILE C 330 -11.15 55.57 -32.24
N LEU C 331 -10.09 55.30 -32.98
CA LEU C 331 -9.32 56.36 -33.63
C LEU C 331 -10.15 57.17 -34.63
N GLU C 332 -10.95 56.48 -35.43
CA GLU C 332 -11.85 57.15 -36.38
C GLU C 332 -12.85 58.06 -35.69
N SER C 333 -13.41 57.59 -34.58
CA SER C 333 -14.35 58.38 -33.80
C SER C 333 -13.67 59.65 -33.32
N PHE C 334 -12.40 59.51 -32.93
CA PHE C 334 -11.63 60.65 -32.47
C PHE C 334 -11.23 61.62 -33.62
N PHE C 335 -10.63 61.07 -34.68
CA PHE C 335 -10.12 61.89 -35.78
C PHE C 335 -11.22 62.76 -36.42
N THR C 336 -12.40 62.19 -36.60
CA THR C 336 -13.47 62.90 -37.28
C THR C 336 -14.08 64.02 -36.43
N GLY C 337 -13.88 63.92 -35.13
CA GLY C 337 -14.48 64.83 -34.17
C GLY C 337 -15.92 64.46 -33.86
N LYS C 338 -16.38 63.31 -34.32
CA LYS C 338 -17.74 62.91 -33.97
C LYS C 338 -17.80 62.39 -32.55
N PHE C 339 -16.72 61.73 -32.13
CA PHE C 339 -16.61 61.18 -30.78
C PHE C 339 -17.78 60.24 -30.48
N ASP C 340 -18.17 59.49 -31.50
CA ASP C 340 -19.23 58.48 -31.33
C ASP C 340 -18.67 57.15 -30.84
N TYR C 341 -17.92 57.24 -29.75
CA TYR C 341 -17.37 56.06 -29.09
C TYR C 341 -18.44 55.07 -28.61
N ARG C 342 -18.11 53.79 -28.53
CA ARG C 342 -19.02 52.85 -27.91
C ARG C 342 -19.05 53.18 -26.43
N PRO C 343 -20.25 53.34 -25.85
CA PRO C 343 -20.22 53.73 -24.45
C PRO C 343 -19.46 52.78 -23.53
N GLN C 344 -19.43 51.48 -23.84
CA GLN C 344 -18.75 50.54 -22.96
C GLN C 344 -17.22 50.63 -23.08
N ASP C 345 -16.74 51.35 -24.09
CA ASP C 345 -15.30 51.50 -24.32
C ASP C 345 -14.73 52.67 -23.52
N ILE C 346 -15.60 53.56 -23.03
CA ILE C 346 -15.11 54.80 -22.43
C ILE C 346 -14.66 54.59 -20.98
N ILE C 347 -13.42 54.95 -20.69
CA ILE C 347 -12.90 54.93 -19.33
C ILE C 347 -12.96 56.35 -18.76
N LEU C 348 -12.38 57.30 -19.50
CA LEU C 348 -12.53 58.74 -19.25
C LEU C 348 -12.94 59.41 -20.55
N LEU C 349 -13.91 60.32 -20.45
CA LEU C 349 -14.25 61.22 -21.57
C LEU C 349 -13.75 62.62 -21.20
N ASN C 350 -12.72 63.04 -21.90
CA ASN C 350 -12.05 64.30 -21.64
C ASN C 350 -11.79 64.54 -20.17
N GLY C 351 -11.22 63.51 -19.53
CA GLY C 351 -10.78 63.61 -18.14
C GLY C 351 -11.82 63.21 -17.12
N GLU C 352 -13.07 63.11 -17.54
CA GLU C 352 -14.20 62.81 -16.65
C GLU C 352 -14.60 61.35 -16.65
N TYR C 353 -14.92 60.82 -15.48
CA TYR C 353 -15.56 59.51 -15.39
C TYR C 353 -17.02 59.69 -15.79
N ILE C 354 -17.56 58.79 -16.62
CA ILE C 354 -18.94 58.90 -17.11
C ILE C 354 -19.93 58.33 -16.09
N MET D 1 -14.37 -19.98 -5.09
CA MET D 1 -13.81 -19.93 -6.47
C MET D 1 -12.49 -19.22 -6.52
N LYS D 2 -11.72 -19.53 -7.56
CA LYS D 2 -10.45 -18.91 -7.81
C LYS D 2 -10.61 -17.79 -8.83
N ILE D 3 -10.20 -16.59 -8.41
CA ILE D 3 -10.31 -15.37 -9.22
C ILE D 3 -8.92 -14.84 -9.44
N VAL D 4 -8.57 -14.62 -10.70
CA VAL D 4 -7.30 -14.03 -11.04
C VAL D 4 -7.53 -12.61 -11.50
N LEU D 5 -6.92 -11.67 -10.78
CA LEU D 5 -7.04 -10.22 -11.02
C LEU D 5 -5.73 -9.64 -11.50
N VAL D 6 -5.71 -9.13 -12.73
CA VAL D 6 -4.49 -8.66 -13.34
C VAL D 6 -4.56 -7.15 -13.49
N LEU D 7 -3.71 -6.44 -12.74
CA LEU D 7 -3.69 -4.97 -12.68
C LEU D 7 -2.22 -4.53 -12.73
N TYR D 8 -1.95 -3.23 -12.94
CA TYR D 8 -0.56 -2.78 -12.84
C TYR D 8 -0.21 -2.58 -11.35
N ASP D 9 1.07 -2.65 -11.02
CA ASP D 9 1.55 -2.31 -9.66
C ASP D 9 1.72 -0.80 -9.58
N ALA D 10 1.23 -0.19 -8.51
CA ALA D 10 1.37 1.25 -8.35
C ALA D 10 2.57 1.56 -7.49
N GLY D 11 3.03 0.60 -6.71
CA GLY D 11 4.20 0.88 -5.87
C GLY D 11 3.93 2.00 -4.89
N LYS D 12 4.92 2.87 -4.74
CA LYS D 12 4.80 3.96 -3.77
C LYS D 12 3.62 4.86 -4.13
N HIS D 13 3.16 4.80 -5.38
CA HIS D 13 2.08 5.68 -5.78
C HIS D 13 0.75 5.28 -5.14
N ALA D 14 0.67 4.04 -4.66
CA ALA D 14 -0.50 3.59 -3.89
C ALA D 14 -0.41 3.94 -2.39
N ALA D 15 0.74 4.48 -1.95
CA ALA D 15 0.96 4.80 -0.53
C ALA D 15 -0.01 5.83 0.01
N ASP D 16 -0.31 6.84 -0.80
CA ASP D 16 -0.97 8.05 -0.32
C ASP D 16 -2.24 8.33 -1.11
N GLU D 17 -2.82 7.30 -1.71
CA GLU D 17 -4.07 7.50 -2.41
C GLU D 17 -5.02 6.33 -2.35
N GLU D 18 -5.98 6.38 -1.43
CA GLU D 18 -6.82 5.21 -1.18
C GLU D 18 -7.89 5.06 -2.25
N LYS D 19 -8.05 6.05 -3.12
CA LYS D 19 -8.98 5.92 -4.23
C LYS D 19 -8.31 5.32 -5.48
N LEU D 20 -7.03 5.01 -5.41
CA LEU D 20 -6.40 4.36 -6.56
C LEU D 20 -6.73 2.86 -6.57
N TYR D 21 -7.97 2.53 -6.90
CA TYR D 21 -8.48 1.17 -6.77
C TYR D 21 -7.87 0.23 -7.79
N GLY D 22 -7.46 0.75 -8.96
CA GLY D 22 -7.13 -0.11 -10.07
C GLY D 22 -5.70 -0.60 -10.17
N CYS D 23 -5.09 -0.88 -9.01
CA CYS D 23 -3.72 -1.37 -8.97
C CYS D 23 -3.68 -2.61 -8.10
N THR D 24 -2.60 -3.37 -8.18
CA THR D 24 -2.49 -4.60 -7.41
C THR D 24 -2.54 -4.36 -5.92
N GLU D 25 -2.12 -3.16 -5.50
CA GLU D 25 -2.04 -2.90 -4.07
C GLU D 25 -3.44 -2.79 -3.46
N ASN D 26 -4.38 -2.17 -4.18
CA ASN D 26 -5.69 -1.92 -3.64
C ASN D 26 -6.81 -2.84 -4.16
N LYS D 27 -6.49 -3.63 -5.18
CA LYS D 27 -7.31 -4.77 -5.62
C LYS D 27 -8.78 -4.41 -5.84
N LEU D 28 -9.00 -3.27 -6.49
CA LEU D 28 -10.34 -2.79 -6.82
C LEU D 28 -11.20 -2.61 -5.59
N GLY D 29 -10.58 -2.63 -4.42
CA GLY D 29 -11.30 -2.46 -3.17
C GLY D 29 -12.24 -3.61 -2.82
N ILE D 30 -12.05 -4.78 -3.43
CA ILE D 30 -12.93 -5.92 -3.21
C ILE D 30 -12.22 -7.11 -2.54
N ALA D 31 -10.97 -6.95 -2.11
CA ALA D 31 -10.25 -8.13 -1.59
C ALA D 31 -10.92 -8.67 -0.33
N ASN D 32 -11.37 -7.79 0.56
CA ASN D 32 -12.01 -8.24 1.80
C ASN D 32 -13.33 -8.92 1.51
N TRP D 33 -14.13 -8.29 0.67
CA TRP D 33 -15.42 -8.84 0.28
C TRP D 33 -15.26 -10.24 -0.29
N LEU D 34 -14.30 -10.42 -1.19
CA LEU D 34 -14.06 -11.74 -1.77
C LEU D 34 -13.57 -12.77 -0.74
N LYS D 35 -12.72 -12.33 0.19
CA LYS D 35 -12.21 -13.25 1.23
C LYS D 35 -13.34 -13.79 2.09
N ASP D 36 -14.19 -12.88 2.55
CA ASP D 36 -15.34 -13.19 3.39
C ASP D 36 -16.36 -14.07 2.72
N GLN D 37 -16.40 -14.02 1.38
CA GLN D 37 -17.33 -14.85 0.62
C GLN D 37 -16.76 -16.21 0.27
N GLY D 38 -15.51 -16.46 0.64
CA GLY D 38 -14.93 -17.79 0.51
C GLY D 38 -14.04 -18.00 -0.71
N HIS D 39 -13.88 -16.96 -1.52
CA HIS D 39 -13.07 -17.08 -2.73
C HIS D 39 -11.61 -16.85 -2.50
N GLU D 40 -10.81 -17.40 -3.40
CA GLU D 40 -9.37 -17.22 -3.45
C GLU D 40 -9.03 -16.19 -4.53
N LEU D 41 -8.44 -15.07 -4.12
CA LEU D 41 -8.07 -14.01 -5.06
C LEU D 41 -6.57 -14.01 -5.29
N ILE D 42 -6.19 -14.26 -6.53
CA ILE D 42 -4.82 -14.09 -6.95
C ILE D 42 -4.72 -12.73 -7.66
N THR D 43 -3.85 -11.86 -7.16
CA THR D 43 -3.70 -10.53 -7.72
C THR D 43 -2.27 -10.41 -8.18
N THR D 44 -2.07 -10.06 -9.44
CA THR D 44 -0.74 -9.99 -10.03
C THR D 44 -0.65 -9.00 -11.17
N SER D 45 0.56 -8.52 -11.42
CA SER D 45 0.86 -7.74 -12.60
C SER D 45 1.65 -8.56 -13.63
N ASP D 46 2.01 -9.77 -13.25
CA ASP D 46 2.90 -10.63 -14.02
C ASP D 46 2.09 -11.42 -15.05
N LYS D 47 2.01 -10.89 -16.26
CA LYS D 47 1.03 -11.36 -17.23
C LYS D 47 1.67 -11.82 -18.55
N GLU D 48 2.98 -11.66 -18.68
CA GLU D 48 3.70 -12.03 -19.91
C GLU D 48 4.68 -13.16 -19.66
N GLY D 49 4.73 -14.13 -20.57
CA GLY D 49 5.70 -15.20 -20.48
C GLY D 49 5.08 -16.42 -19.86
N GLY D 50 5.49 -17.59 -20.35
CA GLY D 50 4.87 -18.84 -19.97
C GLY D 50 4.93 -19.19 -18.50
N ASN D 51 5.90 -18.65 -17.78
CA ASN D 51 6.03 -18.92 -16.35
C ASN D 51 5.39 -17.82 -15.51
N SER D 52 4.62 -16.93 -16.14
CA SER D 52 3.98 -15.83 -15.41
C SER D 52 3.00 -16.36 -14.38
N VAL D 53 2.76 -15.58 -13.35
CA VAL D 53 1.77 -15.89 -12.35
C VAL D 53 0.40 -16.07 -13.01
N LEU D 54 0.10 -15.26 -14.03
CA LEU D 54 -1.16 -15.42 -14.75
C LEU D 54 -1.30 -16.86 -15.25
N ASP D 55 -0.31 -17.30 -16.02
CA ASP D 55 -0.36 -18.61 -16.65
C ASP D 55 -0.34 -19.76 -15.62
N GLN D 56 0.34 -19.53 -14.50
CA GLN D 56 0.36 -20.50 -13.43
C GLN D 56 -1.02 -20.82 -12.94
N HIS D 57 -1.91 -19.84 -12.97
CA HIS D 57 -3.24 -19.96 -12.36
C HIS D 57 -4.36 -20.10 -13.38
N ILE D 58 -4.03 -19.91 -14.65
CA ILE D 58 -5.04 -19.98 -15.70
C ILE D 58 -5.81 -21.34 -15.64
N PRO D 59 -5.07 -22.44 -15.46
CA PRO D 59 -5.78 -23.74 -15.55
C PRO D 59 -6.96 -23.96 -14.62
N ASP D 60 -7.01 -23.34 -13.45
CA ASP D 60 -8.18 -23.53 -12.58
C ASP D 60 -8.76 -22.20 -12.10
N ALA D 61 -8.50 -21.14 -12.85
CA ALA D 61 -9.17 -19.87 -12.60
C ALA D 61 -10.62 -19.98 -13.03
N ASP D 62 -11.54 -19.69 -12.13
CA ASP D 62 -12.94 -19.63 -12.47
C ASP D 62 -13.30 -18.30 -13.17
N ILE D 63 -12.67 -17.26 -12.69
CA ILE D 63 -12.95 -15.88 -13.12
C ILE D 63 -11.63 -15.19 -13.37
N ILE D 64 -11.53 -14.41 -14.46
CA ILE D 64 -10.36 -13.57 -14.69
C ILE D 64 -10.83 -12.12 -14.85
N ILE D 65 -10.20 -11.22 -14.11
CA ILE D 65 -10.50 -9.79 -14.14
C ILE D 65 -9.32 -9.06 -14.74
N THR D 66 -9.61 -8.18 -15.69
CA THR D 66 -8.60 -7.54 -16.50
C THR D 66 -8.84 -6.03 -16.50
N THR D 67 -7.86 -5.28 -16.98
CA THR D 67 -7.99 -3.83 -17.15
C THR D 67 -7.29 -3.37 -18.43
N PRO D 68 -7.87 -2.41 -19.16
CA PRO D 68 -7.20 -1.99 -20.39
C PRO D 68 -5.89 -1.23 -20.14
N PHE D 69 -5.64 -0.81 -18.90
CA PHE D 69 -4.43 -0.07 -18.58
C PHE D 69 -3.24 -0.97 -18.19
N HIS D 70 -3.47 -2.27 -18.24
CA HIS D 70 -2.43 -3.30 -18.09
C HIS D 70 -3.02 -4.63 -18.57
N PRO D 71 -3.29 -4.75 -19.88
CA PRO D 71 -4.22 -5.85 -20.24
C PRO D 71 -3.59 -7.24 -20.29
N ALA D 72 -4.23 -8.16 -19.59
CA ALA D 72 -3.92 -9.58 -19.74
C ALA D 72 -4.50 -10.07 -21.05
N TYR D 73 -3.64 -10.57 -21.94
CA TYR D 73 -4.13 -11.02 -23.25
C TYR D 73 -4.74 -12.41 -23.10
N ILE D 74 -6.07 -12.45 -23.22
CA ILE D 74 -6.85 -13.66 -23.05
C ILE D 74 -7.01 -14.24 -24.45
N THR D 75 -5.95 -14.92 -24.86
CA THR D 75 -5.82 -15.51 -26.18
C THR D 75 -6.51 -16.86 -26.33
N LYS D 76 -6.61 -17.34 -27.57
CA LYS D 76 -7.11 -18.69 -27.84
C LYS D 76 -6.36 -19.73 -26.99
N GLU D 77 -5.04 -19.61 -27.01
CA GLU D 77 -4.15 -20.52 -26.29
C GLU D 77 -4.43 -20.56 -24.79
N ARG D 78 -4.55 -19.39 -24.19
CA ARG D 78 -4.91 -19.33 -22.78
C ARG D 78 -6.34 -19.82 -22.52
N ILE D 79 -7.29 -19.46 -23.40
CA ILE D 79 -8.66 -19.91 -23.20
C ILE D 79 -8.75 -21.45 -23.22
N ASP D 80 -7.98 -22.06 -24.11
CA ASP D 80 -7.96 -23.52 -24.21
C ASP D 80 -7.40 -24.16 -22.93
N LYS D 81 -6.44 -23.49 -22.29
CA LYS D 81 -5.87 -24.04 -21.05
C LYS D 81 -6.72 -23.75 -19.83
N ALA D 82 -7.65 -22.80 -19.95
CA ALA D 82 -8.46 -22.37 -18.82
C ALA D 82 -9.69 -23.25 -18.63
N LYS D 83 -9.45 -24.46 -18.14
CA LYS D 83 -10.50 -25.47 -18.08
C LYS D 83 -11.66 -25.12 -17.16
N LYS D 84 -11.50 -24.16 -16.26
CA LYS D 84 -12.61 -23.82 -15.36
C LYS D 84 -13.16 -22.39 -15.61
N LEU D 85 -12.63 -21.72 -16.62
CA LEU D 85 -13.01 -20.33 -16.88
C LEU D 85 -14.50 -20.17 -17.27
N LYS D 86 -15.22 -19.41 -16.47
CA LYS D 86 -16.64 -19.15 -16.64
C LYS D 86 -16.92 -17.68 -16.98
N LEU D 87 -16.05 -16.79 -16.52
CA LEU D 87 -16.28 -15.35 -16.63
C LEU D 87 -15.01 -14.54 -16.77
N VAL D 88 -14.98 -13.65 -17.77
CA VAL D 88 -13.91 -12.67 -17.91
C VAL D 88 -14.50 -11.29 -17.76
N VAL D 89 -13.88 -10.49 -16.90
CA VAL D 89 -14.37 -9.13 -16.63
C VAL D 89 -13.32 -8.15 -17.08
N VAL D 90 -13.80 -7.04 -17.63
CA VAL D 90 -13.02 -5.86 -17.82
C VAL D 90 -13.44 -4.82 -16.77
N ALA D 91 -12.53 -4.55 -15.85
CA ALA D 91 -12.71 -3.51 -14.88
C ALA D 91 -12.37 -2.18 -15.54
N GLY D 92 -13.30 -1.71 -16.36
CA GLY D 92 -13.06 -0.62 -17.25
C GLY D 92 -13.82 -0.92 -18.53
N VAL D 93 -13.41 -0.30 -19.62
CA VAL D 93 -14.09 -0.46 -20.89
C VAL D 93 -13.06 -0.67 -21.96
N GLY D 94 -13.25 -1.73 -22.74
CA GLY D 94 -12.36 -2.07 -23.84
C GLY D 94 -11.96 -3.53 -23.74
N SER D 95 -12.17 -4.28 -24.82
CA SER D 95 -12.06 -5.73 -24.79
C SER D 95 -11.12 -6.27 -25.89
N ASP D 96 -10.31 -5.38 -26.44
CA ASP D 96 -9.42 -5.71 -27.56
C ASP D 96 -8.46 -6.87 -27.17
N HIS D 97 -8.20 -7.00 -25.87
CA HIS D 97 -7.22 -7.97 -25.37
C HIS D 97 -7.82 -9.35 -25.15
N ILE D 98 -9.12 -9.51 -25.42
CA ILE D 98 -9.84 -10.76 -25.22
C ILE D 98 -10.28 -11.30 -26.60
N ASP D 99 -10.08 -12.58 -26.85
CA ASP D 99 -10.45 -13.16 -28.14
C ASP D 99 -11.91 -13.59 -28.13
N LEU D 100 -12.77 -12.57 -28.25
CA LEU D 100 -14.21 -12.73 -28.33
C LEU D 100 -14.59 -13.61 -29.52
N ASP D 101 -13.88 -13.41 -30.65
CA ASP D 101 -14.23 -14.15 -31.89
C ASP D 101 -14.12 -15.62 -31.63
N TYR D 102 -13.05 -16.01 -30.95
CA TYR D 102 -12.82 -17.45 -30.71
C TYR D 102 -13.85 -18.02 -29.74
N ILE D 103 -14.12 -17.27 -28.68
CA ILE D 103 -15.13 -17.70 -27.72
C ILE D 103 -16.47 -17.91 -28.41
N ASN D 104 -16.86 -16.93 -29.21
CA ASN D 104 -18.19 -16.96 -29.80
C ASN D 104 -18.31 -18.04 -30.87
N GLN D 105 -17.25 -18.19 -31.64
CA GLN D 105 -17.30 -19.11 -32.79
C GLN D 105 -17.20 -20.55 -32.35
N THR D 106 -16.43 -20.82 -31.29
CA THR D 106 -16.37 -22.16 -30.76
C THR D 106 -17.67 -22.51 -30.06
N GLY D 107 -18.26 -21.51 -29.40
CA GLY D 107 -19.40 -21.71 -28.52
C GLY D 107 -19.07 -22.07 -27.06
N LYS D 108 -17.84 -21.81 -26.64
CA LYS D 108 -17.48 -21.99 -25.23
C LYS D 108 -18.40 -21.15 -24.34
N LYS D 109 -18.83 -21.71 -23.20
CA LYS D 109 -19.76 -21.03 -22.30
C LYS D 109 -19.01 -20.14 -21.32
N ILE D 110 -18.44 -19.10 -21.89
CA ILE D 110 -17.68 -18.09 -21.13
C ILE D 110 -18.36 -16.74 -21.32
N SER D 111 -18.82 -16.14 -20.23
CA SER D 111 -19.32 -14.79 -20.26
C SER D 111 -18.21 -13.76 -20.22
N VAL D 112 -18.37 -12.67 -20.96
CA VAL D 112 -17.43 -11.55 -20.93
C VAL D 112 -18.21 -10.26 -20.69
N LEU D 113 -17.82 -9.52 -19.65
CA LEU D 113 -18.53 -8.32 -19.28
C LEU D 113 -17.58 -7.17 -19.04
N GLU D 114 -18.04 -5.96 -19.31
CA GLU D 114 -17.26 -4.77 -18.97
C GLU D 114 -18.18 -3.75 -18.30
N VAL D 115 -17.61 -2.69 -17.72
CA VAL D 115 -18.40 -1.72 -16.97
C VAL D 115 -18.75 -0.56 -17.90
N THR D 116 -19.75 -0.79 -18.73
CA THR D 116 -20.04 0.12 -19.82
C THR D 116 -20.44 1.50 -19.31
N GLY D 117 -19.92 2.53 -19.96
CA GLY D 117 -20.26 3.90 -19.62
C GLY D 117 -19.33 4.53 -18.61
N SER D 118 -18.48 3.74 -17.95
CA SER D 118 -17.69 4.26 -16.84
C SER D 118 -16.44 5.06 -17.25
N ASN D 119 -16.06 4.97 -18.53
CA ASN D 119 -14.92 5.66 -19.10
C ASN D 119 -15.24 6.95 -19.86
N VAL D 120 -16.48 7.04 -20.28
CA VAL D 120 -16.86 7.93 -21.35
CA VAL D 120 -16.85 7.94 -21.37
C VAL D 120 -16.66 9.42 -21.03
N VAL D 121 -17.09 9.84 -19.86
CA VAL D 121 -16.98 11.25 -19.50
C VAL D 121 -15.50 11.60 -19.36
N SER D 122 -14.74 10.69 -18.75
CA SER D 122 -13.32 10.94 -18.51
C SER D 122 -12.57 11.17 -19.83
N VAL D 123 -12.82 10.33 -20.84
CA VAL D 123 -12.11 10.47 -22.10
C VAL D 123 -12.58 11.74 -22.82
N ALA D 124 -13.87 11.99 -22.78
CA ALA D 124 -14.41 13.19 -23.41
C ALA D 124 -13.80 14.47 -22.81
N GLU D 125 -13.61 14.49 -21.50
CA GLU D 125 -12.94 15.65 -20.89
C GLU D 125 -11.52 15.78 -21.36
N HIS D 126 -10.85 14.63 -21.50
CA HIS D 126 -9.48 14.64 -21.94
C HIS D 126 -9.37 15.21 -23.35
N VAL D 127 -10.35 14.90 -24.21
CA VAL D 127 -10.38 15.47 -25.54
C VAL D 127 -10.52 16.99 -25.50
N LEU D 128 -11.49 17.48 -24.73
CA LEU D 128 -11.70 18.92 -24.61
C LEU D 128 -10.42 19.62 -24.09
N MET D 129 -9.78 19.01 -23.09
CA MET D 129 -8.57 19.55 -22.50
C MET D 129 -7.48 19.66 -23.56
N THR D 130 -7.30 18.57 -24.30
CA THR D 130 -6.23 18.50 -25.31
C THR D 130 -6.47 19.51 -26.44
N MET D 131 -7.73 19.64 -26.87
CA MET D 131 -8.07 20.66 -27.84
C MET D 131 -7.67 22.05 -27.37
N LEU D 132 -8.07 22.42 -26.15
CA LEU D 132 -7.71 23.75 -25.64
C LEU D 132 -6.21 23.95 -25.51
N VAL D 133 -5.52 22.95 -24.97
CA VAL D 133 -4.09 23.03 -24.82
C VAL D 133 -3.37 23.29 -26.15
N LEU D 134 -3.78 22.58 -27.21
CA LEU D 134 -3.14 22.74 -28.52
C LEU D 134 -3.53 24.06 -29.17
N VAL D 135 -4.82 24.34 -29.24
CA VAL D 135 -5.31 25.55 -29.91
C VAL D 135 -4.72 26.80 -29.26
N ARG D 136 -4.64 26.78 -27.93
CA ARG D 136 -4.23 27.97 -27.17
C ARG D 136 -2.72 27.98 -26.88
N ASN D 137 -2.04 26.96 -27.38
CA ASN D 137 -0.57 26.90 -27.31
C ASN D 137 -0.03 26.91 -25.90
N PHE D 138 -0.72 26.20 -25.00
CA PHE D 138 -0.35 26.12 -23.57
C PHE D 138 1.02 25.49 -23.28
N VAL D 139 1.40 24.43 -23.96
CA VAL D 139 2.58 23.72 -23.55
C VAL D 139 3.85 24.61 -23.60
N PRO D 140 4.14 25.31 -24.72
CA PRO D 140 5.33 26.18 -24.71
C PRO D 140 5.19 27.35 -23.73
N ALA D 141 3.94 27.74 -23.45
CA ALA D 141 3.72 28.83 -22.52
C ALA D 141 4.08 28.39 -21.11
N HIS D 142 3.62 27.22 -20.67
CA HIS D 142 4.00 26.73 -19.35
C HIS D 142 5.52 26.48 -19.30
N GLU D 143 6.10 26.03 -20.40
CA GLU D 143 7.53 25.77 -20.42
C GLU D 143 8.34 27.05 -20.22
N GLN D 144 7.88 28.16 -20.82
CA GLN D 144 8.54 29.46 -20.56
C GLN D 144 8.64 29.74 -19.08
N ILE D 145 7.53 29.53 -18.36
CA ILE D 145 7.50 29.89 -16.96
C ILE D 145 8.46 29.04 -16.15
N ILE D 146 8.44 27.73 -16.36
CA ILE D 146 9.27 26.89 -15.51
C ILE D 146 10.75 26.99 -15.93
N ASN D 147 11.01 27.45 -17.15
CA ASN D 147 12.39 27.69 -17.62
C ASN D 147 12.90 29.09 -17.31
N HIS D 148 12.07 29.87 -16.62
CA HIS D 148 12.39 31.22 -16.16
C HIS D 148 12.50 32.24 -17.32
N ASP D 149 11.72 32.00 -18.37
CA ASP D 149 11.60 32.94 -19.48
C ASP D 149 10.31 33.76 -19.40
N TRP D 150 10.17 34.72 -20.32
CA TRP D 150 8.95 35.51 -20.48
C TRP D 150 9.01 36.23 -21.83
N GLU D 151 8.35 35.66 -22.83
CA GLU D 151 8.31 36.27 -24.14
C GLU D 151 6.97 36.03 -24.78
N VAL D 152 6.07 36.99 -24.64
CA VAL D 152 4.68 36.75 -24.99
C VAL D 152 4.50 36.46 -26.49
N ALA D 153 5.25 37.16 -27.33
CA ALA D 153 5.10 37.02 -28.77
C ALA D 153 5.41 35.62 -29.23
N ALA D 154 6.31 34.94 -28.50
CA ALA D 154 6.75 33.61 -28.91
C ALA D 154 5.63 32.57 -28.71
N ILE D 155 4.70 32.89 -27.81
CA ILE D 155 3.50 32.08 -27.56
C ILE D 155 2.32 32.51 -28.44
N ALA D 156 2.10 33.82 -28.48
CA ALA D 156 0.94 34.39 -29.15
C ALA D 156 0.93 34.11 -30.63
N LYS D 157 2.12 33.95 -31.22
CA LYS D 157 2.18 33.80 -32.68
C LYS D 157 1.51 32.52 -33.17
N ASP D 158 1.25 31.57 -32.27
CA ASP D 158 0.55 30.35 -32.67
C ASP D 158 -0.58 29.99 -31.70
N ALA D 159 -1.16 31.00 -31.06
CA ALA D 159 -2.25 30.82 -30.10
C ALA D 159 -3.55 31.35 -30.67
N TYR D 160 -4.57 30.51 -30.58
CA TYR D 160 -5.89 30.82 -31.10
C TYR D 160 -6.96 30.65 -30.02
N ASP D 161 -8.16 31.19 -30.24
CA ASP D 161 -9.30 30.77 -29.45
C ASP D 161 -9.96 29.54 -30.11
N ILE D 162 -10.64 28.70 -29.35
CA ILE D 162 -11.40 27.58 -29.93
C ILE D 162 -12.74 28.11 -30.49
N GLU D 163 -13.20 29.24 -29.95
CA GLU D 163 -14.34 29.94 -30.54
C GLU D 163 -14.12 30.16 -32.04
N GLY D 164 -15.16 29.93 -32.81
CA GLY D 164 -15.11 30.21 -34.21
C GLY D 164 -14.41 29.18 -35.08
N LYS D 165 -13.89 28.11 -34.49
CA LYS D 165 -13.28 27.03 -35.26
C LYS D 165 -14.33 25.98 -35.64
N THR D 166 -14.08 25.32 -36.75
CA THR D 166 -14.91 24.18 -37.16
C THR D 166 -14.27 22.92 -36.63
N ILE D 167 -15.06 22.16 -35.91
CA ILE D 167 -14.57 20.98 -35.20
C ILE D 167 -15.30 19.73 -35.67
N ALA D 168 -14.55 18.70 -35.99
CA ALA D 168 -15.09 17.46 -36.57
C ALA D 168 -14.70 16.26 -35.73
N THR D 169 -15.68 15.38 -35.49
CA THR D 169 -15.37 14.10 -34.87
C THR D 169 -15.57 12.95 -35.83
N ILE D 170 -14.61 12.02 -35.81
CA ILE D 170 -14.71 10.76 -36.55
C ILE D 170 -15.23 9.78 -35.55
N GLY D 171 -16.53 9.50 -35.69
CA GLY D 171 -17.26 8.65 -34.76
C GLY D 171 -18.08 9.52 -33.82
N ALA D 172 -19.33 9.15 -33.64
CA ALA D 172 -20.22 9.93 -32.80
C ALA D 172 -20.95 9.05 -31.81
N GLY D 173 -20.25 8.03 -31.31
CA GLY D 173 -20.75 7.21 -30.23
C GLY D 173 -20.72 7.92 -28.89
N ARG D 174 -20.63 7.11 -27.83
CA ARG D 174 -20.78 7.63 -26.48
C ARG D 174 -19.79 8.77 -26.20
N ILE D 175 -18.51 8.53 -26.48
CA ILE D 175 -17.47 9.52 -26.23
C ILE D 175 -17.57 10.72 -27.19
N GLY D 176 -17.70 10.43 -28.48
CA GLY D 176 -17.77 11.46 -29.50
C GLY D 176 -18.92 12.40 -29.29
N TYR D 177 -20.08 11.85 -28.93
CA TYR D 177 -21.23 12.68 -28.65
C TYR D 177 -20.99 13.55 -27.41
N ARG D 178 -20.39 12.99 -26.36
CA ARG D 178 -20.18 13.78 -25.16
C ARG D 178 -19.16 14.91 -25.37
N VAL D 179 -18.23 14.69 -26.30
CA VAL D 179 -17.29 15.75 -26.73
C VAL D 179 -18.06 16.89 -27.41
N LEU D 180 -18.94 16.55 -28.37
CA LEU D 180 -19.75 17.55 -29.02
C LEU D 180 -20.58 18.33 -27.99
N GLU D 181 -21.17 17.61 -27.03
CA GLU D 181 -22.00 18.29 -26.03
C GLU D 181 -21.17 19.33 -25.27
N ARG D 182 -19.94 18.98 -24.91
CA ARG D 182 -19.08 19.91 -24.15
C ARG D 182 -18.58 21.07 -24.99
N LEU D 183 -18.54 20.89 -26.30
CA LEU D 183 -18.08 21.94 -27.17
C LEU D 183 -19.13 23.02 -27.43
N VAL D 184 -20.41 22.68 -27.32
CA VAL D 184 -21.47 23.62 -27.69
C VAL D 184 -21.27 25.06 -27.11
N PRO D 185 -21.03 25.20 -25.79
CA PRO D 185 -20.99 26.57 -25.24
C PRO D 185 -19.68 27.32 -25.54
N PHE D 186 -18.76 26.67 -26.25
CA PHE D 186 -17.54 27.34 -26.67
C PHE D 186 -17.72 28.12 -27.97
N ASN D 187 -18.93 28.05 -28.54
CA ASN D 187 -19.27 28.79 -29.74
C ASN D 187 -18.35 28.45 -30.90
N PRO D 188 -18.21 27.14 -31.18
CA PRO D 188 -17.52 26.79 -32.42
C PRO D 188 -18.29 27.31 -33.63
N LYS D 189 -17.62 27.46 -34.76
CA LYS D 189 -18.31 27.87 -35.99
C LYS D 189 -19.31 26.79 -36.40
N GLU D 190 -18.87 25.53 -36.44
CA GLU D 190 -19.74 24.37 -36.68
C GLU D 190 -19.18 23.17 -35.95
N LEU D 191 -20.08 22.24 -35.64
CA LEU D 191 -19.69 20.90 -35.20
C LEU D 191 -20.11 19.88 -36.27
N LEU D 192 -19.15 19.10 -36.76
CA LEU D 192 -19.36 18.12 -37.81
C LEU D 192 -19.08 16.75 -37.31
N TYR D 193 -19.71 15.75 -37.92
CA TYR D 193 -19.33 14.38 -37.61
C TYR D 193 -19.42 13.49 -38.83
N TYR D 194 -18.56 12.47 -38.79
CA TYR D 194 -18.64 11.33 -39.67
C TYR D 194 -18.95 10.09 -38.84
N ASP D 195 -19.87 9.25 -39.30
CA ASP D 195 -20.04 7.96 -38.65
C ASP D 195 -20.70 7.03 -39.62
N TYR D 196 -20.68 5.76 -39.28
CA TYR D 196 -21.25 4.75 -40.17
C TYR D 196 -22.77 4.67 -40.16
N GLN D 197 -23.38 5.23 -39.13
CA GLN D 197 -24.82 5.45 -39.07
C GLN D 197 -25.05 6.83 -38.51
N ALA D 198 -26.23 7.38 -38.80
CA ALA D 198 -26.60 8.69 -38.36
C ALA D 198 -26.82 8.75 -36.87
N LEU D 199 -26.50 9.89 -36.27
CA LEU D 199 -27.13 10.23 -34.99
C LEU D 199 -28.62 10.41 -35.20
N PRO D 200 -29.44 10.01 -34.23
CA PRO D 200 -30.86 10.38 -34.32
C PRO D 200 -31.01 11.88 -34.43
N LYS D 201 -32.01 12.33 -35.18
CA LYS D 201 -32.24 13.76 -35.43
C LYS D 201 -32.21 14.64 -34.17
N ASP D 202 -32.87 14.18 -33.11
CA ASP D 202 -32.96 14.95 -31.87
C ASP D 202 -31.58 15.19 -31.24
N ALA D 203 -30.77 14.13 -31.24
CA ALA D 203 -29.42 14.19 -30.71
C ALA D 203 -28.57 15.10 -31.58
N GLU D 204 -28.71 14.96 -32.90
CA GLU D 204 -28.07 15.89 -33.83
C GLU D 204 -28.40 17.33 -33.48
N GLU D 205 -29.69 17.58 -33.31
CA GLU D 205 -30.14 18.96 -33.13
C GLU D 205 -29.70 19.51 -31.79
N LYS D 206 -29.60 18.66 -30.76
CA LYS D 206 -29.20 19.11 -29.41
C LYS D 206 -27.84 19.81 -29.43
N VAL D 207 -26.92 19.33 -30.27
CA VAL D 207 -25.56 19.89 -30.34
C VAL D 207 -25.29 20.61 -31.64
N GLY D 208 -26.31 20.76 -32.49
CA GLY D 208 -26.13 21.48 -33.72
C GLY D 208 -25.20 20.81 -34.71
N ALA D 209 -25.14 19.48 -34.69
CA ALA D 209 -24.16 18.79 -35.50
C ALA D 209 -24.66 18.63 -36.93
N ARG D 210 -23.71 18.67 -37.86
CA ARG D 210 -23.94 18.37 -39.25
C ARG D 210 -23.17 17.14 -39.67
N ARG D 211 -23.89 16.16 -40.22
CA ARG D 211 -23.25 14.95 -40.72
C ARG D 211 -22.56 15.20 -42.04
N VAL D 212 -21.35 14.67 -42.17
CA VAL D 212 -20.61 14.69 -43.42
C VAL D 212 -20.44 13.26 -43.93
N GLU D 213 -20.71 13.05 -45.21
CA GLU D 213 -20.88 11.67 -45.75
C GLU D 213 -19.63 10.80 -45.84
N ASN D 214 -18.46 11.42 -46.00
CA ASN D 214 -17.21 10.67 -46.05
C ASN D 214 -16.09 11.42 -45.33
N ILE D 215 -15.07 10.66 -44.91
CA ILE D 215 -14.02 11.18 -44.07
C ILE D 215 -13.14 12.23 -44.77
N GLU D 216 -12.92 12.07 -46.07
CA GLU D 216 -12.04 13.00 -46.77
C GLU D 216 -12.65 14.38 -46.76
N GLU D 217 -13.95 14.44 -47.00
CA GLU D 217 -14.65 15.72 -47.01
C GLU D 217 -14.79 16.31 -45.60
N LEU D 218 -14.95 15.42 -44.62
CA LEU D 218 -14.99 15.84 -43.23
C LEU D 218 -13.71 16.59 -42.85
N VAL D 219 -12.55 16.00 -43.08
CA VAL D 219 -11.32 16.59 -42.60
C VAL D 219 -10.95 17.80 -43.41
N ALA D 220 -11.39 17.86 -44.68
CA ALA D 220 -11.08 19.02 -45.49
C ALA D 220 -11.76 20.28 -44.94
N GLN D 221 -12.84 20.13 -44.18
CA GLN D 221 -13.64 21.26 -43.69
C GLN D 221 -13.22 21.74 -42.28
N ALA D 222 -12.40 20.94 -41.60
CA ALA D 222 -12.19 21.08 -40.16
C ALA D 222 -10.90 21.79 -39.77
N ASP D 223 -11.02 22.71 -38.82
CA ASP D 223 -9.85 23.26 -38.15
C ASP D 223 -9.30 22.26 -37.16
N ILE D 224 -10.21 21.57 -36.50
CA ILE D 224 -9.87 20.64 -35.42
C ILE D 224 -10.56 19.32 -35.72
N VAL D 225 -9.82 18.22 -35.62
CA VAL D 225 -10.34 16.87 -35.84
C VAL D 225 -10.04 16.04 -34.60
N THR D 226 -11.06 15.32 -34.12
CA THR D 226 -10.95 14.42 -33.01
C THR D 226 -11.44 13.02 -33.40
N ILE D 227 -10.69 12.01 -32.99
CA ILE D 227 -11.01 10.62 -33.32
C ILE D 227 -11.70 9.95 -32.14
N ASN D 228 -12.93 9.50 -32.38
CA ASN D 228 -13.71 8.86 -31.32
C ASN D 228 -14.45 7.66 -31.90
N ALA D 229 -13.67 6.75 -32.45
CA ALA D 229 -14.21 5.59 -33.12
C ALA D 229 -13.47 4.35 -32.68
N PRO D 230 -14.12 3.18 -32.77
CA PRO D 230 -13.37 1.96 -32.47
C PRO D 230 -12.33 1.64 -33.52
N LEU D 231 -11.39 0.78 -33.15
CA LEU D 231 -10.41 0.23 -34.07
C LEU D 231 -11.03 -0.98 -34.77
N HIS D 232 -11.17 -0.88 -36.08
CA HIS D 232 -11.60 -2.04 -36.90
C HIS D 232 -11.01 -1.86 -38.31
N ALA D 233 -11.40 -2.69 -39.27
CA ALA D 233 -10.81 -2.60 -40.60
C ALA D 233 -11.03 -1.24 -41.27
N GLY D 234 -12.07 -0.54 -40.86
CA GLY D 234 -12.39 0.77 -41.46
C GLY D 234 -11.47 1.85 -40.94
N THR D 235 -11.03 1.71 -39.68
CA THR D 235 -10.24 2.75 -39.03
C THR D 235 -8.75 2.41 -38.83
N LYS D 236 -8.36 1.16 -38.97
CA LYS D 236 -6.96 0.78 -38.87
C LYS D 236 -6.10 1.53 -39.91
N GLY D 237 -5.15 2.34 -39.43
CA GLY D 237 -4.27 3.10 -40.31
C GLY D 237 -4.99 4.16 -41.13
N LEU D 238 -6.15 4.58 -40.66
CA LEU D 238 -6.95 5.60 -41.33
C LEU D 238 -6.22 6.92 -41.50
N ILE D 239 -5.60 7.40 -40.41
CA ILE D 239 -4.83 8.63 -40.48
C ILE D 239 -3.43 8.35 -41.02
N ASN D 240 -3.35 8.36 -42.35
CA ASN D 240 -2.12 8.14 -43.09
C ASN D 240 -1.74 9.35 -43.91
N LYS D 241 -0.59 9.31 -44.58
CA LYS D 241 -0.09 10.47 -45.28
C LYS D 241 -1.04 10.96 -46.36
N GLU D 242 -1.74 10.02 -47.01
CA GLU D 242 -2.65 10.42 -48.07
CA GLU D 242 -2.67 10.38 -48.06
C GLU D 242 -3.84 11.18 -47.47
N LEU D 243 -4.44 10.67 -46.42
CA LEU D 243 -5.57 11.39 -45.83
C LEU D 243 -5.08 12.69 -45.18
N LEU D 244 -3.91 12.66 -44.54
CA LEU D 244 -3.39 13.88 -43.90
C LEU D 244 -3.23 15.00 -44.92
N SER D 245 -2.86 14.66 -46.17
CA SER D 245 -2.76 15.67 -47.23
C SER D 245 -4.10 16.34 -47.56
N LYS D 246 -5.21 15.73 -47.14
CA LYS D 246 -6.54 16.30 -47.35
C LYS D 246 -7.07 17.12 -46.14
N PHE D 247 -6.37 17.07 -45.02
CA PHE D 247 -6.70 17.96 -43.89
C PHE D 247 -6.49 19.41 -44.28
N LYS D 248 -7.18 20.33 -43.62
CA LYS D 248 -6.83 21.74 -43.73
C LYS D 248 -5.39 21.95 -43.32
N LYS D 249 -4.65 22.77 -44.06
CA LYS D 249 -3.28 23.09 -43.68
C LYS D 249 -3.30 23.69 -42.28
N GLY D 250 -2.45 23.19 -41.40
CA GLY D 250 -2.34 23.70 -40.04
C GLY D 250 -3.47 23.27 -39.12
N ALA D 251 -4.12 22.14 -39.42
CA ALA D 251 -5.19 21.59 -38.56
C ALA D 251 -4.64 21.08 -37.22
N TRP D 252 -5.51 21.01 -36.22
CA TRP D 252 -5.19 20.35 -34.95
C TRP D 252 -5.90 19.00 -34.89
N LEU D 253 -5.17 17.98 -34.47
CA LEU D 253 -5.71 16.61 -34.44
C LEU D 253 -5.57 15.97 -33.08
N VAL D 254 -6.67 15.43 -32.57
CA VAL D 254 -6.69 14.78 -31.26
C VAL D 254 -7.16 13.36 -31.40
N ASN D 255 -6.47 12.44 -30.72
CA ASN D 255 -6.84 11.04 -30.75
C ASN D 255 -6.68 10.39 -29.37
N THR D 256 -7.83 10.12 -28.73
CA THR D 256 -7.94 9.41 -27.46
C THR D 256 -8.62 8.03 -27.62
N ALA D 257 -8.68 7.58 -28.88
CA ALA D 257 -9.43 6.39 -29.26
C ALA D 257 -8.52 5.14 -29.23
N ARG D 258 -7.80 4.91 -30.32
CA ARG D 258 -6.80 3.83 -30.39
C ARG D 258 -5.61 4.35 -31.20
N GLY D 259 -4.38 4.09 -30.74
CA GLY D 259 -3.21 4.56 -31.45
C GLY D 259 -3.13 4.10 -32.92
N ALA D 260 -3.56 2.86 -33.16
CA ALA D 260 -3.36 2.23 -34.47
C ALA D 260 -4.31 2.79 -35.52
N ILE D 261 -5.22 3.66 -35.12
CA ILE D 261 -6.02 4.40 -36.12
C ILE D 261 -5.15 5.37 -36.90
N CYS D 262 -4.03 5.77 -36.29
CA CYS D 262 -3.00 6.54 -36.97
C CYS D 262 -1.82 5.70 -37.49
N VAL D 263 -1.23 6.15 -38.59
CA VAL D 263 0.13 5.72 -38.95
C VAL D 263 1.08 6.68 -38.28
N ALA D 264 1.82 6.19 -37.27
CA ALA D 264 2.57 7.08 -36.36
C ALA D 264 3.56 7.98 -37.09
N GLU D 265 4.33 7.42 -38.01
CA GLU D 265 5.30 8.22 -38.73
C GLU D 265 4.70 9.27 -39.64
N ASP D 266 3.54 8.97 -40.21
CA ASP D 266 2.83 9.92 -41.07
C ASP D 266 2.32 11.13 -40.26
N VAL D 267 1.80 10.88 -39.06
CA VAL D 267 1.34 11.95 -38.20
C VAL D 267 2.54 12.82 -37.81
N ALA D 268 3.66 12.21 -37.44
CA ALA D 268 4.87 12.98 -37.12
C ALA D 268 5.36 13.82 -38.31
N ALA D 269 5.38 13.24 -39.51
CA ALA D 269 5.83 13.99 -40.68
C ALA D 269 4.91 15.16 -40.95
N ALA D 270 3.61 14.99 -40.70
CA ALA D 270 2.61 16.04 -40.95
C ALA D 270 2.76 17.20 -39.97
N LEU D 271 3.10 16.86 -38.75
CA LEU D 271 3.31 17.90 -37.73
C LEU D 271 4.53 18.74 -38.12
N GLU D 272 5.59 18.08 -38.56
CA GLU D 272 6.81 18.80 -38.97
C GLU D 272 6.64 19.63 -40.23
N SER D 273 5.82 19.18 -41.17
CA SER D 273 5.64 19.84 -42.46
C SER D 273 4.70 21.06 -42.42
N GLY D 274 3.95 21.18 -41.33
CA GLY D 274 2.93 22.21 -41.22
C GLY D 274 1.53 21.77 -41.61
N GLN D 275 1.38 20.55 -42.15
CA GLN D 275 0.06 20.02 -42.43
C GLN D 275 -0.79 19.95 -41.14
N LEU D 276 -0.17 19.59 -40.03
CA LEU D 276 -0.81 19.76 -38.70
C LEU D 276 -0.06 20.85 -37.94
N ARG D 277 -0.81 21.68 -37.24
CA ARG D 277 -0.24 22.60 -36.26
C ARG D 277 0.00 21.93 -34.91
N GLY D 278 -0.77 20.90 -34.62
CA GLY D 278 -0.60 20.16 -33.39
C GLY D 278 -1.28 18.82 -33.40
N TYR D 279 -0.83 17.94 -32.51
CA TYR D 279 -1.36 16.61 -32.33
C TYR D 279 -1.31 16.31 -30.84
N GLY D 280 -2.34 15.67 -30.31
CA GLY D 280 -2.28 15.18 -28.94
C GLY D 280 -3.33 14.13 -28.65
N GLY D 281 -3.27 13.63 -27.41
CA GLY D 281 -4.10 12.56 -26.94
C GLY D 281 -3.27 11.62 -26.12
N ASP D 282 -3.83 10.49 -25.73
CA ASP D 282 -3.19 9.58 -24.77
C ASP D 282 -3.08 8.17 -25.26
N VAL D 283 -3.34 7.92 -26.55
CA VAL D 283 -3.27 6.56 -27.05
C VAL D 283 -2.14 6.40 -28.05
N TRP D 284 -1.56 5.21 -27.98
CA TRP D 284 -0.31 4.90 -28.67
C TRP D 284 -0.37 3.49 -29.30
N PHE D 285 0.42 3.29 -30.35
CA PHE D 285 0.72 1.97 -30.84
C PHE D 285 2.18 1.90 -31.26
N PRO D 286 2.94 0.94 -30.73
CA PRO D 286 2.68 0.03 -29.60
C PRO D 286 2.34 0.79 -28.33
N GLN D 287 1.81 0.08 -27.35
CA GLN D 287 1.46 0.67 -26.06
C GLN D 287 1.76 -0.37 -25.00
N PRO D 288 2.53 -0.01 -23.95
CA PRO D 288 3.15 1.29 -23.67
C PRO D 288 4.10 1.74 -24.78
N ALA D 289 4.23 3.05 -24.94
CA ALA D 289 5.07 3.63 -25.96
C ALA D 289 6.55 3.36 -25.68
N PRO D 290 7.27 2.78 -26.67
CA PRO D 290 8.72 2.67 -26.47
C PRO D 290 9.36 4.03 -26.35
N LYS D 291 10.56 4.11 -25.75
CA LYS D 291 11.24 5.38 -25.62
C LYS D 291 11.51 6.05 -26.96
N ASP D 292 11.69 5.30 -28.05
CA ASP D 292 11.92 6.02 -29.31
C ASP D 292 10.68 6.16 -30.17
N HIS D 293 9.51 5.95 -29.59
CA HIS D 293 8.27 6.20 -30.35
C HIS D 293 8.32 7.66 -30.88
N PRO D 294 8.06 7.83 -32.20
CA PRO D 294 8.20 9.16 -32.80
C PRO D 294 7.29 10.24 -32.19
N TRP D 295 6.21 9.86 -31.53
CA TRP D 295 5.27 10.86 -31.03
C TRP D 295 5.78 11.50 -29.73
N ARG D 296 6.77 10.91 -29.09
CA ARG D 296 7.40 11.60 -27.95
C ARG D 296 8.16 12.88 -28.31
N ASP D 297 8.98 12.84 -29.36
CA ASP D 297 9.88 13.92 -29.69
C ASP D 297 9.38 14.84 -30.81
N MET D 298 8.33 14.42 -31.54
CA MET D 298 7.87 15.23 -32.64
C MET D 298 7.40 16.62 -32.15
N ARG D 299 7.65 17.62 -32.97
CA ARG D 299 7.22 18.99 -32.73
C ARG D 299 6.90 19.66 -34.05
N ASN D 300 6.11 20.73 -34.00
CA ASN D 300 5.92 21.60 -35.17
C ASN D 300 7.13 22.53 -35.39
N LYS D 301 7.05 23.39 -36.41
CA LYS D 301 8.14 24.33 -36.79
C LYS D 301 8.56 25.22 -35.65
N TYR D 302 7.66 25.44 -34.71
CA TYR D 302 7.94 26.33 -33.60
C TYR D 302 8.38 25.59 -32.34
N GLY D 303 8.52 24.26 -32.41
CA GLY D 303 8.99 23.49 -31.27
C GLY D 303 7.88 23.13 -30.31
N ALA D 304 6.64 23.24 -30.77
CA ALA D 304 5.48 22.91 -29.95
C ALA D 304 4.51 22.02 -30.72
N GLY D 305 3.21 22.18 -30.48
CA GLY D 305 2.23 21.33 -31.13
C GLY D 305 2.19 19.87 -30.71
N ASN D 306 2.69 19.58 -29.53
CA ASN D 306 2.65 18.23 -28.98
C ASN D 306 1.98 18.21 -27.61
N ALA D 307 0.81 17.58 -27.54
CA ALA D 307 0.08 17.47 -26.28
C ALA D 307 -0.16 16.01 -25.94
N MET D 308 0.86 15.19 -26.16
CA MET D 308 0.78 13.77 -25.86
C MET D 308 0.89 13.51 -24.35
N THR D 309 0.15 12.52 -23.89
CA THR D 309 0.31 12.01 -22.53
C THR D 309 0.37 10.50 -22.62
N PRO D 310 0.79 9.81 -21.53
CA PRO D 310 0.59 8.36 -21.52
C PRO D 310 -0.89 8.03 -21.47
N HIS D 311 -1.21 6.76 -21.68
CA HIS D 311 -2.60 6.32 -21.68
C HIS D 311 -3.19 6.27 -20.27
N TYR D 312 -3.95 7.29 -19.90
CA TYR D 312 -4.50 7.38 -18.54
C TYR D 312 -5.88 8.06 -18.44
N SER D 313 -6.39 8.64 -19.53
CA SER D 313 -7.62 9.44 -19.42
C SER D 313 -8.76 8.67 -18.77
N GLY D 314 -8.89 7.38 -19.09
CA GLY D 314 -9.95 6.57 -18.49
C GLY D 314 -9.61 5.93 -17.15
N THR D 315 -8.51 6.35 -16.52
CA THR D 315 -8.16 5.78 -15.21
C THR D 315 -7.88 6.91 -14.19
N THR D 316 -8.57 8.04 -14.39
CA THR D 316 -8.72 9.05 -13.33
C THR D 316 -9.37 8.41 -12.10
N LEU D 317 -9.19 9.03 -10.94
CA LEU D 317 -9.73 8.47 -9.70
C LEU D 317 -11.28 8.30 -9.74
N ASP D 318 -11.97 9.17 -10.46
CA ASP D 318 -13.42 9.09 -10.51
C ASP D 318 -13.81 7.89 -11.39
N ALA D 319 -13.08 7.68 -12.49
CA ALA D 319 -13.33 6.49 -13.33
C ALA D 319 -13.02 5.20 -12.58
N GLN D 320 -11.93 5.18 -11.82
CA GLN D 320 -11.56 3.95 -11.10
C GLN D 320 -12.62 3.55 -10.09
N THR D 321 -13.21 4.56 -9.45
CA THR D 321 -14.29 4.30 -8.49
C THR D 321 -15.47 3.61 -9.20
N ARG D 322 -15.87 4.14 -10.34
CA ARG D 322 -16.92 3.50 -11.16
C ARG D 322 -16.55 2.07 -11.58
N TYR D 323 -15.31 1.85 -12.03
CA TYR D 323 -14.85 0.52 -12.45
C TYR D 323 -14.88 -0.48 -11.28
N ALA D 324 -14.43 0.00 -10.13
CA ALA D 324 -14.37 -0.89 -8.98
C ALA D 324 -15.78 -1.29 -8.54
N GLU D 325 -16.66 -0.31 -8.44
CA GLU D 325 -18.04 -0.58 -8.06
C GLU D 325 -18.72 -1.48 -9.07
N GLY D 326 -18.47 -1.23 -10.35
CA GLY D 326 -19.11 -2.00 -11.42
C GLY D 326 -18.64 -3.44 -11.47
N THR D 327 -17.37 -3.65 -11.14
CA THR D 327 -16.78 -4.97 -11.12
C THR D 327 -17.40 -5.78 -9.98
N LYS D 328 -17.57 -5.16 -8.82
CA LYS D 328 -18.21 -5.84 -7.68
C LYS D 328 -19.62 -6.26 -8.07
N ASN D 329 -20.36 -5.37 -8.72
CA ASN D 329 -21.72 -5.67 -9.10
C ASN D 329 -21.80 -6.85 -10.07
N ILE D 330 -20.92 -6.87 -11.07
CA ILE D 330 -20.83 -8.00 -12.00
C ILE D 330 -20.51 -9.34 -11.31
N LEU D 331 -19.52 -9.34 -10.42
CA LEU D 331 -19.17 -10.51 -9.65
C LEU D 331 -20.32 -11.02 -8.81
N GLU D 332 -20.99 -10.10 -8.10
CA GLU D 332 -22.16 -10.45 -7.30
C GLU D 332 -23.26 -11.11 -8.15
N SER D 333 -23.57 -10.52 -9.30
CA SER D 333 -24.53 -11.08 -10.21
C SER D 333 -24.15 -12.52 -10.58
N PHE D 334 -22.88 -12.76 -10.75
CA PHE D 334 -22.40 -14.09 -11.06
C PHE D 334 -22.46 -15.04 -9.86
N PHE D 335 -21.89 -14.61 -8.73
CA PHE D 335 -21.80 -15.47 -7.55
C PHE D 335 -23.17 -15.96 -7.08
N THR D 336 -24.13 -15.04 -7.04
CA THR D 336 -25.47 -15.36 -6.56
C THR D 336 -26.23 -16.31 -7.48
N GLY D 337 -25.74 -16.46 -8.70
CA GLY D 337 -26.44 -17.23 -9.71
C GLY D 337 -27.64 -16.51 -10.29
N LYS D 338 -27.82 -15.24 -9.93
CA LYS D 338 -28.92 -14.43 -10.48
C LYS D 338 -28.65 -13.99 -11.92
N PHE D 339 -27.38 -13.72 -12.21
CA PHE D 339 -26.93 -13.25 -13.53
C PHE D 339 -27.73 -12.05 -14.00
N ASP D 340 -28.13 -11.21 -13.04
CA ASP D 340 -28.85 -9.98 -13.30
C ASP D 340 -27.88 -8.85 -13.67
N TYR D 341 -27.03 -9.14 -14.65
CA TYR D 341 -26.09 -8.17 -15.18
C TYR D 341 -26.80 -6.96 -15.77
N ARG D 342 -26.15 -5.79 -15.73
CA ARG D 342 -26.64 -4.68 -16.51
C ARG D 342 -26.57 -5.07 -17.97
N PRO D 343 -27.69 -4.94 -18.71
CA PRO D 343 -27.67 -5.37 -20.11
C PRO D 343 -26.56 -4.72 -20.91
N GLN D 344 -26.25 -3.45 -20.64
CA GLN D 344 -25.20 -2.75 -21.41
C GLN D 344 -23.78 -3.32 -21.12
N ASP D 345 -23.63 -4.03 -20.01
CA ASP D 345 -22.30 -4.54 -19.59
C ASP D 345 -21.94 -5.84 -20.32
N ILE D 346 -22.94 -6.52 -20.86
CA ILE D 346 -22.70 -7.81 -21.46
C ILE D 346 -22.00 -7.68 -22.81
N ILE D 347 -20.86 -8.33 -22.95
CA ILE D 347 -20.22 -8.45 -24.25
C ILE D 347 -20.64 -9.80 -24.83
N LEU D 348 -20.34 -10.88 -24.12
CA LEU D 348 -20.85 -12.24 -24.41
C LEU D 348 -21.49 -12.78 -23.16
N LEU D 349 -22.63 -13.46 -23.34
CA LEU D 349 -23.25 -14.20 -22.25
C LEU D 349 -23.14 -15.68 -22.59
N ASN D 350 -22.37 -16.41 -21.79
CA ASN D 350 -22.08 -17.82 -22.08
C ASN D 350 -21.76 -18.06 -23.54
N GLY D 351 -20.91 -17.18 -24.06
CA GLY D 351 -20.32 -17.31 -25.39
C GLY D 351 -21.17 -16.68 -26.48
N GLU D 352 -22.37 -16.23 -26.13
CA GLU D 352 -23.32 -15.69 -27.13
C GLU D 352 -23.40 -14.16 -27.09
N TYR D 353 -23.48 -13.56 -28.27
CA TYR D 353 -23.89 -12.17 -28.38
C TYR D 353 -25.34 -12.08 -28.01
N ILE D 354 -25.72 -10.99 -27.36
CA ILE D 354 -27.10 -10.78 -26.92
C ILE D 354 -27.68 -9.47 -27.48
N THR D 355 -28.99 -9.46 -27.70
CA THR D 355 -29.67 -8.28 -28.20
C THR D 355 -29.50 -7.12 -27.25
N LYS D 356 -29.13 -5.97 -27.80
CA LYS D 356 -29.00 -4.75 -26.99
C LYS D 356 -30.14 -3.78 -27.27
S SO4 E . 13.54 -4.45 48.62
O1 SO4 E . 12.33 -4.48 47.80
O2 SO4 E . 14.00 -3.06 48.76
O3 SO4 E . 14.68 -5.14 48.01
O4 SO4 E . 13.26 -5.04 49.92
S SO4 F . 7.99 -2.37 33.76
O1 SO4 F . 8.90 -1.23 33.71
O2 SO4 F . 6.94 -2.11 32.78
O3 SO4 F . 7.44 -2.55 35.11
O4 SO4 F . 8.72 -3.60 33.46
S SO4 G . -4.63 -41.47 26.48
O1 SO4 G . -4.83 -40.03 26.41
O2 SO4 G . -4.71 -42.03 25.14
O3 SO4 G . -3.32 -41.78 27.07
O4 SO4 G . -5.70 -42.05 27.30
S SO4 H . -19.84 3.23 -28.22
O1 SO4 H . -19.09 4.43 -28.53
O2 SO4 H . -21.22 3.42 -28.69
O3 SO4 H . -19.87 2.95 -26.79
O4 SO4 H . -19.23 2.08 -28.87
S SO4 I . -27.84 5.63 -41.77
O1 SO4 I . -26.51 6.10 -42.20
O2 SO4 I . -28.87 6.37 -42.45
O3 SO4 I . -28.04 5.71 -40.33
O4 SO4 I . -27.85 4.21 -42.19
#